data_5LFI
#
_entry.id   5LFI
#
_entity_poly.entity_id   1
_entity_poly.type   'polypeptide(L)'
_entity_poly.pdbx_seq_one_letter_code
;MSGSHHHHHHSSGIEGRGRMKKKQIEFENELRSMLATALEKDISQEERNALNIAEKALDNSEYLPKIILNLRKALTPLAI
NRTLNHDLSELYKFITSSKASNKNLGGGLIMSWGRLF
;
_entity_poly.pdbx_strand_id   A
#
# COMPACT_ATOMS: atom_id res chain seq x y z
N MET A 1 -33.86 -6.69 6.76
CA MET A 1 -33.04 -7.93 6.83
C MET A 1 -31.65 -7.57 7.39
N SER A 2 -31.17 -8.37 8.37
CA SER A 2 -29.87 -8.14 9.04
C SER A 2 -28.87 -9.23 8.62
N GLY A 3 -28.31 -9.07 7.41
CA GLY A 3 -27.33 -10.01 6.87
C GLY A 3 -26.20 -9.28 6.16
N SER A 4 -26.39 -8.99 4.85
CA SER A 4 -25.35 -8.36 4.01
C SER A 4 -25.91 -7.16 3.23
N HIS A 5 -27.07 -6.60 3.66
CA HIS A 5 -27.73 -5.46 2.96
C HIS A 5 -26.89 -4.18 3.09
N HIS A 6 -26.15 -4.06 4.21
CA HIS A 6 -25.25 -2.91 4.44
C HIS A 6 -24.03 -2.99 3.52
N HIS A 7 -23.72 -4.21 3.03
CA HIS A 7 -22.65 -4.42 2.03
C HIS A 7 -23.18 -4.04 0.63
N HIS A 8 -23.06 -2.75 0.30
CA HIS A 8 -23.37 -2.19 -1.01
C HIS A 8 -22.63 -0.86 -1.14
N HIS A 9 -21.94 -0.64 -2.27
CA HIS A 9 -21.12 0.57 -2.53
C HIS A 9 -20.01 0.68 -1.46
N HIS A 10 -18.94 -0.10 -1.66
CA HIS A 10 -17.78 -0.12 -0.75
C HIS A 10 -17.03 1.21 -0.84
N SER A 11 -16.55 1.69 0.32
CA SER A 11 -15.75 2.93 0.41
C SER A 11 -14.43 2.78 -0.35
N SER A 12 -13.85 1.57 -0.24
CA SER A 12 -12.69 1.17 -1.04
C SER A 12 -13.17 0.86 -2.48
N GLY A 13 -13.12 1.89 -3.34
CA GLY A 13 -13.62 1.78 -4.72
C GLY A 13 -12.74 0.92 -5.61
N ILE A 14 -13.37 0.22 -6.58
CA ILE A 14 -12.67 -0.75 -7.48
C ILE A 14 -13.26 -0.63 -8.91
N GLU A 15 -12.41 -0.19 -9.87
CA GLU A 15 -12.76 0.02 -11.29
C GLU A 15 -11.48 -0.09 -12.15
N GLY A 16 -11.65 -0.03 -13.48
CA GLY A 16 -10.54 -0.07 -14.43
C GLY A 16 -10.62 1.01 -15.49
N ARG A 17 -11.07 2.21 -15.06
CA ARG A 17 -11.16 3.40 -15.93
C ARG A 17 -9.83 4.20 -15.91
N GLY A 18 -9.88 5.53 -16.19
CA GLY A 18 -8.69 6.36 -16.40
C GLY A 18 -8.01 6.86 -15.13
N ARG A 19 -7.66 5.93 -14.23
CA ARG A 19 -6.74 6.22 -13.11
C ARG A 19 -5.31 6.30 -13.66
N MET A 20 -4.94 5.27 -14.42
CA MET A 20 -3.76 5.25 -15.28
C MET A 20 -4.28 5.19 -16.72
N LYS A 21 -4.93 4.04 -17.02
CA LYS A 21 -5.59 3.73 -18.31
C LYS A 21 -6.15 2.29 -18.20
N LYS A 22 -5.38 1.44 -17.51
CA LYS A 22 -5.80 0.12 -17.03
C LYS A 22 -5.16 -0.09 -15.64
N LYS A 23 -5.27 -1.33 -15.09
CA LYS A 23 -4.63 -1.72 -13.80
C LYS A 23 -5.00 -3.18 -13.42
N GLN A 24 -4.54 -3.57 -12.22
CA GLN A 24 -4.98 -4.77 -11.50
C GLN A 24 -6.13 -4.37 -10.56
N ILE A 25 -7.32 -4.95 -10.76
CA ILE A 25 -8.53 -4.59 -9.97
C ILE A 25 -8.55 -5.39 -8.66
N GLU A 26 -8.36 -6.72 -8.77
CA GLU A 26 -8.48 -7.65 -7.62
C GLU A 26 -7.38 -7.42 -6.57
N PHE A 27 -6.15 -7.16 -7.03
CA PHE A 27 -4.99 -7.00 -6.14
C PHE A 27 -5.00 -5.62 -5.49
N GLU A 28 -5.43 -4.59 -6.26
CA GLU A 28 -5.61 -3.25 -5.74
C GLU A 28 -6.73 -3.24 -4.69
N ASN A 29 -7.82 -4.00 -4.96
CA ASN A 29 -8.94 -4.16 -4.01
C ASN A 29 -8.44 -4.84 -2.73
N GLU A 30 -7.62 -5.88 -2.90
CA GLU A 30 -7.12 -6.71 -1.81
C GLU A 30 -6.24 -5.85 -0.89
N LEU A 31 -5.35 -5.06 -1.49
CA LEU A 31 -4.36 -4.22 -0.75
C LEU A 31 -5.05 -3.01 -0.09
N ARG A 32 -6.00 -2.37 -0.81
CA ARG A 32 -6.56 -1.08 -0.38
C ARG A 32 -7.61 -1.27 0.71
N SER A 33 -8.29 -2.44 0.69
CA SER A 33 -9.19 -2.88 1.76
C SER A 33 -8.40 -3.19 3.04
N MET A 34 -7.23 -3.83 2.87
CA MET A 34 -6.34 -4.19 4.00
C MET A 34 -5.78 -2.93 4.65
N LEU A 35 -5.47 -1.91 3.82
CA LEU A 35 -4.87 -0.66 4.30
C LEU A 35 -5.97 0.22 4.96
N ALA A 36 -7.22 0.10 4.46
CA ALA A 36 -8.39 0.76 5.07
C ALA A 36 -8.68 0.17 6.46
N THR A 37 -8.54 -1.17 6.59
CA THR A 37 -8.64 -1.89 7.86
C THR A 37 -7.50 -1.45 8.80
N ALA A 38 -6.32 -1.24 8.20
CA ALA A 38 -5.09 -0.84 8.92
C ALA A 38 -5.19 0.59 9.49
N LEU A 39 -6.02 1.46 8.85
CA LEU A 39 -6.34 2.79 9.41
C LEU A 39 -7.30 2.62 10.60
N GLU A 40 -8.26 1.70 10.47
CA GLU A 40 -9.25 1.41 11.54
C GLU A 40 -8.59 0.67 12.72
N LYS A 41 -7.39 0.11 12.48
CA LYS A 41 -6.52 -0.43 13.54
C LYS A 41 -5.80 0.73 14.27
N ASP A 42 -5.43 0.51 15.56
CA ASP A 42 -4.75 1.52 16.39
C ASP A 42 -3.31 1.71 15.89
N ILE A 43 -3.05 2.85 15.26
CA ILE A 43 -1.71 3.18 14.71
C ILE A 43 -1.25 4.54 15.31
N SER A 44 0.06 4.65 15.60
CA SER A 44 0.65 5.88 16.23
C SER A 44 0.92 6.94 15.14
N GLN A 45 1.36 8.16 15.57
CA GLN A 45 1.57 9.34 14.70
C GLN A 45 2.34 9.01 13.40
N GLU A 46 3.41 8.21 13.52
CA GLU A 46 4.36 7.97 12.42
C GLU A 46 3.78 6.97 11.41
N GLU A 47 3.09 5.94 11.93
CA GLU A 47 2.52 4.85 11.10
C GLU A 47 1.29 5.38 10.35
N ARG A 48 0.52 6.22 11.09
CA ARG A 48 -0.62 6.98 10.55
C ARG A 48 -0.15 7.91 9.43
N ASN A 49 1.00 8.57 9.67
CA ASN A 49 1.59 9.56 8.75
C ASN A 49 1.91 8.90 7.39
N ALA A 50 2.53 7.70 7.44
CA ALA A 50 2.89 6.92 6.25
C ALA A 50 1.65 6.49 5.45
N LEU A 51 0.61 6.01 6.17
CA LEU A 51 -0.62 5.48 5.52
C LEU A 51 -1.60 6.62 5.08
N ASN A 52 -1.45 7.83 5.66
CA ASN A 52 -2.21 9.03 5.20
C ASN A 52 -1.60 9.57 3.89
N ILE A 53 -0.24 9.59 3.87
CA ILE A 53 0.56 9.89 2.68
C ILE A 53 0.20 8.89 1.56
N ALA A 54 -0.06 7.62 1.99
CA ALA A 54 -0.47 6.55 1.09
C ALA A 54 -1.81 6.91 0.43
N GLU A 55 -2.86 7.28 1.23
CA GLU A 55 -4.21 7.64 0.65
C GLU A 55 -4.09 8.71 -0.42
N LYS A 56 -3.39 9.81 -0.08
CA LYS A 56 -3.33 11.00 -0.94
C LYS A 56 -2.60 10.70 -2.25
N ALA A 57 -1.55 9.87 -2.19
CA ALA A 57 -0.76 9.50 -3.39
C ALA A 57 -1.49 8.44 -4.25
N LEU A 58 -2.17 7.46 -3.59
CA LEU A 58 -2.98 6.41 -4.27
C LEU A 58 -4.00 7.08 -5.20
N ASP A 59 -4.77 8.00 -4.63
CA ASP A 59 -5.84 8.72 -5.33
C ASP A 59 -5.34 9.95 -6.11
N ASN A 60 -4.03 10.24 -6.03
CA ASN A 60 -3.36 11.22 -6.92
C ASN A 60 -2.65 10.48 -8.09
N SER A 61 -2.67 9.13 -8.04
CA SER A 61 -2.20 8.23 -9.13
C SER A 61 -0.66 8.20 -9.21
N GLU A 62 0.00 8.45 -8.06
CA GLU A 62 1.47 8.46 -7.94
C GLU A 62 2.06 7.04 -7.82
N TYR A 63 1.38 6.05 -8.44
CA TYR A 63 1.94 4.74 -8.87
C TYR A 63 2.01 3.68 -7.76
N LEU A 64 1.86 2.43 -8.20
CA LEU A 64 1.78 1.24 -7.31
C LEU A 64 3.23 0.87 -6.89
N PRO A 65 4.23 0.77 -7.84
CA PRO A 65 5.65 0.62 -7.47
C PRO A 65 6.13 1.71 -6.51
N LYS A 66 5.72 2.97 -6.76
CA LYS A 66 6.20 4.13 -5.99
C LYS A 66 5.70 4.05 -4.53
N ILE A 67 4.44 3.61 -4.35
CA ILE A 67 3.82 3.52 -3.00
C ILE A 67 4.21 2.22 -2.26
N ILE A 68 4.55 1.16 -3.00
CA ILE A 68 5.07 -0.09 -2.41
C ILE A 68 6.51 0.15 -1.91
N LEU A 69 7.28 0.92 -2.71
CA LEU A 69 8.57 1.47 -2.29
C LEU A 69 8.36 2.38 -1.07
N ASN A 70 7.33 3.24 -1.11
CA ASN A 70 7.05 4.23 -0.03
C ASN A 70 6.81 3.55 1.33
N LEU A 71 6.03 2.45 1.35
CA LEU A 71 5.73 1.73 2.61
C LEU A 71 6.94 0.88 3.02
N ARG A 72 7.69 0.33 2.04
CA ARG A 72 8.91 -0.45 2.35
C ARG A 72 10.08 0.52 2.75
N LYS A 73 10.00 1.80 2.36
CA LYS A 73 11.00 2.84 2.77
C LYS A 73 10.62 3.48 4.10
N ALA A 74 9.31 3.52 4.40
CA ALA A 74 8.81 4.16 5.64
C ALA A 74 8.71 3.15 6.80
N LEU A 75 8.41 1.87 6.53
CA LEU A 75 8.14 0.87 7.60
C LEU A 75 9.38 0.02 7.92
N THR A 76 10.27 -0.23 6.92
CA THR A 76 11.49 -1.04 7.15
C THR A 76 12.46 -0.40 8.20
N PRO A 77 12.85 0.94 8.13
CA PRO A 77 13.74 1.54 9.17
C PRO A 77 13.09 1.55 10.57
N LEU A 78 11.75 1.70 10.63
CA LEU A 78 11.00 1.67 11.91
C LEU A 78 10.96 0.24 12.48
N ALA A 79 10.96 -0.77 11.59
CA ALA A 79 11.05 -2.20 11.97
C ALA A 79 12.42 -2.49 12.59
N ILE A 80 13.48 -1.99 11.93
CA ILE A 80 14.88 -2.17 12.37
C ILE A 80 15.11 -1.44 13.72
N ASN A 81 14.44 -0.30 13.91
CA ASN A 81 14.50 0.48 15.16
C ASN A 81 13.50 -0.08 16.20
N ARG A 82 12.63 -1.02 15.76
CA ARG A 82 11.75 -1.83 16.65
C ARG A 82 10.70 -0.94 17.37
N THR A 83 9.89 -0.21 16.58
CA THR A 83 8.80 0.64 17.13
C THR A 83 7.53 0.58 16.25
N LEU A 84 7.53 -0.25 15.18
CA LEU A 84 6.32 -0.48 14.37
C LEU A 84 5.30 -1.26 15.21
N ASN A 85 4.03 -0.85 15.16
CA ASN A 85 2.95 -1.45 16.02
C ASN A 85 2.74 -2.94 15.65
N HIS A 86 3.09 -3.29 14.40
CA HIS A 86 3.26 -4.69 13.94
C HIS A 86 1.89 -5.42 13.78
N ASP A 87 0.78 -4.70 14.03
CA ASP A 87 -0.58 -5.31 13.98
C ASP A 87 -1.10 -5.42 12.52
N LEU A 88 -0.33 -4.87 11.55
CA LEU A 88 -0.52 -5.13 10.10
C LEU A 88 0.78 -5.68 9.52
N SER A 89 1.44 -6.56 10.30
CA SER A 89 2.65 -7.28 9.86
C SER A 89 2.40 -8.07 8.57
N GLU A 90 1.15 -8.56 8.39
CA GLU A 90 0.73 -9.30 7.20
C GLU A 90 0.75 -8.40 5.93
N LEU A 91 0.52 -7.07 6.11
CA LEU A 91 0.58 -6.09 5.00
C LEU A 91 2.04 -5.92 4.54
N TYR A 92 2.97 -5.94 5.51
CA TYR A 92 4.42 -5.85 5.28
C TYR A 92 4.92 -7.13 4.56
N LYS A 93 4.29 -8.29 4.92
CA LYS A 93 4.57 -9.60 4.29
C LYS A 93 3.92 -9.66 2.91
N PHE A 94 2.79 -8.95 2.76
CA PHE A 94 1.96 -8.94 1.55
C PHE A 94 2.73 -8.31 0.37
N ILE A 95 3.29 -7.10 0.58
CA ILE A 95 4.01 -6.36 -0.49
C ILE A 95 5.39 -7.01 -0.85
N THR A 96 5.78 -8.06 -0.09
CA THR A 96 7.01 -8.83 -0.34
C THR A 96 6.68 -10.27 -0.77
N SER A 97 5.43 -10.71 -0.56
CA SER A 97 5.03 -12.11 -0.74
C SER A 97 3.50 -12.23 -0.74
N SER A 98 2.93 -12.25 -1.94
CA SER A 98 1.48 -12.40 -2.19
C SER A 98 1.30 -12.50 -3.70
N LYS A 99 1.79 -11.46 -4.38
CA LYS A 99 1.83 -11.32 -5.83
C LYS A 99 2.92 -10.29 -6.12
N ALA A 100 2.81 -9.15 -5.42
CA ALA A 100 3.90 -8.17 -5.29
C ALA A 100 5.02 -8.81 -4.45
N SER A 101 6.28 -8.68 -4.91
CA SER A 101 7.42 -9.46 -4.37
C SER A 101 8.65 -8.58 -4.16
N ASN A 102 9.43 -8.92 -3.10
CA ASN A 102 10.78 -8.41 -2.77
C ASN A 102 11.01 -6.90 -3.04
N LYS A 103 11.40 -6.56 -4.28
CA LYS A 103 11.66 -5.17 -4.70
C LYS A 103 10.37 -4.34 -4.67
N ASN A 104 9.34 -4.86 -5.36
CA ASN A 104 8.02 -4.25 -5.46
C ASN A 104 7.07 -5.24 -6.14
N LEU A 105 7.40 -5.59 -7.40
CA LEU A 105 6.62 -6.51 -8.27
C LEU A 105 7.26 -6.59 -9.68
N GLY A 106 8.08 -5.58 -10.02
CA GLY A 106 8.73 -5.50 -11.34
C GLY A 106 10.25 -5.58 -11.28
N GLY A 107 10.84 -5.21 -10.13
CA GLY A 107 12.29 -5.16 -9.97
C GLY A 107 12.86 -3.79 -10.32
N GLY A 108 14.08 -3.77 -10.90
CA GLY A 108 14.72 -2.54 -11.34
C GLY A 108 15.55 -1.87 -10.26
N LEU A 109 16.56 -1.09 -10.66
CA LEU A 109 17.44 -0.36 -9.76
C LEU A 109 16.82 1.00 -9.39
N ILE A 110 16.47 1.16 -8.11
CA ILE A 110 15.83 2.39 -7.59
C ILE A 110 16.88 3.48 -7.29
N MET A 111 18.14 3.05 -7.04
CA MET A 111 19.28 3.94 -6.69
C MET A 111 19.10 4.56 -5.28
N SER A 112 20.23 4.96 -4.65
CA SER A 112 20.28 5.66 -3.34
C SER A 112 19.92 4.72 -2.16
N TRP A 113 18.62 4.37 -2.03
CA TRP A 113 18.12 3.57 -0.89
C TRP A 113 18.48 2.08 -1.08
N GLY A 114 19.68 1.70 -0.62
CA GLY A 114 20.17 0.33 -0.70
C GLY A 114 20.68 -0.17 0.64
N ARG A 115 19.94 0.17 1.72
CA ARG A 115 20.28 -0.23 3.09
C ARG A 115 20.03 -1.75 3.30
N LEU A 116 19.07 -2.28 2.54
CA LEU A 116 18.71 -3.70 2.52
C LEU A 116 18.58 -4.09 1.04
N PHE A 117 19.67 -4.63 0.47
CA PHE A 117 19.76 -4.94 -0.97
C PHE A 117 20.30 -6.38 -1.16
N MET A 1 -2.59 11.33 -29.59
CA MET A 1 -2.60 12.71 -30.12
C MET A 1 -3.01 12.69 -31.60
N SER A 2 -3.97 13.55 -31.98
CA SER A 2 -4.56 13.59 -33.33
C SER A 2 -5.27 14.95 -33.53
N GLY A 3 -5.22 15.49 -34.77
CA GLY A 3 -5.82 16.80 -35.10
C GLY A 3 -7.33 16.72 -35.30
N SER A 4 -8.04 16.48 -34.20
CA SER A 4 -9.50 16.26 -34.15
C SER A 4 -9.91 16.20 -32.66
N HIS A 5 -11.15 15.77 -32.36
CA HIS A 5 -11.58 15.48 -30.98
C HIS A 5 -10.72 14.35 -30.37
N HIS A 6 -10.43 14.46 -29.06
CA HIS A 6 -9.51 13.55 -28.33
C HIS A 6 -10.19 12.24 -27.87
N HIS A 7 -11.00 11.65 -28.76
CA HIS A 7 -11.74 10.40 -28.51
C HIS A 7 -11.61 9.48 -29.73
N HIS A 8 -10.54 8.68 -29.73
CA HIS A 8 -10.29 7.67 -30.77
C HIS A 8 -11.15 6.42 -30.47
N HIS A 9 -11.27 6.11 -29.18
CA HIS A 9 -12.18 5.06 -28.65
C HIS A 9 -13.47 5.72 -28.17
N HIS A 10 -14.63 5.11 -28.49
CA HIS A 10 -15.95 5.66 -28.13
C HIS A 10 -16.41 5.12 -26.76
N SER A 11 -15.53 5.28 -25.76
CA SER A 11 -15.76 4.90 -24.36
C SER A 11 -14.68 5.56 -23.49
N SER A 12 -14.15 6.69 -23.98
CA SER A 12 -13.06 7.45 -23.34
C SER A 12 -13.59 8.81 -22.86
N GLY A 13 -14.90 8.87 -22.51
CA GLY A 13 -15.51 10.08 -21.93
C GLY A 13 -15.18 10.23 -20.45
N ILE A 14 -13.87 10.26 -20.17
CA ILE A 14 -13.29 10.12 -18.83
C ILE A 14 -11.80 10.51 -18.90
N GLU A 15 -11.30 11.15 -17.83
CA GLU A 15 -9.91 11.65 -17.76
C GLU A 15 -8.96 10.54 -17.28
N GLY A 16 -9.08 10.17 -15.98
CA GLY A 16 -8.14 9.26 -15.33
C GLY A 16 -8.82 8.25 -14.43
N ARG A 17 -8.05 7.73 -13.44
CA ARG A 17 -8.49 6.70 -12.45
C ARG A 17 -8.70 5.32 -13.11
N GLY A 18 -8.65 4.26 -12.28
CA GLY A 18 -8.73 2.85 -12.75
C GLY A 18 -10.13 2.39 -13.17
N ARG A 19 -11.03 3.34 -13.49
CA ARG A 19 -12.40 3.05 -13.96
C ARG A 19 -12.40 2.54 -15.42
N MET A 20 -11.34 2.91 -16.16
CA MET A 20 -11.09 2.42 -17.55
C MET A 20 -10.42 1.03 -17.52
N LYS A 21 -10.01 0.59 -16.31
CA LYS A 21 -9.51 -0.78 -16.05
C LYS A 21 -8.20 -1.07 -16.80
N LYS A 22 -7.42 0.00 -17.09
CA LYS A 22 -6.07 -0.11 -17.71
C LYS A 22 -5.01 -0.48 -16.64
N LYS A 23 -5.47 -0.70 -15.42
CA LYS A 23 -4.64 -1.12 -14.29
C LYS A 23 -5.27 -2.36 -13.65
N GLN A 24 -4.46 -3.21 -13.01
CA GLN A 24 -4.95 -4.33 -12.20
C GLN A 24 -5.55 -3.80 -10.89
N ILE A 25 -6.83 -4.15 -10.64
CA ILE A 25 -7.61 -3.66 -9.50
C ILE A 25 -7.26 -4.50 -8.25
N GLU A 26 -7.04 -5.81 -8.47
CA GLU A 26 -6.91 -6.81 -7.39
C GLU A 26 -5.82 -6.45 -6.35
N PHE A 27 -4.62 -6.04 -6.85
CA PHE A 27 -3.47 -5.69 -5.99
C PHE A 27 -3.82 -4.50 -5.08
N GLU A 28 -4.47 -3.49 -5.71
CA GLU A 28 -4.87 -2.26 -5.04
C GLU A 28 -6.00 -2.54 -4.04
N ASN A 29 -6.88 -3.47 -4.43
CA ASN A 29 -8.06 -3.87 -3.64
C ASN A 29 -7.62 -4.53 -2.33
N GLU A 30 -6.59 -5.40 -2.44
CA GLU A 30 -6.09 -6.18 -1.29
C GLU A 30 -5.30 -5.26 -0.33
N LEU A 31 -4.41 -4.41 -0.89
CA LEU A 31 -3.60 -3.44 -0.08
C LEU A 31 -4.55 -2.48 0.66
N ARG A 32 -5.57 -2.00 -0.08
CA ARG A 32 -6.49 -0.97 0.40
C ARG A 32 -7.53 -1.56 1.38
N SER A 33 -7.74 -2.91 1.28
CA SER A 33 -8.65 -3.68 2.17
C SER A 33 -8.10 -3.75 3.61
N MET A 34 -6.83 -4.18 3.76
CA MET A 34 -6.18 -4.25 5.09
C MET A 34 -5.95 -2.83 5.64
N LEU A 35 -5.61 -1.87 4.73
CA LEU A 35 -5.38 -0.46 5.13
C LEU A 35 -6.71 0.16 5.65
N ALA A 36 -7.84 -0.24 5.03
CA ALA A 36 -9.18 0.20 5.44
C ALA A 36 -9.44 -0.11 6.93
N THR A 37 -9.20 -1.38 7.30
CA THR A 37 -9.34 -1.87 8.69
C THR A 37 -8.39 -1.10 9.62
N ALA A 38 -7.18 -0.83 9.13
CA ALA A 38 -6.13 -0.15 9.91
C ALA A 38 -6.53 1.32 10.25
N LEU A 39 -7.28 2.01 9.36
CA LEU A 39 -7.80 3.37 9.65
C LEU A 39 -9.04 3.31 10.57
N GLU A 40 -9.85 2.24 10.42
CA GLU A 40 -11.05 2.00 11.26
C GLU A 40 -10.66 1.73 12.73
N LYS A 41 -9.45 1.18 12.92
CA LYS A 41 -8.89 0.93 14.26
C LYS A 41 -7.88 2.04 14.63
N ASP A 42 -7.52 2.12 15.93
CA ASP A 42 -6.44 3.01 16.40
C ASP A 42 -5.09 2.43 15.97
N ILE A 43 -4.24 3.27 15.36
CA ILE A 43 -2.90 2.85 14.90
C ILE A 43 -1.83 3.89 15.32
N SER A 44 -0.56 3.49 15.16
CA SER A 44 0.60 4.23 15.69
C SER A 44 0.88 5.47 14.83
N GLN A 45 1.21 6.61 15.49
CA GLN A 45 1.37 7.95 14.84
C GLN A 45 2.17 7.91 13.50
N GLU A 46 3.25 7.10 13.46
CA GLU A 46 4.24 7.13 12.37
C GLU A 46 3.83 6.21 11.20
N GLU A 47 3.15 5.09 11.49
CA GLU A 47 2.68 4.14 10.46
C GLU A 47 1.31 4.62 9.94
N ARG A 48 0.56 5.33 10.81
CA ARG A 48 -0.63 6.09 10.42
C ARG A 48 -0.24 7.17 9.41
N ASN A 49 0.91 7.83 9.68
CA ASN A 49 1.53 8.81 8.79
C ASN A 49 1.87 8.15 7.43
N ALA A 50 2.56 6.98 7.47
CA ALA A 50 3.03 6.27 6.25
C ALA A 50 1.88 5.79 5.33
N LEU A 51 0.80 5.27 5.93
CA LEU A 51 -0.35 4.74 5.16
C LEU A 51 -1.22 5.90 4.64
N ASN A 52 -1.29 7.03 5.40
CA ASN A 52 -1.97 8.26 4.96
C ASN A 52 -1.23 8.86 3.75
N ILE A 53 0.12 8.81 3.80
CA ILE A 53 1.01 9.20 2.68
C ILE A 53 0.69 8.32 1.45
N ALA A 54 0.56 7.00 1.70
CA ALA A 54 0.32 5.98 0.66
C ALA A 54 -0.98 6.27 -0.13
N GLU A 55 -2.10 6.50 0.59
CA GLU A 55 -3.42 6.71 -0.08
C GLU A 55 -3.49 8.10 -0.75
N LYS A 56 -2.92 9.14 -0.08
CA LYS A 56 -2.87 10.51 -0.67
C LYS A 56 -2.00 10.50 -1.96
N ALA A 57 -1.08 9.53 -2.04
CA ALA A 57 -0.20 9.32 -3.18
C ALA A 57 -0.87 8.48 -4.29
N LEU A 58 -1.83 7.57 -3.91
CA LEU A 58 -2.69 6.87 -4.89
C LEU A 58 -3.56 7.91 -5.64
N ASP A 59 -4.04 8.92 -4.88
CA ASP A 59 -4.83 10.03 -5.44
C ASP A 59 -3.96 10.92 -6.34
N ASN A 60 -2.71 11.20 -5.91
CA ASN A 60 -1.74 11.98 -6.72
C ASN A 60 -1.20 11.11 -7.89
N SER A 61 -1.37 9.77 -7.80
CA SER A 61 -0.98 8.79 -8.84
C SER A 61 0.47 8.99 -9.35
N GLU A 62 1.46 8.85 -8.45
CA GLU A 62 2.90 8.96 -8.81
C GLU A 62 3.34 7.78 -9.74
N TYR A 63 3.33 6.54 -9.19
CA TYR A 63 3.74 5.28 -9.85
C TYR A 63 3.61 4.15 -8.80
N LEU A 64 3.58 2.91 -9.28
CA LEU A 64 3.37 1.72 -8.39
C LEU A 64 4.69 1.38 -7.64
N PRO A 65 5.87 1.26 -8.35
CA PRO A 65 7.18 1.13 -7.68
C PRO A 65 7.51 2.35 -6.79
N LYS A 66 6.89 3.53 -7.10
CA LYS A 66 7.22 4.80 -6.42
C LYS A 66 6.59 4.79 -5.02
N ILE A 67 5.34 4.32 -4.93
CA ILE A 67 4.60 4.26 -3.66
C ILE A 67 5.06 3.09 -2.80
N ILE A 68 5.31 1.92 -3.44
CA ILE A 68 5.71 0.69 -2.72
C ILE A 68 7.13 0.87 -2.11
N LEU A 69 8.02 1.51 -2.90
CA LEU A 69 9.37 1.88 -2.44
C LEU A 69 9.27 2.86 -1.24
N ASN A 70 8.40 3.88 -1.38
CA ASN A 70 8.27 4.95 -0.35
C ASN A 70 7.65 4.42 0.96
N LEU A 71 6.66 3.51 0.85
CA LEU A 71 5.90 2.99 2.01
C LEU A 71 6.85 2.04 2.78
N ARG A 72 7.55 1.20 2.01
CA ARG A 72 8.53 0.24 2.55
C ARG A 72 9.81 0.99 3.03
N LYS A 73 10.04 2.24 2.54
CA LYS A 73 11.15 3.10 3.00
C LYS A 73 10.75 3.79 4.31
N ALA A 74 9.45 4.02 4.49
CA ALA A 74 8.91 4.61 5.71
C ALA A 74 8.79 3.55 6.82
N LEU A 75 8.59 2.25 6.46
CA LEU A 75 8.39 1.18 7.47
C LEU A 75 9.64 0.32 7.78
N THR A 76 10.51 0.00 6.79
CA THR A 76 11.67 -0.91 7.03
C THR A 76 12.67 -0.41 8.13
N PRO A 77 13.12 0.90 8.14
CA PRO A 77 14.04 1.38 9.23
C PRO A 77 13.37 1.32 10.63
N LEU A 78 12.03 1.53 10.69
CA LEU A 78 11.27 1.48 11.98
C LEU A 78 11.08 0.03 12.45
N ALA A 79 11.02 -0.90 11.47
CA ALA A 79 10.94 -2.34 11.73
C ALA A 79 12.22 -2.82 12.40
N ILE A 80 13.36 -2.47 11.78
CA ILE A 80 14.73 -2.80 12.26
C ILE A 80 14.97 -2.15 13.65
N ASN A 81 14.47 -0.92 13.82
CA ASN A 81 14.61 -0.17 15.09
C ASN A 81 13.64 -0.73 16.16
N ARG A 82 12.61 -1.52 15.70
CA ARG A 82 11.65 -2.24 16.59
C ARG A 82 10.72 -1.27 17.36
N THR A 83 9.96 -0.43 16.62
CA THR A 83 8.96 0.48 17.26
C THR A 83 7.59 0.43 16.53
N LEU A 84 7.51 -0.32 15.43
CA LEU A 84 6.29 -0.40 14.59
C LEU A 84 5.25 -1.30 15.29
N ASN A 85 3.98 -0.83 15.37
CA ASN A 85 2.85 -1.54 16.09
C ASN A 85 2.77 -3.05 15.71
N HIS A 86 3.04 -3.36 14.43
CA HIS A 86 3.25 -4.75 13.89
C HIS A 86 1.92 -5.54 13.77
N ASP A 87 0.80 -4.88 14.13
CA ASP A 87 -0.54 -5.53 14.17
C ASP A 87 -1.09 -5.81 12.74
N LEU A 88 -0.46 -5.22 11.69
CA LEU A 88 -0.78 -5.49 10.27
C LEU A 88 0.51 -5.90 9.55
N SER A 89 1.30 -6.75 10.23
CA SER A 89 2.54 -7.34 9.69
C SER A 89 2.31 -8.09 8.37
N GLU A 90 1.06 -8.55 8.15
CA GLU A 90 0.66 -9.31 6.96
C GLU A 90 0.55 -8.38 5.71
N LEU A 91 0.44 -7.05 5.94
CA LEU A 91 0.47 -6.03 4.85
C LEU A 91 1.92 -5.80 4.37
N TYR A 92 2.85 -5.69 5.34
CA TYR A 92 4.29 -5.55 5.06
C TYR A 92 4.80 -6.86 4.38
N LYS A 93 4.20 -7.98 4.82
CA LYS A 93 4.43 -9.32 4.25
C LYS A 93 3.84 -9.41 2.82
N PHE A 94 2.65 -8.79 2.63
CA PHE A 94 1.93 -8.77 1.35
C PHE A 94 2.81 -8.19 0.24
N ILE A 95 3.34 -6.96 0.45
CA ILE A 95 4.10 -6.23 -0.62
C ILE A 95 5.48 -6.88 -0.94
N THR A 96 5.87 -7.95 -0.18
CA THR A 96 7.11 -8.72 -0.42
C THR A 96 6.82 -10.18 -0.82
N SER A 97 5.56 -10.61 -0.75
CA SER A 97 5.15 -12.00 -1.03
C SER A 97 4.11 -12.06 -2.18
N SER A 98 3.77 -10.89 -2.75
CA SER A 98 2.80 -10.78 -3.86
C SER A 98 3.50 -10.56 -5.21
N LYS A 99 4.85 -10.73 -5.23
CA LYS A 99 5.71 -10.49 -6.41
C LYS A 99 5.54 -9.02 -6.85
N ALA A 100 6.22 -8.14 -6.11
CA ALA A 100 5.97 -6.70 -6.15
C ALA A 100 7.28 -5.91 -6.00
N SER A 101 7.90 -6.03 -4.81
CA SER A 101 9.13 -5.30 -4.47
C SER A 101 10.35 -5.99 -5.12
N ASN A 102 10.59 -5.63 -6.41
CA ASN A 102 11.75 -6.07 -7.21
C ASN A 102 11.83 -7.63 -7.26
N LYS A 103 10.80 -8.22 -7.88
CA LYS A 103 10.64 -9.69 -7.98
C LYS A 103 9.65 -9.98 -9.13
N ASN A 104 9.81 -9.21 -10.24
CA ASN A 104 8.87 -9.17 -11.38
C ASN A 104 7.48 -8.72 -10.86
N LEU A 105 7.25 -7.40 -10.90
CA LEU A 105 6.07 -6.77 -10.29
C LEU A 105 4.79 -7.20 -11.07
N GLY A 106 4.22 -8.34 -10.63
CA GLY A 106 3.07 -8.97 -11.28
C GLY A 106 1.76 -8.24 -11.03
N GLY A 107 1.77 -7.27 -10.11
CA GLY A 107 0.65 -6.34 -9.92
C GLY A 107 0.75 -5.16 -10.89
N GLY A 108 1.09 -5.49 -12.15
CA GLY A 108 1.38 -4.52 -13.20
C GLY A 108 1.31 -5.18 -14.56
N LEU A 109 1.47 -4.37 -15.62
CA LEU A 109 1.36 -4.76 -17.04
C LEU A 109 -0.09 -5.11 -17.42
N ILE A 110 -0.51 -4.68 -18.61
CA ILE A 110 -1.83 -4.99 -19.18
C ILE A 110 -1.73 -4.98 -20.71
N MET A 111 -2.47 -5.89 -21.36
CA MET A 111 -2.49 -6.01 -22.83
C MET A 111 -3.61 -5.11 -23.43
N SER A 112 -3.89 -3.96 -22.76
CA SER A 112 -4.86 -2.97 -23.24
C SER A 112 -4.27 -1.56 -23.05
N TRP A 113 -3.79 -0.95 -24.15
CA TRP A 113 -3.24 0.43 -24.15
C TRP A 113 -4.39 1.47 -24.12
N GLY A 114 -5.59 1.03 -24.55
CA GLY A 114 -6.76 1.91 -24.70
C GLY A 114 -7.68 1.88 -23.49
N ARG A 115 -8.34 0.73 -23.24
CA ARG A 115 -9.31 0.55 -22.14
C ARG A 115 -9.81 -0.91 -22.12
N LEU A 116 -9.74 -1.58 -20.94
CA LEU A 116 -10.15 -3.00 -20.80
C LEU A 116 -11.70 -3.05 -20.70
N PHE A 117 -12.26 -2.77 -19.51
CA PHE A 117 -13.73 -2.68 -19.30
C PHE A 117 -14.14 -1.21 -19.36
N MET A 1 9.45 -22.69 -4.49
CA MET A 1 9.80 -22.13 -5.82
C MET A 1 9.42 -23.13 -6.91
N SER A 2 8.59 -22.68 -7.87
CA SER A 2 8.11 -23.51 -8.97
C SER A 2 8.20 -22.71 -10.29
N GLY A 3 9.37 -22.82 -10.96
CA GLY A 3 9.61 -22.19 -12.27
C GLY A 3 9.91 -20.70 -12.18
N SER A 4 10.18 -20.07 -13.34
CA SER A 4 10.54 -18.64 -13.44
C SER A 4 9.25 -17.82 -13.68
N HIS A 5 8.74 -17.20 -12.61
CA HIS A 5 7.49 -16.41 -12.62
C HIS A 5 7.70 -15.05 -13.30
N HIS A 6 6.80 -14.71 -14.23
CA HIS A 6 6.75 -13.42 -14.95
C HIS A 6 5.26 -13.10 -15.22
N HIS A 7 4.97 -12.29 -16.28
CA HIS A 7 3.59 -12.16 -16.78
C HIS A 7 3.24 -13.45 -17.56
N HIS A 8 2.82 -14.48 -16.80
CA HIS A 8 2.48 -15.82 -17.33
C HIS A 8 1.02 -15.84 -17.82
N HIS A 9 0.18 -15.07 -17.14
CA HIS A 9 -1.22 -14.90 -17.49
C HIS A 9 -1.33 -14.08 -18.78
N HIS A 10 -1.73 -14.71 -19.88
CA HIS A 10 -1.93 -14.01 -21.17
C HIS A 10 -3.27 -13.25 -21.15
N SER A 11 -3.25 -12.08 -20.50
CA SER A 11 -4.41 -11.17 -20.45
C SER A 11 -4.59 -10.50 -21.82
N SER A 12 -5.86 -10.33 -22.23
CA SER A 12 -6.23 -9.68 -23.51
C SER A 12 -5.77 -8.21 -23.50
N GLY A 13 -4.50 -8.00 -23.90
CA GLY A 13 -3.83 -6.72 -23.74
C GLY A 13 -3.55 -6.42 -22.26
N ILE A 14 -4.26 -5.41 -21.73
CA ILE A 14 -4.10 -4.90 -20.33
C ILE A 14 -2.78 -4.10 -20.19
N GLU A 15 -2.91 -2.82 -19.80
CA GLU A 15 -1.79 -1.92 -19.49
C GLU A 15 -2.34 -0.83 -18.57
N GLY A 16 -3.44 -0.22 -19.02
CA GLY A 16 -4.28 0.66 -18.19
C GLY A 16 -5.60 -0.01 -17.86
N ARG A 17 -6.65 0.39 -18.60
CA ARG A 17 -8.04 -0.07 -18.43
C ARG A 17 -8.58 0.38 -17.06
N GLY A 18 -8.90 1.67 -16.97
CA GLY A 18 -9.32 2.31 -15.73
C GLY A 18 -10.71 1.90 -15.27
N ARG A 19 -10.81 0.71 -14.69
CA ARG A 19 -12.06 0.15 -14.15
C ARG A 19 -12.44 0.93 -12.88
N MET A 20 -11.52 0.91 -11.90
CA MET A 20 -11.61 1.71 -10.66
C MET A 20 -10.46 2.73 -10.67
N LYS A 21 -9.26 2.20 -10.95
CA LYS A 21 -8.06 2.98 -11.30
C LYS A 21 -7.41 2.34 -12.54
N LYS A 22 -6.46 3.04 -13.17
CA LYS A 22 -5.81 2.60 -14.43
C LYS A 22 -4.63 1.64 -14.16
N LYS A 23 -3.79 2.00 -13.19
CA LYS A 23 -2.57 1.25 -12.86
C LYS A 23 -2.88 0.16 -11.81
N GLN A 24 -2.88 -1.12 -12.27
CA GLN A 24 -3.20 -2.30 -11.45
C GLN A 24 -4.62 -2.21 -10.85
N ILE A 25 -5.55 -3.01 -11.36
CA ILE A 25 -6.95 -2.94 -10.91
C ILE A 25 -7.11 -3.83 -9.66
N GLU A 26 -6.64 -5.08 -9.78
CA GLU A 26 -6.82 -6.11 -8.74
C GLU A 26 -5.94 -5.80 -7.52
N PHE A 27 -4.65 -5.50 -7.77
CA PHE A 27 -3.67 -5.23 -6.68
C PHE A 27 -4.03 -3.93 -5.93
N GLU A 28 -4.63 -2.97 -6.67
CA GLU A 28 -5.07 -1.69 -6.07
C GLU A 28 -6.26 -1.93 -5.13
N ASN A 29 -7.28 -2.68 -5.61
CA ASN A 29 -8.52 -2.93 -4.85
C ASN A 29 -8.22 -3.69 -3.54
N GLU A 30 -7.34 -4.71 -3.63
CA GLU A 30 -6.99 -5.54 -2.45
C GLU A 30 -6.08 -4.80 -1.47
N LEU A 31 -5.04 -4.12 -2.00
CA LEU A 31 -4.09 -3.34 -1.14
C LEU A 31 -4.88 -2.26 -0.37
N ARG A 32 -5.81 -1.60 -1.09
CA ARG A 32 -6.64 -0.52 -0.52
C ARG A 32 -7.66 -1.12 0.48
N SER A 33 -8.18 -2.34 0.20
CA SER A 33 -9.16 -3.02 1.08
C SER A 33 -8.53 -3.30 2.48
N MET A 34 -7.24 -3.69 2.47
CA MET A 34 -6.48 -4.00 3.70
C MET A 34 -6.03 -2.69 4.39
N LEU A 35 -5.62 -1.71 3.56
CA LEU A 35 -5.06 -0.42 4.06
C LEU A 35 -6.21 0.39 4.70
N ALA A 36 -7.43 0.25 4.13
CA ALA A 36 -8.64 0.93 4.61
C ALA A 36 -9.02 0.45 6.02
N THR A 37 -8.94 -0.89 6.23
CA THR A 37 -9.13 -1.51 7.55
C THR A 37 -8.12 -0.92 8.55
N ALA A 38 -6.86 -0.87 8.11
CA ALA A 38 -5.72 -0.39 8.91
C ALA A 38 -5.85 1.11 9.27
N LEU A 39 -6.54 1.90 8.44
CA LEU A 39 -6.85 3.33 8.74
C LEU A 39 -7.93 3.43 9.84
N GLU A 40 -8.91 2.50 9.78
CA GLU A 40 -9.99 2.44 10.78
C GLU A 40 -9.48 1.94 12.14
N LYS A 41 -8.42 1.12 12.10
CA LYS A 41 -7.77 0.57 13.29
C LYS A 41 -6.85 1.64 13.92
N ASP A 42 -6.82 1.68 15.28
CA ASP A 42 -5.91 2.54 16.04
C ASP A 42 -4.45 2.10 15.80
N ILE A 43 -3.79 2.79 14.88
CA ILE A 43 -2.39 2.54 14.51
C ILE A 43 -1.48 3.61 15.10
N SER A 44 -0.21 3.25 15.28
CA SER A 44 0.83 4.12 15.89
C SER A 44 1.01 5.42 15.07
N GLN A 45 1.29 6.56 15.76
CA GLN A 45 1.41 7.91 15.16
C GLN A 45 2.18 7.94 13.80
N GLU A 46 3.31 7.21 13.71
CA GLU A 46 4.19 7.28 12.53
C GLU A 46 3.71 6.33 11.42
N GLU A 47 2.94 5.32 11.83
CA GLU A 47 2.32 4.34 10.91
C GLU A 47 1.06 4.95 10.28
N ARG A 48 0.37 5.78 11.08
CA ARG A 48 -0.79 6.55 10.62
C ARG A 48 -0.33 7.58 9.58
N ASN A 49 0.81 8.21 9.91
CA ASN A 49 1.50 9.17 9.03
C ASN A 49 1.90 8.48 7.71
N ALA A 50 2.45 7.26 7.82
CA ALA A 50 2.89 6.45 6.66
C ALA A 50 1.73 6.08 5.72
N LEU A 51 0.63 5.55 6.28
CA LEU A 51 -0.53 5.10 5.48
C LEU A 51 -1.35 6.30 4.93
N ASN A 52 -1.24 7.47 5.58
CA ASN A 52 -1.84 8.73 5.07
C ASN A 52 -1.09 9.24 3.83
N ILE A 53 0.27 9.20 3.91
CA ILE A 53 1.15 9.57 2.77
C ILE A 53 0.97 8.58 1.61
N ALA A 54 0.80 7.30 1.98
CA ALA A 54 0.58 6.21 1.03
C ALA A 54 -0.68 6.47 0.20
N GLU A 55 -1.81 6.68 0.90
CA GLU A 55 -3.13 6.83 0.31
C GLU A 55 -3.26 8.09 -0.56
N LYS A 56 -2.78 9.25 -0.07
CA LYS A 56 -2.92 10.53 -0.79
C LYS A 56 -2.17 10.50 -2.14
N ALA A 57 -1.13 9.66 -2.23
CA ALA A 57 -0.38 9.41 -3.46
C ALA A 57 -1.07 8.32 -4.32
N LEU A 58 -1.78 7.35 -3.65
CA LEU A 58 -2.62 6.34 -4.36
C LEU A 58 -3.76 7.05 -5.14
N ASP A 59 -4.32 8.13 -4.53
CA ASP A 59 -5.40 8.94 -5.16
C ASP A 59 -4.90 9.62 -6.44
N ASN A 60 -3.65 10.07 -6.40
CA ASN A 60 -2.99 10.72 -7.56
C ASN A 60 -2.33 9.67 -8.47
N SER A 61 -2.22 8.40 -7.97
CA SER A 61 -1.69 7.24 -8.71
C SER A 61 -0.37 7.55 -9.44
N GLU A 62 0.65 7.98 -8.67
CA GLU A 62 1.94 8.37 -9.24
C GLU A 62 2.66 7.15 -9.88
N TYR A 63 3.06 6.15 -9.07
CA TYR A 63 3.50 4.82 -9.54
C TYR A 63 3.27 3.80 -8.40
N LEU A 64 3.03 2.54 -8.78
CA LEU A 64 2.70 1.45 -7.80
C LEU A 64 4.03 1.01 -7.14
N PRO A 65 5.12 0.69 -7.94
CA PRO A 65 6.47 0.46 -7.37
C PRO A 65 7.02 1.65 -6.53
N LYS A 66 6.48 2.87 -6.78
CA LYS A 66 6.98 4.09 -6.10
C LYS A 66 6.41 4.18 -4.69
N ILE A 67 5.10 3.91 -4.55
CA ILE A 67 4.42 3.97 -3.24
C ILE A 67 4.72 2.72 -2.40
N ILE A 68 4.92 1.58 -3.09
CA ILE A 68 5.33 0.32 -2.43
C ILE A 68 6.75 0.48 -1.84
N LEU A 69 7.66 1.08 -2.65
CA LEU A 69 9.01 1.45 -2.17
C LEU A 69 8.86 2.38 -0.95
N ASN A 70 8.08 3.46 -1.13
CA ASN A 70 7.88 4.52 -0.12
C ASN A 70 7.35 3.98 1.22
N LEU A 71 6.42 3.00 1.15
CA LEU A 71 5.79 2.41 2.35
C LEU A 71 6.81 1.50 3.04
N ARG A 72 7.61 0.80 2.21
CA ARG A 72 8.72 -0.05 2.70
C ARG A 72 9.86 0.85 3.24
N LYS A 73 10.01 2.09 2.73
CA LYS A 73 11.09 3.01 3.15
C LYS A 73 10.69 3.67 4.46
N ALA A 74 9.37 3.78 4.70
CA ALA A 74 8.83 4.32 5.93
C ALA A 74 8.85 3.25 7.04
N LEU A 75 8.52 1.97 6.71
CA LEU A 75 8.36 0.92 7.75
C LEU A 75 9.66 0.14 8.06
N THR A 76 10.56 -0.06 7.08
CA THR A 76 11.81 -0.86 7.30
C THR A 76 12.71 -0.28 8.43
N PRO A 77 13.00 1.09 8.51
CA PRO A 77 13.83 1.66 9.61
C PRO A 77 13.19 1.46 11.00
N LEU A 78 11.84 1.60 11.06
CA LEU A 78 11.09 1.42 12.33
C LEU A 78 11.10 -0.06 12.76
N ALA A 79 11.17 -0.95 11.77
CA ALA A 79 11.22 -2.40 12.02
C ALA A 79 12.59 -2.77 12.62
N ILE A 80 13.67 -2.24 12.00
CA ILE A 80 15.06 -2.47 12.46
C ILE A 80 15.27 -1.89 13.88
N ASN A 81 14.66 -0.70 14.13
CA ASN A 81 14.70 -0.03 15.45
C ASN A 81 13.61 -0.58 16.40
N ARG A 82 12.80 -1.56 15.93
CA ARG A 82 11.93 -2.41 16.81
C ARG A 82 10.81 -1.63 17.54
N THR A 83 10.28 -0.56 16.92
CA THR A 83 9.22 0.28 17.55
C THR A 83 7.93 0.33 16.68
N LEU A 84 7.83 -0.55 15.68
CA LEU A 84 6.62 -0.69 14.82
C LEU A 84 5.64 -1.64 15.54
N ASN A 85 4.34 -1.23 15.65
CA ASN A 85 3.31 -1.95 16.50
C ASN A 85 3.17 -3.45 16.11
N HIS A 86 3.36 -3.75 14.80
CA HIS A 86 3.50 -5.14 14.27
C HIS A 86 2.14 -5.91 14.23
N ASP A 87 1.05 -5.23 14.64
CA ASP A 87 -0.31 -5.83 14.69
C ASP A 87 -0.90 -5.99 13.26
N LEU A 88 -0.34 -5.28 12.25
CA LEU A 88 -0.71 -5.43 10.82
C LEU A 88 0.56 -5.63 9.99
N SER A 89 1.49 -6.42 10.56
CA SER A 89 2.77 -6.76 9.93
C SER A 89 2.59 -7.51 8.59
N GLU A 90 1.40 -8.12 8.42
CA GLU A 90 1.04 -8.88 7.20
C GLU A 90 0.84 -7.93 6.01
N LEU A 91 0.60 -6.63 6.26
CA LEU A 91 0.53 -5.60 5.20
C LEU A 91 1.93 -5.33 4.63
N TYR A 92 2.91 -5.27 5.54
CA TYR A 92 4.33 -5.08 5.21
C TYR A 92 4.84 -6.32 4.45
N LYS A 93 4.33 -7.50 4.86
CA LYS A 93 4.58 -8.80 4.21
C LYS A 93 3.85 -8.88 2.85
N PHE A 94 2.69 -8.21 2.76
CA PHE A 94 1.83 -8.22 1.56
C PHE A 94 2.49 -7.48 0.39
N ILE A 95 3.11 -6.32 0.66
CA ILE A 95 3.79 -5.55 -0.42
C ILE A 95 5.10 -6.26 -0.86
N THR A 96 5.48 -7.35 -0.14
CA THR A 96 6.64 -8.20 -0.47
C THR A 96 6.17 -9.61 -0.84
N SER A 97 4.89 -9.72 -1.21
CA SER A 97 4.29 -10.98 -1.67
C SER A 97 4.79 -11.34 -3.09
N SER A 98 4.51 -12.58 -3.49
CA SER A 98 4.66 -13.03 -4.89
C SER A 98 3.67 -12.28 -5.79
N LYS A 99 2.55 -11.81 -5.18
CA LYS A 99 1.54 -10.97 -5.87
C LYS A 99 2.16 -9.66 -6.40
N ALA A 100 3.23 -9.16 -5.73
CA ALA A 100 3.99 -7.99 -6.18
C ALA A 100 4.63 -8.29 -7.55
N SER A 101 5.59 -9.25 -7.57
CA SER A 101 6.17 -9.79 -8.81
C SER A 101 6.98 -11.05 -8.47
N ASN A 102 8.04 -10.87 -7.69
CA ASN A 102 8.86 -11.99 -7.15
C ASN A 102 9.62 -11.42 -5.95
N LYS A 103 8.99 -11.53 -4.76
CA LYS A 103 9.49 -10.97 -3.49
C LYS A 103 9.31 -9.43 -3.43
N ASN A 104 9.51 -8.73 -4.56
CA ASN A 104 9.30 -7.26 -4.66
C ASN A 104 8.65 -6.90 -6.00
N LEU A 105 8.44 -5.60 -6.19
CA LEU A 105 8.08 -4.97 -7.48
C LEU A 105 8.46 -3.48 -7.35
N GLY A 106 9.72 -3.20 -7.69
CA GLY A 106 10.27 -1.85 -7.67
C GLY A 106 11.77 -1.88 -7.39
N GLY A 107 12.39 -0.69 -7.37
CA GLY A 107 13.80 -0.56 -6.97
C GLY A 107 13.93 -0.60 -5.45
N GLY A 108 15.12 -0.95 -4.95
CA GLY A 108 15.38 -1.07 -3.51
C GLY A 108 16.48 -0.15 -3.03
N LEU A 109 16.47 1.12 -3.50
CA LEU A 109 17.47 2.14 -3.11
C LEU A 109 17.33 2.42 -1.60
N ILE A 110 18.35 2.01 -0.83
CA ILE A 110 18.47 2.31 0.62
C ILE A 110 19.91 2.81 0.92
N MET A 111 20.07 3.48 2.08
CA MET A 111 21.40 3.94 2.57
C MET A 111 21.30 4.30 4.06
N SER A 112 20.47 3.52 4.79
CA SER A 112 20.28 3.64 6.25
C SER A 112 19.71 5.02 6.68
N TRP A 113 19.06 5.70 5.74
CA TRP A 113 18.48 7.03 5.97
C TRP A 113 17.18 6.93 6.81
N GLY A 114 17.07 7.78 7.82
CA GLY A 114 15.95 7.80 8.74
C GLY A 114 16.17 8.84 9.83
N ARG A 115 15.25 9.83 9.92
CA ARG A 115 15.40 11.00 10.82
C ARG A 115 16.71 11.79 10.51
N LEU A 116 16.73 12.43 9.32
CA LEU A 116 17.87 13.26 8.89
C LEU A 116 17.71 14.70 9.39
N PHE A 117 16.56 15.32 9.04
CA PHE A 117 16.21 16.71 9.43
C PHE A 117 14.76 16.72 9.93
N MET A 1 -34.55 -8.15 -12.41
CA MET A 1 -33.95 -8.29 -13.75
C MET A 1 -32.95 -7.14 -14.01
N SER A 2 -31.74 -7.51 -14.44
CA SER A 2 -30.66 -6.59 -14.81
C SER A 2 -29.70 -7.29 -15.80
N GLY A 3 -29.10 -6.51 -16.70
CA GLY A 3 -28.17 -7.03 -17.71
C GLY A 3 -26.78 -7.32 -17.15
N SER A 4 -25.89 -6.31 -17.17
CA SER A 4 -24.47 -6.46 -16.84
C SER A 4 -24.10 -5.77 -15.51
N HIS A 5 -25.09 -5.54 -14.64
CA HIS A 5 -24.90 -4.86 -13.33
C HIS A 5 -23.88 -5.63 -12.44
N HIS A 6 -24.19 -6.91 -12.19
CA HIS A 6 -23.31 -7.80 -11.40
C HIS A 6 -21.97 -8.06 -12.14
N HIS A 7 -22.01 -7.98 -13.49
CA HIS A 7 -20.83 -8.15 -14.36
C HIS A 7 -19.85 -6.96 -14.22
N HIS A 8 -20.39 -5.78 -13.85
CA HIS A 8 -19.58 -4.57 -13.57
C HIS A 8 -18.81 -4.69 -12.24
N HIS A 9 -19.27 -5.62 -11.37
CA HIS A 9 -18.71 -5.84 -10.03
C HIS A 9 -18.71 -4.53 -9.21
N HIS A 10 -19.92 -4.09 -8.82
CA HIS A 10 -20.17 -2.83 -8.12
C HIS A 10 -19.62 -1.62 -8.91
N SER A 11 -20.40 -1.17 -9.93
CA SER A 11 -20.01 -0.07 -10.83
C SER A 11 -19.66 1.21 -10.06
N SER A 12 -20.46 1.48 -9.02
CA SER A 12 -20.18 2.51 -8.01
C SER A 12 -20.53 3.94 -8.50
N GLY A 13 -19.86 4.40 -9.58
CA GLY A 13 -19.88 5.83 -9.97
C GLY A 13 -18.79 6.61 -9.26
N ILE A 14 -18.06 5.91 -8.39
CA ILE A 14 -16.93 6.42 -7.61
C ILE A 14 -15.86 5.33 -7.71
N GLU A 15 -14.85 5.56 -8.56
CA GLU A 15 -13.86 4.53 -8.91
C GLU A 15 -12.61 4.70 -8.08
N GLY A 16 -12.21 5.96 -7.89
CA GLY A 16 -10.91 6.29 -7.31
C GLY A 16 -9.76 5.81 -8.19
N ARG A 17 -10.09 5.55 -9.47
CA ARG A 17 -9.20 4.96 -10.46
C ARG A 17 -9.60 5.52 -11.83
N GLY A 18 -8.96 6.65 -12.19
CA GLY A 18 -9.12 7.27 -13.48
C GLY A 18 -8.77 6.32 -14.62
N ARG A 19 -9.82 5.80 -15.26
CA ARG A 19 -9.76 4.70 -16.23
C ARG A 19 -8.99 5.03 -17.52
N MET A 20 -8.75 6.34 -17.79
CA MET A 20 -7.88 6.79 -18.91
C MET A 20 -6.46 6.25 -18.71
N LYS A 21 -6.00 6.26 -17.45
CA LYS A 21 -4.72 5.67 -17.04
C LYS A 21 -4.93 4.19 -16.73
N LYS A 22 -6.05 3.91 -16.04
CA LYS A 22 -6.46 2.58 -15.57
C LYS A 22 -5.42 1.99 -14.58
N LYS A 23 -5.72 2.08 -13.29
CA LYS A 23 -4.92 1.43 -12.23
C LYS A 23 -5.39 -0.02 -12.02
N GLN A 24 -4.75 -0.71 -11.05
CA GLN A 24 -5.02 -2.11 -10.75
C GLN A 24 -6.22 -2.22 -9.80
N ILE A 25 -7.23 -2.98 -10.24
CA ILE A 25 -8.48 -3.15 -9.49
C ILE A 25 -8.24 -4.17 -8.36
N GLU A 26 -7.68 -5.33 -8.72
CA GLU A 26 -7.46 -6.46 -7.80
C GLU A 26 -6.45 -6.11 -6.69
N PHE A 27 -5.26 -5.63 -7.11
CA PHE A 27 -4.15 -5.36 -6.19
C PHE A 27 -4.54 -4.28 -5.18
N GLU A 28 -5.24 -3.23 -5.67
CA GLU A 28 -5.67 -2.13 -4.82
C GLU A 28 -6.79 -2.60 -3.89
N ASN A 29 -7.81 -3.34 -4.39
CA ASN A 29 -8.88 -3.90 -3.51
C ASN A 29 -8.29 -4.64 -2.29
N GLU A 30 -7.29 -5.51 -2.53
CA GLU A 30 -6.67 -6.35 -1.49
C GLU A 30 -5.85 -5.51 -0.48
N LEU A 31 -4.95 -4.64 -0.98
CA LEU A 31 -4.08 -3.78 -0.10
C LEU A 31 -4.92 -2.73 0.66
N ARG A 32 -5.76 -2.02 -0.12
CA ARG A 32 -6.55 -0.86 0.33
C ARG A 32 -7.63 -1.26 1.37
N SER A 33 -8.14 -2.52 1.28
CA SER A 33 -9.08 -3.08 2.28
C SER A 33 -8.37 -3.35 3.62
N MET A 34 -7.15 -3.92 3.53
CA MET A 34 -6.32 -4.23 4.72
C MET A 34 -5.83 -2.93 5.38
N LEU A 35 -5.67 -1.90 4.52
CA LEU A 35 -5.23 -0.55 4.95
C LEU A 35 -6.40 0.12 5.68
N ALA A 36 -7.63 -0.07 5.14
CA ALA A 36 -8.87 0.43 5.76
C ALA A 36 -9.06 -0.13 7.18
N THR A 37 -8.84 -1.45 7.33
CA THR A 37 -8.89 -2.14 8.63
C THR A 37 -7.86 -1.53 9.60
N ALA A 38 -6.64 -1.30 9.09
CA ALA A 38 -5.53 -0.71 9.86
C ALA A 38 -5.81 0.77 10.24
N LEU A 39 -6.66 1.48 9.46
CA LEU A 39 -7.10 2.86 9.83
C LEU A 39 -8.12 2.81 10.99
N GLU A 40 -8.99 1.78 10.97
CA GLU A 40 -10.02 1.55 12.01
C GLU A 40 -9.38 1.09 13.32
N LYS A 41 -8.21 0.46 13.22
CA LYS A 41 -7.36 0.12 14.35
C LYS A 41 -6.47 1.32 14.70
N ASP A 42 -6.16 1.50 15.99
CA ASP A 42 -5.37 2.64 16.47
C ASP A 42 -3.87 2.43 16.12
N ILE A 43 -3.47 2.91 14.94
CA ILE A 43 -2.08 2.89 14.47
C ILE A 43 -1.36 4.18 14.93
N SER A 44 -0.07 4.02 15.29
CA SER A 44 0.77 5.09 15.87
C SER A 44 0.94 6.25 14.86
N GLN A 45 1.15 7.50 15.34
CA GLN A 45 1.23 8.72 14.49
C GLN A 45 2.10 8.56 13.20
N GLU A 46 3.25 7.85 13.31
CA GLU A 46 4.23 7.70 12.19
C GLU A 46 3.77 6.58 11.21
N GLU A 47 2.95 5.67 11.72
CA GLU A 47 2.42 4.51 10.98
C GLU A 47 1.17 4.96 10.20
N ARG A 48 0.38 5.85 10.85
CA ARG A 48 -0.76 6.53 10.25
C ARG A 48 -0.27 7.47 9.14
N ASN A 49 0.87 8.14 9.41
CA ASN A 49 1.55 9.03 8.46
C ASN A 49 1.89 8.25 7.17
N ALA A 50 2.50 7.06 7.34
CA ALA A 50 2.92 6.18 6.22
C ALA A 50 1.72 5.73 5.35
N LEU A 51 0.65 5.21 6.00
CA LEU A 51 -0.55 4.70 5.28
C LEU A 51 -1.41 5.85 4.70
N ASN A 52 -1.31 7.06 5.29
CA ASN A 52 -1.94 8.29 4.74
C ASN A 52 -1.20 8.72 3.47
N ILE A 53 0.16 8.68 3.50
CA ILE A 53 1.02 8.98 2.33
C ILE A 53 0.66 8.01 1.19
N ALA A 54 0.42 6.74 1.57
CA ALA A 54 0.07 5.65 0.64
C ALA A 54 -1.23 5.98 -0.10
N GLU A 55 -2.33 6.21 0.67
CA GLU A 55 -3.68 6.38 0.11
C GLU A 55 -3.77 7.66 -0.72
N LYS A 56 -3.25 8.78 -0.18
CA LYS A 56 -3.32 10.10 -0.84
C LYS A 56 -2.51 10.11 -2.16
N ALA A 57 -1.46 9.26 -2.21
CA ALA A 57 -0.63 9.10 -3.39
C ALA A 57 -1.30 8.17 -4.42
N LEU A 58 -2.14 7.19 -3.93
CA LEU A 58 -3.00 6.37 -4.83
C LEU A 58 -3.95 7.31 -5.58
N ASP A 59 -4.51 8.33 -4.86
CA ASP A 59 -5.38 9.36 -5.47
C ASP A 59 -4.68 10.09 -6.64
N ASN A 60 -3.41 10.48 -6.43
CA ASN A 60 -2.61 11.16 -7.47
C ASN A 60 -2.06 10.15 -8.51
N SER A 61 -2.12 8.84 -8.17
CA SER A 61 -1.81 7.72 -9.09
C SER A 61 -0.43 7.85 -9.77
N GLU A 62 0.61 8.14 -8.99
CA GLU A 62 1.95 8.41 -9.53
C GLU A 62 2.60 7.15 -10.15
N TYR A 63 2.88 6.10 -9.32
CA TYR A 63 3.44 4.80 -9.79
C TYR A 63 3.21 3.72 -8.71
N LEU A 64 3.02 2.48 -9.19
CA LEU A 64 2.63 1.32 -8.32
C LEU A 64 3.86 0.83 -7.50
N PRO A 65 5.04 0.48 -8.15
CA PRO A 65 6.27 0.12 -7.42
C PRO A 65 6.81 1.29 -6.59
N LYS A 66 6.38 2.54 -6.88
CA LYS A 66 6.90 3.74 -6.23
C LYS A 66 6.26 3.88 -4.84
N ILE A 67 4.93 3.65 -4.75
CA ILE A 67 4.20 3.70 -3.46
C ILE A 67 4.53 2.47 -2.61
N ILE A 68 4.72 1.32 -3.28
CA ILE A 68 5.13 0.07 -2.61
C ILE A 68 6.55 0.22 -2.01
N LEU A 69 7.45 0.89 -2.77
CA LEU A 69 8.83 1.18 -2.34
C LEU A 69 8.80 2.14 -1.14
N ASN A 70 8.02 3.23 -1.30
CA ASN A 70 7.92 4.32 -0.30
C ASN A 70 7.33 3.81 1.03
N LEU A 71 6.36 2.88 0.96
CA LEU A 71 5.73 2.30 2.15
C LEU A 71 6.73 1.36 2.85
N ARG A 72 7.44 0.56 2.03
CA ARG A 72 8.53 -0.33 2.50
C ARG A 72 9.71 0.53 3.03
N LYS A 73 9.82 1.79 2.52
CA LYS A 73 10.90 2.73 2.88
C LYS A 73 10.53 3.47 4.17
N ALA A 74 9.21 3.57 4.46
CA ALA A 74 8.71 4.22 5.68
C ALA A 74 8.54 3.21 6.84
N LEU A 75 8.33 1.91 6.53
CA LEU A 75 8.08 0.88 7.59
C LEU A 75 9.36 0.11 7.99
N THR A 76 10.32 -0.09 7.05
CA THR A 76 11.58 -0.81 7.35
C THR A 76 12.48 -0.10 8.42
N PRO A 77 12.75 1.27 8.37
CA PRO A 77 13.55 1.95 9.43
C PRO A 77 12.91 1.83 10.82
N LEU A 78 11.56 1.84 10.85
CA LEU A 78 10.78 1.71 12.11
C LEU A 78 10.78 0.26 12.61
N ALA A 79 10.89 -0.70 11.66
CA ALA A 79 11.02 -2.13 11.98
C ALA A 79 12.39 -2.40 12.63
N ILE A 80 13.46 -1.83 12.01
CA ILE A 80 14.86 -1.94 12.51
C ILE A 80 14.98 -1.35 13.92
N ASN A 81 14.36 -0.18 14.14
CA ASN A 81 14.35 0.49 15.46
C ASN A 81 13.35 -0.19 16.43
N ARG A 82 12.48 -1.09 15.88
CA ARG A 82 11.55 -1.92 16.67
C ARG A 82 10.54 -1.06 17.48
N THR A 83 9.83 -0.17 16.77
CA THR A 83 8.78 0.69 17.39
C THR A 83 7.49 0.69 16.53
N LEU A 84 7.46 -0.15 15.48
CA LEU A 84 6.25 -0.38 14.67
C LEU A 84 5.27 -1.27 15.47
N ASN A 85 3.96 -1.12 15.22
CA ASN A 85 2.92 -1.83 16.03
C ASN A 85 2.92 -3.33 15.71
N HIS A 86 3.22 -3.67 14.43
CA HIS A 86 3.49 -5.06 13.99
C HIS A 86 2.18 -5.91 13.90
N ASP A 87 1.03 -5.38 14.37
CA ASP A 87 -0.27 -6.12 14.29
C ASP A 87 -0.80 -6.18 12.83
N LEU A 88 -0.13 -5.47 11.89
CA LEU A 88 -0.36 -5.61 10.43
C LEU A 88 0.99 -5.94 9.76
N SER A 89 1.80 -6.79 10.45
CA SER A 89 3.10 -7.26 9.94
C SER A 89 2.92 -8.08 8.64
N GLU A 90 1.74 -8.70 8.53
CA GLU A 90 1.34 -9.49 7.34
C GLU A 90 1.20 -8.55 6.11
N LEU A 91 0.85 -7.26 6.36
CA LEU A 91 0.76 -6.23 5.30
C LEU A 91 2.17 -5.85 4.82
N TYR A 92 3.13 -5.80 5.77
CA TYR A 92 4.55 -5.53 5.44
C TYR A 92 5.10 -6.70 4.58
N LYS A 93 4.64 -7.92 4.92
CA LYS A 93 4.97 -9.15 4.21
C LYS A 93 4.23 -9.22 2.84
N PHE A 94 3.04 -8.57 2.77
CA PHE A 94 2.23 -8.52 1.53
C PHE A 94 2.97 -7.73 0.44
N ILE A 95 3.46 -6.52 0.79
CA ILE A 95 4.16 -5.64 -0.17
C ILE A 95 5.57 -6.18 -0.51
N THR A 96 5.98 -7.30 0.13
CA THR A 96 7.22 -8.01 -0.20
C THR A 96 6.92 -9.40 -0.83
N SER A 97 5.67 -9.90 -0.67
CA SER A 97 5.29 -11.30 -1.02
C SER A 97 5.47 -11.57 -2.53
N SER A 98 6.52 -12.37 -2.86
CA SER A 98 6.92 -12.66 -4.26
C SER A 98 7.18 -11.34 -5.03
N LYS A 99 7.92 -10.43 -4.35
CA LYS A 99 8.26 -9.06 -4.84
C LYS A 99 7.02 -8.15 -4.98
N ALA A 100 5.87 -8.63 -4.47
CA ALA A 100 4.55 -7.97 -4.60
C ALA A 100 4.11 -7.84 -6.08
N SER A 101 4.74 -8.63 -6.96
CA SER A 101 4.40 -8.70 -8.38
C SER A 101 3.48 -9.90 -8.60
N ASN A 102 2.17 -9.66 -8.40
CA ASN A 102 1.12 -10.70 -8.52
C ASN A 102 -0.19 -10.04 -8.98
N LYS A 103 -1.02 -10.81 -9.72
CA LYS A 103 -2.35 -10.39 -10.21
C LYS A 103 -2.24 -9.17 -11.16
N ASN A 104 -1.06 -9.04 -11.78
CA ASN A 104 -0.61 -7.84 -12.50
C ASN A 104 -0.36 -6.71 -11.50
N LEU A 105 0.91 -6.38 -11.29
CA LEU A 105 1.33 -5.26 -10.43
C LEU A 105 0.96 -3.92 -11.12
N GLY A 106 0.91 -3.94 -12.47
CA GLY A 106 0.70 -2.75 -13.29
C GLY A 106 1.99 -2.00 -13.56
N GLY A 107 3.11 -2.71 -13.46
CA GLY A 107 4.44 -2.15 -13.67
C GLY A 107 5.51 -3.01 -13.02
N GLY A 108 6.77 -2.55 -13.10
CA GLY A 108 7.89 -3.25 -12.49
C GLY A 108 8.12 -4.64 -13.06
N LEU A 109 8.55 -4.69 -14.34
CA LEU A 109 8.79 -5.94 -15.07
C LEU A 109 10.00 -6.68 -14.47
N ILE A 110 11.10 -5.94 -14.32
CA ILE A 110 12.36 -6.46 -13.74
C ILE A 110 12.63 -5.77 -12.39
N MET A 111 13.05 -6.56 -11.41
CA MET A 111 13.54 -6.10 -10.11
C MET A 111 14.41 -7.20 -9.50
N SER A 112 15.06 -6.91 -8.37
CA SER A 112 15.96 -7.85 -7.71
C SER A 112 16.12 -7.43 -6.25
N TRP A 113 16.79 -6.27 -6.04
CA TRP A 113 17.07 -5.67 -4.71
C TRP A 113 17.92 -6.61 -3.82
N GLY A 114 17.24 -7.54 -3.13
CA GLY A 114 17.86 -8.49 -2.22
C GLY A 114 16.89 -9.59 -1.82
N ARG A 115 17.31 -10.47 -0.89
CA ARG A 115 16.49 -11.60 -0.44
C ARG A 115 16.60 -11.74 1.08
N LEU A 116 15.59 -11.21 1.78
CA LEU A 116 15.49 -11.24 3.25
C LEU A 116 14.02 -10.94 3.60
N PHE A 117 13.54 -9.76 3.17
CA PHE A 117 12.14 -9.32 3.33
C PHE A 117 11.35 -9.69 2.06
N MET A 1 4.21 -3.56 20.00
CA MET A 1 5.13 -4.51 19.35
C MET A 1 4.44 -5.88 19.16
N SER A 2 4.07 -6.52 20.28
CA SER A 2 3.50 -7.89 20.28
C SER A 2 1.97 -7.92 20.12
N GLY A 3 1.25 -6.92 20.68
CA GLY A 3 -0.22 -6.92 20.69
C GLY A 3 -0.84 -6.72 19.29
N SER A 4 -1.53 -7.75 18.79
CA SER A 4 -2.24 -7.70 17.49
C SER A 4 -3.77 -7.65 17.74
N HIS A 5 -4.39 -6.55 17.29
CA HIS A 5 -5.84 -6.27 17.44
C HIS A 5 -6.69 -7.35 16.74
N HIS A 6 -7.52 -8.08 17.54
CA HIS A 6 -8.38 -9.19 17.06
C HIS A 6 -9.67 -8.67 16.38
N HIS A 7 -9.50 -7.96 15.25
CA HIS A 7 -10.63 -7.40 14.47
C HIS A 7 -10.49 -7.82 13.00
N HIS A 8 -11.66 -7.99 12.35
CA HIS A 8 -11.75 -8.32 10.92
C HIS A 8 -11.43 -7.09 10.06
N HIS A 9 -11.42 -7.28 8.74
CA HIS A 9 -11.20 -6.18 7.76
C HIS A 9 -12.45 -5.30 7.66
N HIS A 10 -12.27 -4.01 7.32
CA HIS A 10 -13.37 -3.03 7.22
C HIS A 10 -14.16 -3.24 5.91
N SER A 11 -15.00 -4.28 5.87
CA SER A 11 -15.77 -4.67 4.67
C SER A 11 -17.15 -3.97 4.65
N SER A 12 -17.93 -4.18 3.55
CA SER A 12 -19.24 -3.50 3.30
C SER A 12 -19.07 -1.97 3.26
N GLY A 13 -17.83 -1.54 2.94
CA GLY A 13 -17.45 -0.14 2.94
C GLY A 13 -15.99 0.00 2.54
N ILE A 14 -15.73 -0.16 1.24
CA ILE A 14 -14.35 -0.11 0.62
C ILE A 14 -14.52 0.45 -0.80
N GLU A 15 -13.72 1.47 -1.18
CA GLU A 15 -13.80 2.07 -2.53
C GLU A 15 -12.36 2.33 -3.03
N GLY A 16 -12.08 1.87 -4.26
CA GLY A 16 -10.72 1.86 -4.82
C GLY A 16 -10.24 0.43 -5.03
N ARG A 17 -10.99 -0.29 -5.87
CA ARG A 17 -10.75 -1.70 -6.19
C ARG A 17 -10.23 -1.86 -7.65
N GLY A 18 -9.79 -0.73 -8.24
CA GLY A 18 -9.33 -0.70 -9.64
C GLY A 18 -10.09 0.33 -10.45
N ARG A 19 -10.11 1.58 -9.95
CA ARG A 19 -10.96 2.67 -10.48
C ARG A 19 -10.60 3.04 -11.94
N MET A 20 -9.35 3.48 -12.14
CA MET A 20 -8.82 3.90 -13.45
C MET A 20 -8.66 2.69 -14.39
N LYS A 21 -8.61 1.47 -13.80
CA LYS A 21 -8.48 0.17 -14.49
C LYS A 21 -7.04 -0.06 -15.03
N LYS A 22 -6.19 0.99 -14.95
CA LYS A 22 -4.84 1.02 -15.55
C LYS A 22 -3.80 0.35 -14.63
N LYS A 23 -4.14 0.23 -13.34
CA LYS A 23 -3.34 -0.46 -12.34
C LYS A 23 -3.82 -1.92 -12.22
N GLN A 24 -3.18 -2.67 -11.32
CA GLN A 24 -3.61 -4.03 -10.99
C GLN A 24 -4.82 -3.98 -10.05
N ILE A 25 -5.95 -4.54 -10.53
CA ILE A 25 -7.26 -4.47 -9.86
C ILE A 25 -7.24 -5.32 -8.57
N GLU A 26 -6.57 -6.49 -8.65
CA GLU A 26 -6.43 -7.42 -7.52
C GLU A 26 -5.54 -6.78 -6.42
N PHE A 27 -4.40 -6.19 -6.84
CA PHE A 27 -3.41 -5.61 -5.91
C PHE A 27 -3.96 -4.34 -5.24
N GLU A 28 -4.73 -3.54 -6.00
CA GLU A 28 -5.38 -2.31 -5.47
C GLU A 28 -6.52 -2.68 -4.53
N ASN A 29 -7.33 -3.68 -4.93
CA ASN A 29 -8.49 -4.12 -4.12
C ASN A 29 -8.00 -4.58 -2.75
N GLU A 30 -6.98 -5.45 -2.73
CA GLU A 30 -6.52 -6.11 -1.50
C GLU A 30 -5.68 -5.16 -0.63
N LEU A 31 -4.74 -4.42 -1.25
CA LEU A 31 -3.84 -3.46 -0.51
C LEU A 31 -4.69 -2.38 0.16
N ARG A 32 -5.62 -1.80 -0.63
CA ARG A 32 -6.42 -0.64 -0.21
C ARG A 32 -7.53 -1.03 0.77
N SER A 33 -8.02 -2.29 0.65
CA SER A 33 -9.01 -2.86 1.61
C SER A 33 -8.34 -3.08 2.98
N MET A 34 -7.09 -3.59 2.97
CA MET A 34 -6.32 -3.82 4.21
C MET A 34 -5.78 -2.49 4.77
N LEU A 35 -5.67 -1.47 3.89
CA LEU A 35 -5.27 -0.10 4.31
C LEU A 35 -6.50 0.53 5.03
N ALA A 36 -7.72 0.27 4.49
CA ALA A 36 -9.00 0.65 5.14
C ALA A 36 -9.11 0.04 6.55
N THR A 37 -8.72 -1.26 6.63
CA THR A 37 -8.65 -2.02 7.88
C THR A 37 -7.69 -1.34 8.86
N ALA A 38 -6.48 -1.00 8.35
CA ALA A 38 -5.39 -0.44 9.17
C ALA A 38 -5.67 1.01 9.62
N LEU A 39 -6.58 1.72 8.90
CA LEU A 39 -7.07 3.05 9.33
C LEU A 39 -8.05 2.90 10.50
N GLU A 40 -8.79 1.77 10.54
CA GLU A 40 -9.69 1.41 11.66
C GLU A 40 -8.87 0.80 12.81
N LYS A 41 -7.75 0.16 12.46
CA LYS A 41 -6.83 -0.45 13.43
C LYS A 41 -6.01 0.66 14.08
N ASP A 42 -5.90 0.59 15.41
CA ASP A 42 -5.25 1.62 16.22
C ASP A 42 -3.75 1.69 15.88
N ILE A 43 -3.42 2.60 14.94
CA ILE A 43 -2.05 2.84 14.46
C ILE A 43 -1.46 4.06 15.18
N SER A 44 -0.15 4.02 15.39
CA SER A 44 0.64 5.08 16.04
C SER A 44 0.84 6.24 15.03
N GLN A 45 1.01 7.49 15.55
CA GLN A 45 1.14 8.73 14.75
C GLN A 45 2.00 8.58 13.45
N GLU A 46 3.12 7.85 13.54
CA GLU A 46 4.07 7.67 12.41
C GLU A 46 3.50 6.74 11.31
N GLU A 47 2.74 5.71 11.75
CA GLU A 47 2.11 4.73 10.85
C GLU A 47 0.89 5.37 10.15
N ARG A 48 0.18 6.27 10.88
CA ARG A 48 -0.94 7.04 10.33
C ARG A 48 -0.41 8.01 9.26
N ASN A 49 0.78 8.62 9.51
CA ASN A 49 1.49 9.43 8.51
C ASN A 49 1.73 8.60 7.22
N ALA A 50 2.35 7.41 7.40
CA ALA A 50 2.78 6.53 6.30
C ALA A 50 1.61 6.11 5.37
N LEU A 51 0.47 5.70 5.97
CA LEU A 51 -0.71 5.23 5.21
C LEU A 51 -1.52 6.42 4.61
N ASN A 52 -1.45 7.60 5.26
CA ASN A 52 -2.02 8.85 4.69
C ASN A 52 -1.23 9.30 3.45
N ILE A 53 0.11 9.10 3.52
CA ILE A 53 1.04 9.40 2.41
C ILE A 53 0.72 8.45 1.23
N ALA A 54 0.48 7.17 1.58
CA ALA A 54 0.14 6.11 0.62
C ALA A 54 -1.13 6.49 -0.17
N GLU A 55 -2.25 6.77 0.55
CA GLU A 55 -3.59 6.97 -0.07
C GLU A 55 -3.67 8.27 -0.88
N LYS A 56 -3.09 9.36 -0.32
CA LYS A 56 -3.08 10.68 -0.99
C LYS A 56 -2.31 10.59 -2.32
N ALA A 57 -1.32 9.66 -2.36
CA ALA A 57 -0.50 9.41 -3.53
C ALA A 57 -1.17 8.43 -4.51
N LEU A 58 -2.01 7.48 -4.00
CA LEU A 58 -2.81 6.58 -4.88
C LEU A 58 -3.83 7.44 -5.68
N ASP A 59 -4.37 8.48 -5.01
CA ASP A 59 -5.33 9.42 -5.63
C ASP A 59 -4.64 10.28 -6.70
N ASN A 60 -3.40 10.73 -6.40
CA ASN A 60 -2.58 11.52 -7.35
C ASN A 60 -1.84 10.59 -8.34
N SER A 61 -1.90 9.26 -8.09
CA SER A 61 -1.31 8.22 -8.94
C SER A 61 0.21 8.45 -9.16
N GLU A 62 0.94 8.59 -8.03
CA GLU A 62 2.41 8.82 -8.02
C GLU A 62 3.20 7.50 -8.04
N TYR A 63 2.71 6.56 -8.86
CA TYR A 63 3.40 5.34 -9.32
C TYR A 63 3.45 4.22 -8.25
N LEU A 64 3.22 2.98 -8.71
CA LEU A 64 3.06 1.80 -7.82
C LEU A 64 4.44 1.32 -7.32
N PRO A 65 5.52 1.25 -8.21
CA PRO A 65 6.90 1.05 -7.75
C PRO A 65 7.29 2.04 -6.65
N LYS A 66 6.91 3.32 -6.86
CA LYS A 66 7.34 4.43 -6.02
C LYS A 66 6.71 4.37 -4.63
N ILE A 67 5.39 4.09 -4.56
CA ILE A 67 4.62 4.14 -3.30
C ILE A 67 4.81 2.87 -2.49
N ILE A 68 5.06 1.73 -3.18
CA ILE A 68 5.40 0.48 -2.48
C ILE A 68 6.81 0.64 -1.86
N LEU A 69 7.74 1.27 -2.63
CA LEU A 69 9.12 1.56 -2.17
C LEU A 69 9.07 2.57 -0.99
N ASN A 70 8.16 3.55 -1.12
CA ASN A 70 7.97 4.64 -0.14
C ASN A 70 7.42 4.08 1.19
N LEU A 71 6.52 3.07 1.10
CA LEU A 71 5.94 2.42 2.29
C LEU A 71 6.96 1.42 2.87
N ARG A 72 7.84 0.87 1.99
CA ARG A 72 9.00 0.06 2.45
C ARG A 72 10.06 0.97 3.08
N LYS A 73 10.08 2.27 2.70
CA LYS A 73 11.03 3.26 3.24
C LYS A 73 10.46 3.80 4.56
N ALA A 74 9.13 3.75 4.68
CA ALA A 74 8.39 4.24 5.86
C ALA A 74 8.17 3.13 6.91
N LEU A 75 8.21 1.82 6.55
CA LEU A 75 7.95 0.73 7.53
C LEU A 75 9.18 -0.20 7.79
N THR A 76 10.09 -0.41 6.79
CA THR A 76 11.30 -1.24 7.01
C THR A 76 12.23 -0.67 8.14
N PRO A 77 12.61 0.67 8.17
CA PRO A 77 13.44 1.22 9.27
C PRO A 77 12.77 1.12 10.66
N LEU A 78 11.42 1.29 10.71
CA LEU A 78 10.65 1.17 11.98
C LEU A 78 10.61 -0.29 12.47
N ALA A 79 10.55 -1.23 11.49
CA ALA A 79 10.59 -2.68 11.73
C ALA A 79 11.90 -3.05 12.43
N ILE A 80 13.02 -2.69 11.76
CA ILE A 80 14.39 -2.99 12.19
C ILE A 80 14.70 -2.35 13.56
N ASN A 81 14.30 -1.07 13.72
CA ASN A 81 14.56 -0.28 14.94
C ASN A 81 13.55 -0.66 16.05
N ARG A 82 12.56 -1.53 15.71
CA ARG A 82 11.72 -2.24 16.68
C ARG A 82 10.79 -1.29 17.48
N THR A 83 9.99 -0.47 16.76
CA THR A 83 8.98 0.42 17.42
C THR A 83 7.65 0.48 16.63
N LEU A 84 7.57 -0.24 15.49
CA LEU A 84 6.31 -0.41 14.70
C LEU A 84 5.29 -1.24 15.53
N ASN A 85 3.99 -1.05 15.27
CA ASN A 85 2.89 -1.71 16.07
C ASN A 85 2.77 -3.22 15.71
N HIS A 86 3.18 -3.58 14.46
CA HIS A 86 3.20 -4.99 13.94
C HIS A 86 1.77 -5.52 13.64
N ASP A 87 0.75 -4.74 13.96
CA ASP A 87 -0.65 -5.12 13.71
C ASP A 87 -1.03 -5.03 12.20
N LEU A 88 -0.12 -4.53 11.33
CA LEU A 88 -0.30 -4.59 9.86
C LEU A 88 0.89 -5.37 9.26
N SER A 89 1.33 -6.40 10.03
CA SER A 89 2.40 -7.34 9.65
C SER A 89 2.08 -8.08 8.36
N GLU A 90 0.79 -8.40 8.18
CA GLU A 90 0.28 -9.13 7.00
C GLU A 90 0.29 -8.20 5.76
N LEU A 91 0.20 -6.88 6.00
CA LEU A 91 0.17 -5.86 4.92
C LEU A 91 1.61 -5.64 4.43
N TYR A 92 2.53 -5.60 5.40
CA TYR A 92 3.97 -5.42 5.16
C TYR A 92 4.54 -6.70 4.47
N LYS A 93 3.95 -7.86 4.84
CA LYS A 93 4.28 -9.16 4.23
C LYS A 93 3.71 -9.21 2.81
N PHE A 94 2.48 -8.66 2.63
CA PHE A 94 1.74 -8.67 1.36
C PHE A 94 2.56 -8.01 0.24
N ILE A 95 3.06 -6.79 0.51
CA ILE A 95 3.83 -5.98 -0.46
C ILE A 95 5.23 -6.58 -0.77
N THR A 96 5.58 -7.72 -0.11
CA THR A 96 6.82 -8.47 -0.39
C THR A 96 6.54 -9.94 -0.81
N SER A 97 5.28 -10.43 -0.66
CA SER A 97 4.97 -11.87 -0.85
C SER A 97 4.35 -12.12 -2.24
N SER A 98 3.10 -11.69 -2.40
CA SER A 98 2.30 -11.94 -3.61
C SER A 98 2.49 -10.80 -4.62
N LYS A 99 2.78 -11.14 -5.89
CA LYS A 99 3.00 -10.19 -7.02
C LYS A 99 4.25 -9.32 -6.78
N ALA A 100 4.17 -8.38 -5.82
CA ALA A 100 5.29 -7.51 -5.45
C ALA A 100 6.49 -8.30 -4.89
N SER A 101 7.36 -8.76 -5.81
CA SER A 101 8.53 -9.60 -5.50
C SER A 101 9.46 -9.72 -6.75
N ASN A 102 9.26 -8.86 -7.77
CA ASN A 102 10.07 -8.88 -9.01
C ASN A 102 10.91 -7.58 -9.09
N LYS A 103 10.37 -6.51 -9.73
CA LYS A 103 11.10 -5.22 -9.91
C LYS A 103 10.12 -4.05 -9.77
N ASN A 104 9.09 -4.05 -10.66
CA ASN A 104 8.09 -2.97 -10.77
C ASN A 104 7.35 -2.78 -9.43
N LEU A 105 6.40 -3.68 -9.09
CA LEU A 105 5.70 -3.61 -7.77
C LEU A 105 6.75 -3.94 -6.69
N GLY A 106 7.24 -2.90 -6.01
CA GLY A 106 8.31 -3.03 -5.03
C GLY A 106 9.15 -1.79 -5.05
N GLY A 107 9.60 -1.41 -6.25
CA GLY A 107 10.51 -0.28 -6.44
C GLY A 107 11.95 -0.77 -6.53
N GLY A 108 12.21 -1.54 -7.60
CA GLY A 108 13.53 -2.11 -7.88
C GLY A 108 14.06 -2.95 -6.72
N LEU A 109 15.25 -2.59 -6.24
CA LEU A 109 15.84 -3.20 -5.03
C LEU A 109 15.57 -2.28 -3.81
N ILE A 110 16.35 -1.18 -3.71
CA ILE A 110 16.28 -0.24 -2.58
C ILE A 110 17.08 1.04 -2.94
N MET A 111 16.51 2.23 -2.62
CA MET A 111 17.12 3.53 -2.98
C MET A 111 17.76 4.21 -1.75
N SER A 112 16.91 4.55 -0.75
CA SER A 112 17.30 5.38 0.40
C SER A 112 18.33 4.68 1.32
N TRP A 113 17.90 3.64 2.06
CA TRP A 113 18.81 2.84 2.91
C TRP A 113 19.72 1.96 2.04
N GLY A 114 20.86 1.54 2.62
CA GLY A 114 21.85 0.72 1.92
C GLY A 114 22.78 0.06 2.92
N ARG A 115 23.25 0.84 3.91
CA ARG A 115 24.05 0.32 5.04
C ARG A 115 23.10 0.09 6.23
N LEU A 116 22.39 -1.05 6.22
CA LEU A 116 21.43 -1.42 7.30
C LEU A 116 22.17 -2.11 8.45
N PHE A 117 23.19 -2.93 8.11
CA PHE A 117 23.98 -3.74 9.05
C PHE A 117 23.08 -4.79 9.77
N MET A 1 -25.51 15.70 12.53
CA MET A 1 -24.53 14.67 12.09
C MET A 1 -23.85 15.10 10.78
N SER A 2 -22.61 14.64 10.58
CA SER A 2 -21.76 14.99 9.43
C SER A 2 -22.37 14.47 8.10
N GLY A 3 -22.15 15.24 7.01
CA GLY A 3 -22.58 14.84 5.65
C GLY A 3 -21.94 13.54 5.20
N SER A 4 -20.65 13.41 5.54
CA SER A 4 -19.87 12.18 5.33
C SER A 4 -20.06 11.22 6.54
N HIS A 5 -21.34 10.90 6.81
CA HIS A 5 -21.76 10.08 7.96
C HIS A 5 -21.35 8.59 7.79
N HIS A 6 -20.92 8.22 6.56
CA HIS A 6 -20.34 6.90 6.26
C HIS A 6 -18.83 6.94 6.61
N HIS A 7 -18.56 7.32 7.88
CA HIS A 7 -17.22 7.68 8.40
C HIS A 7 -16.30 6.45 8.51
N HIS A 8 -16.92 5.27 8.72
CA HIS A 8 -16.21 3.97 8.77
C HIS A 8 -15.74 3.57 7.37
N HIS A 9 -16.56 3.95 6.35
CA HIS A 9 -16.28 3.68 4.92
C HIS A 9 -16.14 2.18 4.62
N HIS A 10 -16.91 1.32 5.34
CA HIS A 10 -16.88 -0.15 5.14
C HIS A 10 -17.61 -0.51 3.81
N SER A 11 -16.89 -0.24 2.69
CA SER A 11 -17.37 -0.36 1.30
C SER A 11 -16.32 0.30 0.39
N SER A 12 -16.00 -0.33 -0.75
CA SER A 12 -15.06 0.24 -1.73
C SER A 12 -15.85 1.08 -2.77
N GLY A 13 -16.00 2.39 -2.47
CA GLY A 13 -16.66 3.35 -3.35
C GLY A 13 -15.68 3.94 -4.35
N ILE A 14 -15.24 3.11 -5.30
CA ILE A 14 -14.27 3.49 -6.34
C ILE A 14 -14.42 2.53 -7.54
N GLU A 15 -14.08 3.02 -8.75
CA GLU A 15 -14.23 2.28 -10.02
C GLU A 15 -13.61 3.08 -11.18
N GLY A 16 -13.70 4.42 -11.09
CA GLY A 16 -13.01 5.33 -11.99
C GLY A 16 -11.57 5.55 -11.56
N ARG A 17 -10.78 4.47 -11.58
CA ARG A 17 -9.42 4.45 -11.05
C ARG A 17 -8.43 4.95 -12.10
N GLY A 18 -8.54 4.40 -13.32
CA GLY A 18 -7.63 4.73 -14.41
C GLY A 18 -8.31 4.60 -15.76
N ARG A 19 -8.69 5.75 -16.34
CA ARG A 19 -9.25 5.82 -17.71
C ARG A 19 -8.11 5.78 -18.73
N MET A 20 -7.06 6.59 -18.46
CA MET A 20 -5.85 6.66 -19.29
C MET A 20 -4.72 5.82 -18.66
N LYS A 21 -4.60 5.92 -17.31
CA LYS A 21 -3.51 5.24 -16.55
C LYS A 21 -3.95 3.82 -16.18
N LYS A 22 -3.40 2.83 -16.89
CA LYS A 22 -3.68 1.41 -16.66
C LYS A 22 -3.08 0.95 -15.31
N LYS A 23 -3.93 0.79 -14.29
CA LYS A 23 -3.51 0.49 -12.91
C LYS A 23 -4.35 -0.65 -12.33
N GLN A 24 -3.77 -1.37 -11.36
CA GLN A 24 -4.30 -2.65 -10.83
C GLN A 24 -5.52 -2.44 -9.93
N ILE A 25 -6.61 -3.13 -10.24
CA ILE A 25 -7.87 -3.09 -9.46
C ILE A 25 -7.77 -4.09 -8.28
N GLU A 26 -7.27 -5.32 -8.58
CA GLU A 26 -7.23 -6.45 -7.63
C GLU A 26 -6.32 -6.15 -6.42
N PHE A 27 -5.03 -5.88 -6.73
CA PHE A 27 -3.96 -5.66 -5.72
C PHE A 27 -4.23 -4.38 -4.91
N GLU A 28 -4.89 -3.40 -5.57
CA GLU A 28 -5.21 -2.10 -4.96
C GLU A 28 -6.33 -2.29 -3.93
N ASN A 29 -7.36 -3.11 -4.29
CA ASN A 29 -8.48 -3.43 -3.38
C ASN A 29 -7.98 -4.18 -2.16
N GLU A 30 -7.04 -5.12 -2.38
CA GLU A 30 -6.49 -5.98 -1.31
C GLU A 30 -5.68 -5.11 -0.31
N LEU A 31 -4.82 -4.23 -0.87
CA LEU A 31 -3.91 -3.36 -0.05
C LEU A 31 -4.74 -2.36 0.75
N ARG A 32 -5.75 -1.77 0.08
CA ARG A 32 -6.57 -0.70 0.64
C ARG A 32 -7.51 -1.27 1.73
N SER A 33 -7.94 -2.54 1.53
CA SER A 33 -8.85 -3.25 2.46
C SER A 33 -8.18 -3.49 3.82
N MET A 34 -6.93 -3.96 3.80
CA MET A 34 -6.15 -4.21 5.05
C MET A 34 -5.79 -2.87 5.70
N LEU A 35 -5.53 -1.86 4.85
CA LEU A 35 -5.21 -0.49 5.34
C LEU A 35 -6.43 0.12 6.07
N ALA A 36 -7.65 -0.25 5.62
CA ALA A 36 -8.91 0.16 6.26
C ALA A 36 -9.00 -0.34 7.71
N THR A 37 -8.67 -1.64 7.90
CA THR A 37 -8.59 -2.26 9.23
C THR A 37 -7.53 -1.57 10.10
N ALA A 38 -6.37 -1.27 9.48
CA ALA A 38 -5.20 -0.69 10.16
C ALA A 38 -5.48 0.72 10.70
N LEU A 39 -6.30 1.53 9.98
CA LEU A 39 -6.71 2.87 10.47
C LEU A 39 -7.76 2.77 11.60
N GLU A 40 -8.47 1.63 11.69
CA GLU A 40 -9.36 1.35 12.83
C GLU A 40 -8.54 0.87 14.04
N LYS A 41 -7.40 0.23 13.77
CA LYS A 41 -6.48 -0.27 14.81
C LYS A 41 -5.63 0.88 15.40
N ASP A 42 -5.10 0.67 16.62
CA ASP A 42 -4.21 1.65 17.29
C ASP A 42 -2.86 1.69 16.60
N ILE A 43 -2.63 2.78 15.85
CA ILE A 43 -1.38 3.03 15.10
C ILE A 43 -0.78 4.37 15.55
N SER A 44 0.57 4.42 15.66
CA SER A 44 1.32 5.64 16.05
C SER A 44 1.18 6.74 14.97
N GLN A 45 1.34 8.04 15.36
CA GLN A 45 1.29 9.22 14.44
C GLN A 45 2.04 8.99 13.09
N GLU A 46 3.22 8.33 13.13
CA GLU A 46 4.10 8.11 11.96
C GLU A 46 3.55 6.99 11.04
N GLU A 47 2.76 6.09 11.64
CA GLU A 47 2.22 4.88 10.97
C GLU A 47 0.95 5.34 10.22
N ARG A 48 0.15 6.17 10.92
CA ARG A 48 -1.02 6.86 10.36
C ARG A 48 -0.59 7.76 9.18
N ASN A 49 0.57 8.45 9.37
CA ASN A 49 1.15 9.38 8.39
C ASN A 49 1.45 8.64 7.06
N ALA A 50 2.21 7.54 7.13
CA ALA A 50 2.67 6.82 5.92
C ALA A 50 1.53 6.09 5.20
N LEU A 51 0.50 5.61 5.94
CA LEU A 51 -0.71 5.00 5.30
C LEU A 51 -1.61 6.09 4.67
N ASN A 52 -1.60 7.32 5.24
CA ASN A 52 -2.28 8.49 4.63
C ASN A 52 -1.59 8.88 3.32
N ILE A 53 -0.23 8.87 3.34
CA ILE A 53 0.61 9.16 2.16
C ILE A 53 0.32 8.12 1.07
N ALA A 54 0.17 6.85 1.50
CA ALA A 54 -0.15 5.71 0.62
C ALA A 54 -1.45 5.97 -0.16
N GLU A 55 -2.56 6.20 0.58
CA GLU A 55 -3.93 6.31 0.01
C GLU A 55 -4.02 7.51 -0.95
N LYS A 56 -3.50 8.66 -0.50
CA LYS A 56 -3.62 9.93 -1.25
C LYS A 56 -2.86 9.84 -2.58
N ALA A 57 -1.77 9.05 -2.56
CA ALA A 57 -0.94 8.78 -3.73
C ALA A 57 -1.62 7.76 -4.68
N LEU A 58 -2.37 6.77 -4.12
CA LEU A 58 -3.15 5.79 -4.94
C LEU A 58 -4.20 6.54 -5.79
N ASP A 59 -4.85 7.55 -5.17
CA ASP A 59 -5.85 8.43 -5.83
C ASP A 59 -5.19 9.31 -6.91
N ASN A 60 -4.01 9.86 -6.58
CA ASN A 60 -3.21 10.69 -7.51
C ASN A 60 -2.44 9.81 -8.53
N SER A 61 -2.49 8.46 -8.35
CA SER A 61 -1.96 7.49 -9.32
C SER A 61 -0.42 7.63 -9.48
N GLU A 62 0.26 7.91 -8.35
CA GLU A 62 1.72 8.12 -8.29
C GLU A 62 2.52 6.78 -8.25
N TYR A 63 2.00 5.80 -9.02
CA TYR A 63 2.69 4.55 -9.45
C TYR A 63 2.69 3.48 -8.34
N LEU A 64 2.51 2.22 -8.79
CA LEU A 64 2.27 1.07 -7.87
C LEU A 64 3.60 0.64 -7.20
N PRO A 65 4.74 0.41 -7.96
CA PRO A 65 6.02 0.02 -7.35
C PRO A 65 6.70 1.21 -6.62
N LYS A 66 6.22 2.44 -6.94
CA LYS A 66 6.73 3.68 -6.34
C LYS A 66 6.19 3.81 -4.92
N ILE A 67 4.89 3.54 -4.74
CA ILE A 67 4.22 3.65 -3.44
C ILE A 67 4.54 2.42 -2.56
N ILE A 68 4.76 1.27 -3.21
CA ILE A 68 5.24 0.06 -2.52
C ILE A 68 6.66 0.33 -1.96
N LEU A 69 7.51 0.99 -2.78
CA LEU A 69 8.86 1.39 -2.37
C LEU A 69 8.80 2.37 -1.18
N ASN A 70 7.97 3.42 -1.36
CA ASN A 70 7.85 4.53 -0.41
C ASN A 70 7.30 4.05 0.95
N LEU A 71 6.31 3.16 0.91
CA LEU A 71 5.66 2.61 2.12
C LEU A 71 6.63 1.63 2.80
N ARG A 72 7.43 0.91 1.99
CA ARG A 72 8.46 -0.02 2.49
C ARG A 72 9.64 0.79 3.09
N LYS A 73 9.90 2.01 2.58
CA LYS A 73 11.01 2.86 3.07
C LYS A 73 10.56 3.68 4.29
N ALA A 74 9.24 3.78 4.47
CA ALA A 74 8.65 4.34 5.70
C ALA A 74 8.63 3.28 6.82
N LEU A 75 8.25 2.02 6.50
CA LEU A 75 8.05 0.97 7.55
C LEU A 75 9.36 0.26 7.95
N THR A 76 10.31 0.06 7.00
CA THR A 76 11.55 -0.72 7.28
C THR A 76 12.44 -0.09 8.40
N PRO A 77 12.74 1.27 8.45
CA PRO A 77 13.53 1.84 9.57
C PRO A 77 12.85 1.62 10.94
N LEU A 78 11.51 1.82 10.97
CA LEU A 78 10.70 1.61 12.20
C LEU A 78 10.70 0.13 12.60
N ALA A 79 10.81 -0.75 11.59
CA ALA A 79 10.87 -2.21 11.76
C ALA A 79 12.19 -2.61 12.42
N ILE A 80 13.31 -2.02 11.93
CA ILE A 80 14.66 -2.32 12.42
C ILE A 80 14.81 -1.86 13.90
N ASN A 81 14.19 -0.72 14.24
CA ASN A 81 14.12 -0.25 15.63
C ASN A 81 13.05 -1.05 16.44
N ARG A 82 12.11 -1.70 15.70
CA ARG A 82 11.05 -2.56 16.28
C ARG A 82 10.08 -1.75 17.18
N THR A 83 9.43 -0.71 16.61
CA THR A 83 8.45 0.13 17.35
C THR A 83 7.05 0.09 16.70
N LEU A 84 6.97 -0.47 15.46
CA LEU A 84 5.71 -0.54 14.69
C LEU A 84 4.81 -1.56 15.41
N ASN A 85 3.55 -1.13 15.71
CA ASN A 85 2.48 -1.93 16.44
C ASN A 85 2.51 -3.44 16.11
N HIS A 86 2.90 -3.79 14.86
CA HIS A 86 3.15 -5.19 14.37
C HIS A 86 1.82 -5.91 14.03
N ASP A 87 0.69 -5.26 14.33
CA ASP A 87 -0.67 -5.81 14.09
C ASP A 87 -1.03 -5.82 12.56
N LEU A 88 -0.26 -5.10 11.70
CA LEU A 88 -0.47 -5.12 10.23
C LEU A 88 0.84 -5.46 9.50
N SER A 89 1.67 -6.32 10.10
CA SER A 89 2.91 -6.82 9.45
C SER A 89 2.57 -7.63 8.17
N GLU A 90 1.31 -8.14 8.14
CA GLU A 90 0.70 -8.80 6.97
C GLU A 90 0.82 -7.94 5.69
N LEU A 91 0.70 -6.60 5.85
CA LEU A 91 0.79 -5.63 4.75
C LEU A 91 2.23 -5.53 4.22
N TYR A 92 3.20 -5.44 5.16
CA TYR A 92 4.64 -5.38 4.85
C TYR A 92 5.07 -6.66 4.10
N LYS A 93 4.48 -7.79 4.49
CA LYS A 93 4.79 -9.12 3.91
C LYS A 93 4.00 -9.34 2.60
N PHE A 94 2.85 -8.66 2.46
CA PHE A 94 2.00 -8.76 1.27
C PHE A 94 2.68 -8.06 0.07
N ILE A 95 3.30 -6.90 0.31
CA ILE A 95 3.98 -6.15 -0.78
C ILE A 95 5.32 -6.84 -1.20
N THR A 96 5.71 -7.93 -0.47
CA THR A 96 6.88 -8.77 -0.82
C THR A 96 6.42 -10.21 -1.19
N SER A 97 5.10 -10.42 -1.36
CA SER A 97 4.54 -11.73 -1.74
C SER A 97 4.79 -12.04 -3.23
N SER A 98 4.50 -13.29 -3.62
CA SER A 98 4.78 -13.83 -4.98
C SER A 98 4.06 -13.04 -6.10
N LYS A 99 2.96 -12.36 -5.75
CA LYS A 99 2.15 -11.54 -6.69
C LYS A 99 3.01 -10.39 -7.26
N ALA A 100 3.79 -9.75 -6.37
CA ALA A 100 4.65 -8.61 -6.69
C ALA A 100 6.07 -9.07 -7.09
N SER A 101 6.56 -10.11 -6.39
CA SER A 101 7.98 -10.49 -6.41
C SER A 101 8.33 -11.46 -7.57
N ASN A 102 7.65 -12.63 -7.61
CA ASN A 102 7.92 -13.68 -8.62
C ASN A 102 7.58 -13.17 -10.03
N LYS A 103 6.35 -12.68 -10.17
CA LYS A 103 5.86 -12.11 -11.44
C LYS A 103 6.34 -10.66 -11.57
N ASN A 104 6.25 -10.11 -12.79
CA ASN A 104 6.35 -8.64 -13.01
C ASN A 104 5.19 -7.99 -12.25
N LEU A 105 5.49 -6.86 -11.59
CA LEU A 105 4.54 -6.14 -10.71
C LEU A 105 3.22 -5.80 -11.45
N GLY A 106 3.34 -5.46 -12.75
CA GLY A 106 2.17 -5.18 -13.60
C GLY A 106 2.00 -3.69 -13.82
N GLY A 107 2.71 -3.14 -14.81
CA GLY A 107 2.63 -1.72 -15.16
C GLY A 107 3.60 -0.90 -14.35
N GLY A 108 4.83 -1.42 -14.20
CA GLY A 108 5.87 -0.79 -13.41
C GLY A 108 7.10 -1.67 -13.36
N LEU A 109 7.81 -1.73 -14.51
CA LEU A 109 8.98 -2.62 -14.72
C LEU A 109 10.14 -2.24 -13.79
N ILE A 110 10.24 -0.92 -13.51
CA ILE A 110 11.33 -0.31 -12.70
C ILE A 110 12.66 -0.39 -13.47
N MET A 111 13.15 0.77 -13.90
CA MET A 111 14.43 0.88 -14.63
C MET A 111 15.58 1.05 -13.62
N SER A 112 15.94 -0.06 -12.94
CA SER A 112 16.94 -0.05 -11.85
C SER A 112 17.50 -1.48 -11.57
N TRP A 113 17.34 -2.40 -12.53
CA TRP A 113 17.81 -3.80 -12.40
C TRP A 113 18.25 -4.34 -13.78
N GLY A 114 18.73 -5.60 -13.79
CA GLY A 114 19.18 -6.28 -15.00
C GLY A 114 20.59 -5.85 -15.38
N ARG A 115 20.71 -5.24 -16.58
CA ARG A 115 21.96 -4.62 -17.04
C ARG A 115 22.02 -3.15 -16.60
N LEU A 116 20.83 -2.55 -16.34
CA LEU A 116 20.71 -1.16 -15.87
C LEU A 116 21.01 -1.10 -14.37
N PHE A 117 22.10 -0.43 -14.01
CA PHE A 117 22.45 -0.12 -12.61
C PHE A 117 22.79 1.40 -12.53
N MET A 1 -11.59 8.03 23.03
CA MET A 1 -12.28 6.75 23.31
C MET A 1 -12.90 6.20 22.03
N SER A 2 -13.40 4.95 22.08
CA SER A 2 -13.96 4.24 20.91
C SER A 2 -15.40 4.70 20.61
N GLY A 3 -15.63 5.13 19.36
CA GLY A 3 -16.96 5.60 18.92
C GLY A 3 -16.88 6.78 17.97
N SER A 4 -15.74 6.93 17.27
CA SER A 4 -15.57 7.97 16.26
C SER A 4 -16.38 7.60 15.00
N HIS A 5 -17.53 8.29 14.81
CA HIS A 5 -18.37 8.09 13.62
C HIS A 5 -17.60 8.53 12.36
N HIS A 6 -17.73 7.72 11.30
CA HIS A 6 -17.06 7.93 10.03
C HIS A 6 -17.73 7.09 8.94
N HIS A 7 -17.19 7.18 7.72
CA HIS A 7 -17.63 6.38 6.58
C HIS A 7 -17.01 4.96 6.65
N HIS A 8 -17.70 4.06 7.36
CA HIS A 8 -17.30 2.64 7.50
C HIS A 8 -18.02 1.74 6.47
N HIS A 9 -18.94 2.33 5.69
CA HIS A 9 -19.66 1.62 4.61
C HIS A 9 -18.71 1.45 3.42
N HIS A 10 -17.95 0.34 3.39
CA HIS A 10 -16.96 0.08 2.33
C HIS A 10 -17.66 -0.23 1.00
N SER A 11 -17.82 0.81 0.17
CA SER A 11 -18.34 0.71 -1.20
C SER A 11 -17.25 0.20 -2.17
N SER A 12 -17.51 0.25 -3.49
CA SER A 12 -16.57 -0.20 -4.52
C SER A 12 -15.43 0.83 -4.71
N GLY A 13 -14.47 0.81 -3.77
CA GLY A 13 -13.30 1.68 -3.81
C GLY A 13 -12.35 1.27 -4.91
N ILE A 14 -12.61 1.79 -6.11
CA ILE A 14 -11.87 1.45 -7.34
C ILE A 14 -11.50 2.76 -8.06
N GLU A 15 -10.20 3.00 -8.17
CA GLU A 15 -9.62 4.10 -8.93
C GLU A 15 -8.68 3.53 -10.01
N GLY A 16 -8.83 2.20 -10.27
CA GLY A 16 -8.22 1.54 -11.43
C GLY A 16 -8.98 1.83 -12.71
N ARG A 17 -9.17 3.12 -12.99
CA ARG A 17 -9.99 3.65 -14.09
C ARG A 17 -9.12 3.97 -15.31
N GLY A 18 -7.80 3.81 -15.13
CA GLY A 18 -6.82 3.88 -16.18
C GLY A 18 -5.70 2.90 -15.89
N ARG A 19 -6.08 1.60 -15.77
CA ARG A 19 -5.24 0.48 -15.26
C ARG A 19 -3.81 0.43 -15.82
N MET A 20 -3.63 0.94 -17.06
CA MET A 20 -2.33 0.97 -17.75
C MET A 20 -1.22 1.61 -16.89
N LYS A 21 -1.61 2.63 -16.09
CA LYS A 21 -0.66 3.37 -15.21
C LYS A 21 -1.34 3.92 -13.95
N LYS A 22 -2.64 3.60 -13.73
CA LYS A 22 -3.45 4.13 -12.62
C LYS A 22 -4.29 3.01 -11.98
N LYS A 23 -3.68 2.36 -10.96
CA LYS A 23 -4.29 1.30 -10.12
C LYS A 23 -4.70 0.03 -10.91
N GLN A 24 -4.77 -1.09 -10.16
CA GLN A 24 -5.07 -2.43 -10.67
C GLN A 24 -6.07 -3.07 -9.70
N ILE A 25 -7.23 -3.50 -10.21
CA ILE A 25 -8.46 -3.70 -9.39
C ILE A 25 -8.25 -4.72 -8.26
N GLU A 26 -7.50 -5.80 -8.52
CA GLU A 26 -7.35 -6.93 -7.58
C GLU A 26 -6.45 -6.55 -6.38
N PHE A 27 -5.25 -6.05 -6.71
CA PHE A 27 -4.21 -5.71 -5.73
C PHE A 27 -4.62 -4.42 -4.98
N GLU A 28 -5.23 -3.47 -5.73
CA GLU A 28 -5.84 -2.27 -5.17
C GLU A 28 -6.96 -2.68 -4.18
N ASN A 29 -7.76 -3.71 -4.55
CA ASN A 29 -8.89 -4.17 -3.70
C ASN A 29 -8.36 -4.62 -2.33
N GLU A 30 -7.32 -5.47 -2.35
CA GLU A 30 -6.79 -6.11 -1.13
C GLU A 30 -6.00 -5.10 -0.27
N LEU A 31 -5.29 -4.16 -0.94
CA LEU A 31 -4.45 -3.14 -0.22
C LEU A 31 -5.35 -2.07 0.40
N ARG A 32 -6.26 -1.49 -0.42
CA ARG A 32 -7.28 -0.50 0.00
C ARG A 32 -8.12 -1.02 1.19
N SER A 33 -8.51 -2.32 1.14
CA SER A 33 -9.39 -2.91 2.16
C SER A 33 -8.65 -3.05 3.51
N MET A 34 -7.42 -3.62 3.47
CA MET A 34 -6.63 -3.87 4.70
C MET A 34 -6.06 -2.55 5.27
N LEU A 35 -5.82 -1.57 4.39
CA LEU A 35 -5.24 -0.25 4.79
C LEU A 35 -6.34 0.53 5.56
N ALA A 36 -7.58 0.47 5.02
CA ALA A 36 -8.76 1.07 5.67
C ALA A 36 -8.99 0.48 7.07
N THR A 37 -9.02 -0.88 7.14
CA THR A 37 -9.20 -1.61 8.40
C THR A 37 -8.10 -1.23 9.43
N ALA A 38 -6.86 -1.02 8.92
CA ALA A 38 -5.70 -0.62 9.74
C ALA A 38 -5.82 0.84 10.23
N LEU A 39 -6.51 1.71 9.46
CA LEU A 39 -6.81 3.11 9.90
C LEU A 39 -7.88 3.08 11.02
N GLU A 40 -8.77 2.07 10.94
CA GLU A 40 -9.82 1.82 11.95
C GLU A 40 -9.25 1.11 13.19
N LYS A 41 -8.08 0.45 13.01
CA LYS A 41 -7.29 -0.09 14.13
C LYS A 41 -6.45 1.03 14.79
N ASP A 42 -6.09 0.84 16.07
CA ASP A 42 -5.21 1.77 16.81
C ASP A 42 -3.78 1.70 16.22
N ILE A 43 -3.46 2.59 15.28
CA ILE A 43 -2.10 2.72 14.72
C ILE A 43 -1.41 3.96 15.31
N SER A 44 -0.11 3.80 15.68
CA SER A 44 0.70 4.85 16.35
C SER A 44 0.87 6.05 15.39
N GLN A 45 0.98 7.30 15.94
CA GLN A 45 1.08 8.59 15.15
C GLN A 45 1.96 8.49 13.87
N GLU A 46 3.08 7.75 13.98
CA GLU A 46 4.13 7.65 12.94
C GLU A 46 3.79 6.58 11.87
N GLU A 47 3.04 5.58 12.29
CA GLU A 47 2.60 4.45 11.46
C GLU A 47 1.35 4.88 10.67
N ARG A 48 0.54 5.72 11.35
CA ARG A 48 -0.56 6.47 10.77
C ARG A 48 -0.04 7.44 9.70
N ASN A 49 1.10 8.10 10.02
CA ASN A 49 1.80 9.03 9.10
C ASN A 49 2.13 8.31 7.77
N ALA A 50 2.66 7.07 7.89
CA ALA A 50 3.04 6.21 6.75
C ALA A 50 1.82 5.86 5.85
N LEU A 51 0.75 5.31 6.46
CA LEU A 51 -0.45 4.87 5.69
C LEU A 51 -1.27 6.07 5.14
N ASN A 52 -1.14 7.24 5.81
CA ASN A 52 -1.75 8.51 5.33
C ASN A 52 -1.06 9.01 4.06
N ILE A 53 0.30 8.96 4.05
CA ILE A 53 1.12 9.35 2.89
C ILE A 53 0.82 8.42 1.70
N ALA A 54 0.61 7.12 2.02
CA ALA A 54 0.22 6.09 1.04
C ALA A 54 -1.10 6.45 0.33
N GLU A 55 -2.16 6.65 1.13
CA GLU A 55 -3.54 6.81 0.62
C GLU A 55 -3.72 8.14 -0.13
N LYS A 56 -3.15 9.24 0.42
CA LYS A 56 -3.24 10.59 -0.20
C LYS A 56 -2.64 10.56 -1.62
N ALA A 57 -1.63 9.69 -1.77
CA ALA A 57 -0.92 9.50 -3.03
C ALA A 57 -1.65 8.53 -3.97
N LEU A 58 -2.42 7.56 -3.42
CA LEU A 58 -3.32 6.70 -4.26
C LEU A 58 -4.39 7.59 -4.94
N ASP A 59 -4.82 8.64 -4.23
CA ASP A 59 -5.77 9.67 -4.73
C ASP A 59 -5.09 10.55 -5.80
N ASN A 60 -3.84 11.00 -5.51
CA ASN A 60 -3.04 11.83 -6.45
C ASN A 60 -2.44 10.98 -7.60
N SER A 61 -2.54 9.63 -7.45
CA SER A 61 -2.08 8.65 -8.45
C SER A 61 -0.57 8.73 -8.73
N GLU A 62 0.21 8.76 -7.64
CA GLU A 62 1.70 8.83 -7.70
C GLU A 62 2.33 7.41 -7.83
N TYR A 63 1.65 6.57 -8.64
CA TYR A 63 2.10 5.25 -9.14
C TYR A 63 2.12 4.17 -8.04
N LEU A 64 1.78 2.93 -8.43
CA LEU A 64 1.66 1.82 -7.44
C LEU A 64 3.07 1.35 -7.00
N PRO A 65 4.01 1.03 -7.96
CA PRO A 65 5.40 0.61 -7.59
C PRO A 65 6.16 1.71 -6.81
N LYS A 66 5.81 2.99 -7.07
CA LYS A 66 6.46 4.15 -6.42
C LYS A 66 6.00 4.26 -4.96
N ILE A 67 4.69 4.06 -4.71
CA ILE A 67 4.10 4.13 -3.37
C ILE A 67 4.40 2.85 -2.57
N ILE A 68 4.62 1.72 -3.28
CA ILE A 68 5.07 0.47 -2.65
C ILE A 68 6.51 0.63 -2.13
N LEU A 69 7.37 1.29 -2.95
CA LEU A 69 8.74 1.67 -2.54
C LEU A 69 8.62 2.62 -1.33
N ASN A 70 7.76 3.65 -1.43
CA ASN A 70 7.64 4.73 -0.41
C ASN A 70 7.08 4.19 0.92
N LEU A 71 6.12 3.24 0.84
CA LEU A 71 5.42 2.71 2.03
C LEU A 71 6.40 1.75 2.73
N ARG A 72 7.25 1.08 1.92
CA ARG A 72 8.30 0.20 2.44
C ARG A 72 9.57 1.00 2.83
N LYS A 73 9.72 2.23 2.29
CA LYS A 73 10.84 3.13 2.65
C LYS A 73 10.53 3.76 4.01
N ALA A 74 9.23 3.78 4.35
CA ALA A 74 8.76 4.06 5.70
C ALA A 74 8.92 2.82 6.61
N LEU A 75 8.28 1.69 6.25
CA LEU A 75 8.10 0.53 7.17
C LEU A 75 9.36 -0.35 7.38
N THR A 76 10.25 -0.51 6.36
CA THR A 76 11.49 -1.30 6.54
C THR A 76 12.45 -0.66 7.60
N PRO A 77 12.83 0.69 7.54
CA PRO A 77 13.68 1.31 8.59
C PRO A 77 13.02 1.29 9.99
N LEU A 78 11.68 1.49 10.05
CA LEU A 78 10.93 1.49 11.33
C LEU A 78 10.85 0.07 11.94
N ALA A 79 10.86 -0.96 11.06
CA ALA A 79 10.88 -2.36 11.46
C ALA A 79 12.26 -2.72 12.05
N ILE A 80 13.35 -2.32 11.34
CA ILE A 80 14.75 -2.55 11.77
C ILE A 80 15.01 -1.88 13.14
N ASN A 81 14.49 -0.65 13.29
CA ASN A 81 14.57 0.10 14.56
C ASN A 81 13.60 -0.46 15.61
N ARG A 82 12.60 -1.25 15.15
CA ARG A 82 11.63 -1.96 16.01
C ARG A 82 10.78 -0.98 16.86
N THR A 83 10.03 -0.11 16.18
CA THR A 83 9.10 0.85 16.83
C THR A 83 7.73 0.90 16.10
N LEU A 84 7.58 0.07 15.05
CA LEU A 84 6.29 -0.12 14.35
C LEU A 84 5.35 -0.96 15.26
N ASN A 85 4.01 -0.79 15.16
CA ASN A 85 3.07 -1.58 16.02
C ASN A 85 3.02 -3.04 15.52
N HIS A 86 3.22 -3.21 14.19
CA HIS A 86 3.48 -4.53 13.55
C HIS A 86 2.21 -5.41 13.53
N ASP A 87 1.07 -4.83 13.98
CA ASP A 87 -0.23 -5.54 14.04
C ASP A 87 -0.88 -5.66 12.62
N LEU A 88 -0.23 -5.02 11.60
CA LEU A 88 -0.56 -5.20 10.17
C LEU A 88 0.70 -5.65 9.43
N SER A 89 1.46 -6.58 10.06
CA SER A 89 2.67 -7.18 9.46
C SER A 89 2.34 -7.89 8.12
N GLU A 90 1.05 -8.31 7.95
CA GLU A 90 0.55 -8.95 6.71
C GLU A 90 0.45 -7.94 5.54
N LEU A 91 0.30 -6.63 5.84
CA LEU A 91 0.30 -5.56 4.81
C LEU A 91 1.72 -5.42 4.24
N TYR A 92 2.72 -5.38 5.16
CA TYR A 92 4.14 -5.26 4.80
C TYR A 92 4.60 -6.52 4.04
N LYS A 93 4.03 -7.67 4.45
CA LYS A 93 4.26 -8.98 3.82
C LYS A 93 3.56 -9.04 2.45
N PHE A 94 2.34 -8.48 2.38
CA PHE A 94 1.49 -8.50 1.17
C PHE A 94 2.20 -7.87 -0.03
N ILE A 95 2.79 -6.68 0.20
CA ILE A 95 3.49 -5.93 -0.87
C ILE A 95 4.83 -6.61 -1.26
N THR A 96 5.24 -7.69 -0.54
CA THR A 96 6.43 -8.50 -0.88
C THR A 96 6.03 -9.92 -1.32
N SER A 97 4.75 -10.29 -1.10
CA SER A 97 4.27 -11.67 -1.31
C SER A 97 3.96 -11.92 -2.80
N SER A 98 3.23 -10.98 -3.41
CA SER A 98 2.76 -11.10 -4.80
C SER A 98 3.77 -10.52 -5.82
N LYS A 99 5.08 -10.51 -5.47
CA LYS A 99 6.18 -10.00 -6.34
C LYS A 99 6.00 -8.50 -6.73
N ALA A 100 5.10 -7.83 -5.99
CA ALA A 100 4.64 -6.48 -6.28
C ALA A 100 5.65 -5.44 -5.77
N SER A 101 6.67 -5.20 -6.59
CA SER A 101 7.82 -4.36 -6.24
C SER A 101 7.81 -3.03 -7.00
N ASN A 102 8.87 -2.23 -6.81
CA ASN A 102 9.08 -0.97 -7.54
C ASN A 102 9.58 -1.28 -8.97
N LYS A 103 10.74 -1.94 -9.06
CA LYS A 103 11.40 -2.25 -10.35
C LYS A 103 10.52 -3.14 -11.24
N ASN A 104 9.74 -4.02 -10.61
CA ASN A 104 8.77 -4.89 -11.31
C ASN A 104 7.47 -4.95 -10.49
N LEU A 105 6.50 -4.10 -10.87
CA LEU A 105 5.16 -4.07 -10.27
C LEU A 105 4.39 -5.34 -10.66
N GLY A 106 3.75 -5.98 -9.66
CA GLY A 106 2.98 -7.20 -9.88
C GLY A 106 3.83 -8.38 -10.32
N GLY A 107 3.27 -9.23 -11.20
CA GLY A 107 3.94 -10.41 -11.72
C GLY A 107 4.13 -11.47 -10.67
N GLY A 108 3.06 -11.70 -9.89
CA GLY A 108 3.08 -12.67 -8.79
C GLY A 108 3.04 -14.09 -9.30
N LEU A 109 4.22 -14.60 -9.71
CA LEU A 109 4.40 -16.00 -10.13
C LEU A 109 4.19 -16.93 -8.94
N ILE A 110 4.70 -16.49 -7.78
CA ILE A 110 4.40 -17.10 -6.46
C ILE A 110 3.79 -16.00 -5.56
N MET A 111 3.05 -16.41 -4.52
CA MET A 111 2.48 -15.48 -3.51
C MET A 111 3.03 -15.78 -2.11
N SER A 112 3.75 -16.91 -1.96
CA SER A 112 4.33 -17.35 -0.67
C SER A 112 3.22 -17.52 0.40
N TRP A 113 2.50 -18.65 0.34
CA TRP A 113 1.38 -18.96 1.24
C TRP A 113 1.91 -19.61 2.54
N GLY A 114 2.20 -18.76 3.55
CA GLY A 114 2.77 -19.22 4.83
C GLY A 114 1.77 -19.91 5.74
N ARG A 115 0.48 -19.58 5.57
CA ARG A 115 -0.63 -20.17 6.36
C ARG A 115 -1.16 -21.47 5.67
N LEU A 116 -0.53 -21.81 4.49
CA LEU A 116 -1.04 -22.81 3.50
C LEU A 116 -2.24 -22.23 2.73
N PHE A 117 -3.30 -21.85 3.47
CA PHE A 117 -4.47 -21.13 2.94
C PHE A 117 -4.53 -19.74 3.62
N MET A 1 -29.66 -9.67 -12.16
CA MET A 1 -30.00 -8.31 -12.65
C MET A 1 -30.15 -7.36 -11.44
N SER A 2 -30.50 -6.09 -11.72
CA SER A 2 -30.79 -5.06 -10.70
C SER A 2 -32.06 -4.31 -11.08
N GLY A 3 -32.41 -3.25 -10.31
CA GLY A 3 -33.62 -2.45 -10.53
C GLY A 3 -33.75 -1.92 -11.96
N SER A 4 -32.69 -1.27 -12.45
CA SER A 4 -32.58 -0.81 -13.85
C SER A 4 -31.80 -1.84 -14.68
N HIS A 5 -32.00 -1.83 -16.01
CA HIS A 5 -31.36 -2.75 -16.95
C HIS A 5 -29.85 -2.50 -16.99
N HIS A 6 -29.07 -3.60 -17.09
CA HIS A 6 -27.60 -3.58 -17.07
C HIS A 6 -27.05 -2.84 -18.32
N HIS A 7 -26.53 -1.62 -18.10
CA HIS A 7 -26.04 -0.74 -19.19
C HIS A 7 -24.50 -0.76 -19.26
N HIS A 8 -23.93 -1.72 -20.02
CA HIS A 8 -22.47 -1.79 -20.27
C HIS A 8 -22.20 -2.37 -21.67
N HIS A 9 -22.70 -1.67 -22.72
CA HIS A 9 -22.43 -2.04 -24.12
C HIS A 9 -20.92 -1.85 -24.40
N HIS A 10 -20.17 -2.97 -24.42
CA HIS A 10 -18.70 -3.00 -24.32
C HIS A 10 -18.26 -2.39 -22.98
N SER A 11 -18.03 -3.25 -21.97
CA SER A 11 -17.72 -2.86 -20.58
C SER A 11 -16.41 -2.05 -20.48
N SER A 12 -16.52 -0.73 -20.70
CA SER A 12 -15.40 0.22 -20.71
C SER A 12 -15.92 1.63 -20.36
N GLY A 13 -15.35 2.23 -19.30
CA GLY A 13 -15.68 3.59 -18.90
C GLY A 13 -14.81 4.61 -19.62
N ILE A 14 -13.50 4.59 -19.29
CA ILE A 14 -12.50 5.53 -19.86
C ILE A 14 -11.08 5.04 -19.48
N GLU A 15 -10.24 4.84 -20.52
CA GLU A 15 -8.81 4.45 -20.39
C GLU A 15 -8.20 4.33 -21.81
N GLY A 16 -6.99 4.87 -21.97
CA GLY A 16 -6.20 4.69 -23.19
C GLY A 16 -4.99 3.82 -22.91
N ARG A 17 -4.37 4.07 -21.73
CA ARG A 17 -3.22 3.30 -21.24
C ARG A 17 -3.70 2.00 -20.57
N GLY A 18 -2.77 1.04 -20.44
CA GLY A 18 -3.08 -0.27 -19.88
C GLY A 18 -3.51 -0.18 -18.43
N ARG A 19 -4.70 -0.73 -18.13
CA ARG A 19 -5.34 -0.69 -16.80
C ARG A 19 -4.38 -1.22 -15.71
N MET A 20 -3.87 -2.42 -15.95
CA MET A 20 -2.97 -3.13 -15.03
C MET A 20 -1.56 -2.51 -15.03
N LYS A 21 -1.15 -1.95 -16.19
CA LYS A 21 0.13 -1.20 -16.35
C LYS A 21 0.16 0.01 -15.41
N LYS A 22 -1.01 0.67 -15.26
CA LYS A 22 -1.23 1.77 -14.34
C LYS A 22 -1.47 1.20 -12.92
N LYS A 23 -2.73 0.88 -12.63
CA LYS A 23 -3.17 0.41 -11.31
C LYS A 23 -4.22 -0.71 -11.51
N GLN A 24 -3.86 -1.93 -11.10
CA GLN A 24 -4.75 -3.10 -11.11
C GLN A 24 -5.95 -2.81 -10.19
N ILE A 25 -7.18 -3.08 -10.66
CA ILE A 25 -8.41 -2.73 -9.93
C ILE A 25 -8.51 -3.62 -8.68
N GLU A 26 -8.32 -4.95 -8.87
CA GLU A 26 -8.42 -5.94 -7.78
C GLU A 26 -7.33 -5.70 -6.71
N PHE A 27 -6.07 -5.51 -7.18
CA PHE A 27 -4.91 -5.33 -6.28
C PHE A 27 -5.06 -4.04 -5.46
N GLU A 28 -5.54 -2.96 -6.11
CA GLU A 28 -5.75 -1.66 -5.47
C GLU A 28 -6.86 -1.79 -4.42
N ASN A 29 -7.91 -2.58 -4.74
CA ASN A 29 -9.04 -2.84 -3.83
C ASN A 29 -8.57 -3.62 -2.60
N GLU A 30 -7.64 -4.57 -2.80
CA GLU A 30 -7.15 -5.48 -1.72
C GLU A 30 -6.24 -4.71 -0.74
N LEU A 31 -5.35 -3.88 -1.30
CA LEU A 31 -4.41 -3.02 -0.48
C LEU A 31 -5.23 -2.02 0.33
N ARG A 32 -6.13 -1.30 -0.37
CA ARG A 32 -6.92 -0.20 0.19
C ARG A 32 -7.94 -0.74 1.23
N SER A 33 -8.39 -2.00 1.04
CA SER A 33 -9.37 -2.67 1.94
C SER A 33 -8.75 -2.97 3.32
N MET A 34 -7.51 -3.52 3.33
CA MET A 34 -6.79 -3.85 4.59
C MET A 34 -6.28 -2.56 5.25
N LEU A 35 -5.95 -1.57 4.42
CA LEU A 35 -5.45 -0.26 4.89
C LEU A 35 -6.59 0.47 5.66
N ALA A 36 -7.84 0.34 5.13
CA ALA A 36 -9.06 0.85 5.77
C ALA A 36 -9.21 0.29 7.19
N THR A 37 -9.05 -1.05 7.30
CA THR A 37 -9.14 -1.79 8.56
C THR A 37 -8.11 -1.25 9.58
N ALA A 38 -6.87 -1.01 9.10
CA ALA A 38 -5.77 -0.48 9.92
C ALA A 38 -6.03 0.97 10.36
N LEU A 39 -6.83 1.74 9.57
CA LEU A 39 -7.25 3.12 9.96
C LEU A 39 -8.27 3.06 11.12
N GLU A 40 -9.04 1.95 11.22
CA GLU A 40 -9.98 1.72 12.33
C GLU A 40 -9.27 1.06 13.53
N LYS A 41 -8.15 0.36 13.26
CA LYS A 41 -7.29 -0.22 14.30
C LYS A 41 -6.42 0.86 14.95
N ASP A 42 -6.07 0.69 16.24
CA ASP A 42 -5.19 1.61 16.98
C ASP A 42 -3.76 1.53 16.39
N ILE A 43 -3.34 2.55 15.62
CA ILE A 43 -2.02 2.54 14.93
C ILE A 43 -1.10 3.65 15.45
N SER A 44 0.21 3.37 15.32
CA SER A 44 1.30 4.26 15.81
C SER A 44 1.37 5.54 14.93
N GLN A 45 1.69 6.70 15.56
CA GLN A 45 1.64 8.05 14.92
C GLN A 45 2.39 8.15 13.56
N GLU A 46 3.61 7.56 13.48
CA GLU A 46 4.50 7.64 12.30
C GLU A 46 4.04 6.67 11.19
N GLU A 47 3.27 5.68 11.62
CA GLU A 47 2.73 4.62 10.75
C GLU A 47 1.40 5.13 10.16
N ARG A 48 0.67 5.94 10.97
CA ARG A 48 -0.53 6.66 10.55
C ARG A 48 -0.14 7.71 9.49
N ASN A 49 1.03 8.36 9.72
CA ASN A 49 1.64 9.30 8.74
C ASN A 49 1.88 8.57 7.40
N ALA A 50 2.50 7.36 7.50
CA ALA A 50 2.87 6.54 6.32
C ALA A 50 1.64 6.13 5.47
N LEU A 51 0.56 5.65 6.14
CA LEU A 51 -0.65 5.17 5.44
C LEU A 51 -1.55 6.35 4.95
N ASN A 52 -1.46 7.52 5.63
CA ASN A 52 -2.13 8.76 5.17
C ASN A 52 -1.48 9.27 3.89
N ILE A 53 -0.13 9.26 3.88
CA ILE A 53 0.69 9.65 2.71
C ILE A 53 0.43 8.65 1.57
N ALA A 54 0.23 7.37 1.94
CA ALA A 54 -0.04 6.26 1.00
C ALA A 54 -1.35 6.51 0.24
N GLU A 55 -2.46 6.68 1.00
CA GLU A 55 -3.82 6.78 0.43
C GLU A 55 -4.01 8.06 -0.39
N LYS A 56 -3.57 9.21 0.16
CA LYS A 56 -3.70 10.52 -0.54
C LYS A 56 -2.90 10.52 -1.84
N ALA A 57 -1.80 9.73 -1.85
CA ALA A 57 -0.95 9.56 -3.04
C ALA A 57 -1.63 8.63 -4.08
N LEU A 58 -2.36 7.56 -3.60
CA LEU A 58 -3.11 6.64 -4.50
C LEU A 58 -4.13 7.45 -5.32
N ASP A 59 -4.90 8.29 -4.61
CA ASP A 59 -5.95 9.15 -5.22
C ASP A 59 -5.33 10.26 -6.10
N ASN A 60 -4.12 10.73 -5.73
CA ASN A 60 -3.38 11.73 -6.53
C ASN A 60 -2.57 11.05 -7.67
N SER A 61 -2.58 9.69 -7.69
CA SER A 61 -2.03 8.85 -8.79
C SER A 61 -0.50 9.02 -8.89
N GLU A 62 0.15 9.08 -7.73
CA GLU A 62 1.61 9.22 -7.58
C GLU A 62 2.34 7.85 -7.67
N TYR A 63 1.75 6.92 -8.47
CA TYR A 63 2.35 5.66 -8.95
C TYR A 63 2.49 4.60 -7.85
N LEU A 64 1.78 3.45 -8.02
CA LEU A 64 1.86 2.31 -7.07
C LEU A 64 3.34 1.86 -6.84
N PRO A 65 4.21 1.68 -7.92
CA PRO A 65 5.65 1.37 -7.71
C PRO A 65 6.37 2.39 -6.80
N LYS A 66 6.07 3.70 -7.01
CA LYS A 66 6.66 4.79 -6.21
C LYS A 66 6.23 4.67 -4.74
N ILE A 67 4.94 4.39 -4.51
CA ILE A 67 4.31 4.42 -3.17
C ILE A 67 4.58 3.12 -2.39
N ILE A 68 4.77 2.01 -3.12
CA ILE A 68 5.14 0.72 -2.53
C ILE A 68 6.59 0.79 -2.05
N LEU A 69 7.45 1.44 -2.86
CA LEU A 69 8.85 1.73 -2.50
C LEU A 69 8.87 2.72 -1.29
N ASN A 70 8.04 3.78 -1.38
CA ASN A 70 8.00 4.87 -0.38
C ASN A 70 7.46 4.37 0.99
N LEU A 71 6.45 3.48 0.95
CA LEU A 71 5.83 2.93 2.17
C LEU A 71 6.79 1.93 2.80
N ARG A 72 7.42 1.09 1.94
CA ARG A 72 8.45 0.15 2.38
C ARG A 72 9.68 0.92 2.93
N LYS A 73 9.90 2.16 2.46
CA LYS A 73 11.01 3.01 2.93
C LYS A 73 10.62 3.69 4.25
N ALA A 74 9.30 3.87 4.46
CA ALA A 74 8.76 4.44 5.70
C ALA A 74 8.57 3.37 6.79
N LEU A 75 8.50 2.06 6.40
CA LEU A 75 8.24 0.98 7.39
C LEU A 75 9.48 0.08 7.67
N THR A 76 10.35 -0.16 6.66
CA THR A 76 11.53 -1.04 6.84
C THR A 76 12.54 -0.53 7.92
N PRO A 77 12.98 0.80 7.96
CA PRO A 77 13.89 1.28 9.04
C PRO A 77 13.26 1.13 10.45
N LEU A 78 11.93 1.34 10.54
CA LEU A 78 11.18 1.20 11.81
C LEU A 78 11.03 -0.27 12.22
N ALA A 79 11.01 -1.17 11.20
CA ALA A 79 10.89 -2.63 11.40
C ALA A 79 12.22 -3.19 11.91
N ILE A 80 13.32 -2.80 11.24
CA ILE A 80 14.70 -3.19 11.62
C ILE A 80 15.03 -2.68 13.04
N ASN A 81 14.51 -1.48 13.37
CA ASN A 81 14.67 -0.89 14.72
C ASN A 81 13.66 -1.51 15.73
N ARG A 82 12.58 -2.13 15.20
CA ARG A 82 11.53 -2.79 16.02
C ARG A 82 10.80 -1.79 16.95
N THR A 83 10.15 -0.78 16.35
CA THR A 83 9.31 0.18 17.10
C THR A 83 7.88 0.24 16.49
N LEU A 84 7.69 -0.38 15.33
CA LEU A 84 6.42 -0.38 14.59
C LEU A 84 5.50 -1.45 15.21
N ASN A 85 4.23 -1.06 15.47
CA ASN A 85 3.25 -1.86 16.30
C ASN A 85 3.16 -3.35 15.84
N HIS A 86 3.28 -3.56 14.50
CA HIS A 86 3.46 -4.90 13.86
C HIS A 86 2.15 -5.71 13.83
N ASP A 87 1.04 -5.13 14.34
CA ASP A 87 -0.29 -5.78 14.34
C ASP A 87 -0.92 -5.82 12.90
N LEU A 88 -0.26 -5.14 11.92
CA LEU A 88 -0.58 -5.25 10.48
C LEU A 88 0.70 -5.62 9.70
N SER A 89 1.50 -6.53 10.30
CA SER A 89 2.69 -7.14 9.66
C SER A 89 2.35 -7.75 8.29
N GLU A 90 1.09 -8.22 8.15
CA GLU A 90 0.53 -8.79 6.93
C GLU A 90 0.58 -7.79 5.75
N LEU A 91 0.37 -6.49 6.03
CA LEU A 91 0.40 -5.42 4.98
C LEU A 91 1.82 -5.27 4.41
N TYR A 92 2.82 -5.29 5.33
CA TYR A 92 4.25 -5.22 4.95
C TYR A 92 4.65 -6.49 4.15
N LYS A 93 4.10 -7.64 4.57
CA LYS A 93 4.31 -8.95 3.92
C LYS A 93 3.58 -9.02 2.56
N PHE A 94 2.49 -8.24 2.44
CA PHE A 94 1.64 -8.19 1.25
C PHE A 94 2.38 -7.49 0.10
N ILE A 95 2.95 -6.28 0.36
CA ILE A 95 3.62 -5.50 -0.70
C ILE A 95 5.03 -6.08 -1.02
N THR A 96 5.49 -7.08 -0.23
CA THR A 96 6.75 -7.81 -0.50
C THR A 96 6.46 -9.15 -1.20
N SER A 97 5.19 -9.33 -1.63
CA SER A 97 4.74 -10.51 -2.39
C SER A 97 3.48 -10.12 -3.17
N SER A 98 2.55 -11.09 -3.43
CA SER A 98 1.23 -10.84 -4.05
C SER A 98 1.36 -10.37 -5.52
N LYS A 99 2.48 -10.80 -6.16
CA LYS A 99 2.91 -10.43 -7.54
C LYS A 99 3.52 -9.00 -7.59
N ALA A 100 3.43 -8.24 -6.49
CA ALA A 100 4.07 -6.91 -6.37
C ALA A 100 5.56 -7.10 -6.07
N SER A 101 5.85 -7.74 -4.90
CA SER A 101 7.20 -8.06 -4.41
C SER A 101 8.11 -6.82 -4.31
N ASN A 102 7.47 -5.62 -4.17
CA ASN A 102 8.12 -4.28 -4.17
C ASN A 102 9.22 -4.15 -5.25
N LYS A 103 8.99 -4.80 -6.41
CA LYS A 103 9.96 -4.89 -7.50
C LYS A 103 9.21 -4.77 -8.83
N ASN A 104 8.20 -5.66 -9.03
CA ASN A 104 7.31 -5.60 -10.22
C ASN A 104 6.53 -4.28 -10.22
N LEU A 105 5.85 -4.01 -9.10
CA LEU A 105 5.41 -2.65 -8.75
C LEU A 105 6.06 -2.33 -7.40
N GLY A 106 7.14 -1.55 -7.49
CA GLY A 106 7.90 -1.09 -6.34
C GLY A 106 9.23 -0.55 -6.81
N GLY A 107 9.96 -1.38 -7.57
CA GLY A 107 11.29 -1.04 -8.09
C GLY A 107 12.37 -0.97 -7.00
N GLY A 108 11.98 -1.37 -5.77
CA GLY A 108 12.84 -1.28 -4.60
C GLY A 108 13.77 -2.47 -4.47
N LEU A 109 15.09 -2.21 -4.57
CA LEU A 109 16.16 -3.21 -4.42
C LEU A 109 16.52 -3.38 -2.94
N ILE A 110 17.41 -4.36 -2.66
CA ILE A 110 17.93 -4.62 -1.30
C ILE A 110 18.70 -3.37 -0.81
N MET A 111 18.07 -2.64 0.13
CA MET A 111 18.47 -1.29 0.56
C MET A 111 18.35 -0.31 -0.62
N SER A 112 17.11 0.11 -0.90
CA SER A 112 16.80 1.09 -1.96
C SER A 112 17.23 2.50 -1.51
N TRP A 113 18.51 2.78 -1.72
CA TRP A 113 19.18 4.02 -1.29
C TRP A 113 20.38 4.28 -2.22
N GLY A 114 20.78 5.56 -2.31
CA GLY A 114 21.88 5.97 -3.18
C GLY A 114 21.37 6.37 -4.54
N ARG A 115 20.74 5.39 -5.23
CA ARG A 115 20.10 5.57 -6.54
C ARG A 115 18.59 5.35 -6.37
N LEU A 116 17.80 5.69 -7.41
CA LEU A 116 16.36 5.35 -7.46
C LEU A 116 16.21 3.83 -7.45
N PHE A 117 16.88 3.19 -8.43
CA PHE A 117 16.95 1.73 -8.59
C PHE A 117 18.16 1.21 -7.76
N MET A 1 -40.75 17.79 8.92
CA MET A 1 -39.77 18.31 9.91
C MET A 1 -38.46 18.66 9.19
N SER A 2 -37.78 19.71 9.70
CA SER A 2 -36.52 20.23 9.14
C SER A 2 -35.30 19.50 9.75
N GLY A 3 -34.48 18.87 8.87
CA GLY A 3 -33.25 18.19 9.27
C GLY A 3 -33.04 16.91 8.47
N SER A 4 -32.25 17.00 7.37
CA SER A 4 -31.99 15.85 6.49
C SER A 4 -30.77 15.04 6.99
N HIS A 5 -31.04 13.81 7.48
CA HIS A 5 -30.00 12.87 8.01
C HIS A 5 -29.25 12.18 6.83
N HIS A 6 -29.81 12.30 5.61
CA HIS A 6 -29.18 11.88 4.34
C HIS A 6 -29.01 10.35 4.24
N HIS A 7 -29.98 9.66 3.63
CA HIS A 7 -29.83 8.24 3.26
C HIS A 7 -28.90 8.18 2.03
N HIS A 8 -27.91 7.28 2.05
CA HIS A 8 -26.83 7.23 1.05
C HIS A 8 -26.05 8.57 1.08
N HIS A 9 -25.11 8.69 2.04
CA HIS A 9 -24.32 9.91 2.26
C HIS A 9 -23.41 10.19 1.06
N HIS A 10 -23.46 11.44 0.57
CA HIS A 10 -22.67 11.90 -0.58
C HIS A 10 -21.20 12.03 -0.16
N SER A 11 -20.47 10.91 -0.31
CA SER A 11 -19.03 10.85 -0.03
C SER A 11 -18.27 11.82 -0.95
N SER A 12 -17.58 12.78 -0.33
CA SER A 12 -16.87 13.85 -1.04
C SER A 12 -15.73 14.37 -0.13
N GLY A 13 -15.08 15.49 -0.52
CA GLY A 13 -13.99 16.09 0.26
C GLY A 13 -12.65 15.36 0.11
N ILE A 14 -12.68 14.25 -0.67
CA ILE A 14 -11.58 13.25 -0.84
C ILE A 14 -12.08 12.21 -1.86
N GLU A 15 -11.41 12.13 -3.02
CA GLU A 15 -11.83 11.28 -4.15
C GLU A 15 -10.59 10.61 -4.77
N GLY A 16 -10.84 9.70 -5.71
CA GLY A 16 -9.81 8.92 -6.39
C GLY A 16 -10.25 8.49 -7.76
N ARG A 17 -10.67 9.50 -8.55
CA ARG A 17 -11.17 9.32 -9.91
C ARG A 17 -10.03 8.83 -10.82
N GLY A 18 -10.01 7.51 -11.08
CA GLY A 18 -8.94 6.87 -11.82
C GLY A 18 -8.95 7.16 -13.31
N ARG A 19 -8.23 8.23 -13.70
CA ARG A 19 -8.05 8.62 -15.10
C ARG A 19 -7.12 7.61 -15.82
N MET A 20 -5.99 7.31 -15.15
CA MET A 20 -4.97 6.36 -15.63
C MET A 20 -5.47 4.91 -15.49
N LYS A 21 -6.31 4.69 -14.45
CA LYS A 21 -6.97 3.41 -14.11
C LYS A 21 -6.01 2.42 -13.38
N LYS A 22 -4.67 2.61 -13.53
CA LYS A 22 -3.63 1.74 -12.92
C LYS A 22 -3.74 0.27 -13.47
N LYS A 23 -3.02 -0.70 -12.85
CA LYS A 23 -2.84 -2.06 -13.46
C LYS A 23 -3.41 -3.20 -12.57
N GLN A 24 -2.96 -3.27 -11.29
CA GLN A 24 -3.28 -4.40 -10.38
C GLN A 24 -4.66 -4.21 -9.73
N ILE A 25 -5.60 -5.10 -10.07
CA ILE A 25 -6.98 -5.05 -9.54
C ILE A 25 -6.99 -5.70 -8.14
N GLU A 26 -6.51 -6.96 -8.08
CA GLU A 26 -6.52 -7.81 -6.87
C GLU A 26 -5.61 -7.24 -5.79
N PHE A 27 -4.37 -6.89 -6.20
CA PHE A 27 -3.31 -6.40 -5.31
C PHE A 27 -3.75 -5.07 -4.65
N GLU A 28 -4.39 -4.20 -5.46
CA GLU A 28 -4.87 -2.90 -5.00
C GLU A 28 -6.04 -3.06 -4.01
N ASN A 29 -7.01 -3.96 -4.34
CA ASN A 29 -8.23 -4.12 -3.53
C ASN A 29 -7.89 -4.73 -2.16
N GLU A 30 -6.94 -5.68 -2.16
CA GLU A 30 -6.51 -6.40 -0.94
C GLU A 30 -5.68 -5.47 -0.05
N LEU A 31 -4.81 -4.66 -0.70
CA LEU A 31 -3.92 -3.71 0.02
C LEU A 31 -4.79 -2.67 0.74
N ARG A 32 -5.78 -2.12 0.00
CA ARG A 32 -6.56 -0.99 0.46
C ARG A 32 -7.65 -1.43 1.48
N SER A 33 -8.16 -2.67 1.32
CA SER A 33 -9.18 -3.24 2.23
C SER A 33 -8.58 -3.51 3.62
N MET A 34 -7.29 -3.89 3.67
CA MET A 34 -6.58 -4.15 4.94
C MET A 34 -6.06 -2.83 5.54
N LEU A 35 -5.69 -1.87 4.66
CA LEU A 35 -5.27 -0.51 5.12
C LEU A 35 -6.49 0.21 5.74
N ALA A 36 -7.71 -0.14 5.24
CA ALA A 36 -8.98 0.32 5.79
C ALA A 36 -9.12 -0.05 7.28
N THR A 37 -8.88 -1.34 7.57
CA THR A 37 -8.92 -1.87 8.94
C THR A 37 -7.86 -1.20 9.83
N ALA A 38 -6.67 -0.97 9.24
CA ALA A 38 -5.54 -0.31 9.90
C ALA A 38 -5.82 1.19 10.17
N LEU A 39 -6.71 1.82 9.36
CA LEU A 39 -7.17 3.20 9.61
C LEU A 39 -8.17 3.22 10.79
N GLU A 40 -9.02 2.19 10.86
CA GLU A 40 -10.05 2.08 11.91
C GLU A 40 -9.43 1.71 13.27
N LYS A 41 -8.27 1.02 13.24
CA LYS A 41 -7.53 0.68 14.47
C LYS A 41 -6.54 1.79 14.83
N ASP A 42 -6.24 1.88 16.14
CA ASP A 42 -5.35 2.91 16.69
C ASP A 42 -3.88 2.59 16.39
N ILE A 43 -3.33 3.20 15.34
CA ILE A 43 -1.93 2.99 14.91
C ILE A 43 -1.04 4.17 15.37
N SER A 44 0.29 3.96 15.40
CA SER A 44 1.29 4.96 15.89
C SER A 44 1.34 6.18 14.95
N GLN A 45 1.70 7.38 15.48
CA GLN A 45 1.71 8.66 14.72
C GLN A 45 2.42 8.56 13.33
N GLU A 46 3.56 7.84 13.29
CA GLU A 46 4.40 7.74 12.07
C GLU A 46 3.81 6.70 11.08
N GLU A 47 3.02 5.77 11.63
CA GLU A 47 2.39 4.67 10.88
C GLU A 47 1.09 5.19 10.21
N ARG A 48 0.36 6.06 10.94
CA ARG A 48 -0.76 6.88 10.42
C ARG A 48 -0.27 7.76 9.27
N ASN A 49 0.87 8.44 9.51
CA ASN A 49 1.53 9.33 8.54
C ASN A 49 1.85 8.56 7.24
N ALA A 50 2.47 7.37 7.37
CA ALA A 50 2.89 6.53 6.25
C ALA A 50 1.70 6.02 5.40
N LEU A 51 0.65 5.49 6.06
CA LEU A 51 -0.54 4.93 5.36
C LEU A 51 -1.41 6.05 4.75
N ASN A 52 -1.36 7.27 5.32
CA ASN A 52 -2.00 8.47 4.74
C ASN A 52 -1.29 8.87 3.44
N ILE A 53 0.07 8.90 3.48
CA ILE A 53 0.93 9.21 2.31
C ILE A 53 0.63 8.21 1.17
N ALA A 54 0.47 6.94 1.58
CA ALA A 54 0.23 5.82 0.67
C ALA A 54 -1.12 5.98 -0.05
N GLU A 55 -2.21 6.13 0.73
CA GLU A 55 -3.59 6.15 0.21
C GLU A 55 -3.86 7.39 -0.65
N LYS A 56 -3.43 8.59 -0.17
CA LYS A 56 -3.63 9.86 -0.89
C LYS A 56 -2.97 9.80 -2.29
N ALA A 57 -1.85 9.05 -2.35
CA ALA A 57 -1.12 8.84 -3.59
C ALA A 57 -1.77 7.74 -4.46
N LEU A 58 -2.44 6.74 -3.83
CA LEU A 58 -3.23 5.71 -4.59
C LEU A 58 -4.38 6.41 -5.37
N ASP A 59 -5.00 7.41 -4.71
CA ASP A 59 -6.11 8.21 -5.28
C ASP A 59 -5.61 9.18 -6.35
N ASN A 60 -4.37 9.66 -6.19
CA ASN A 60 -3.70 10.51 -7.21
C ASN A 60 -3.00 9.63 -8.27
N SER A 61 -2.95 8.30 -8.00
CA SER A 61 -2.43 7.30 -8.93
C SER A 61 -0.96 7.53 -9.28
N GLU A 62 -0.19 7.94 -8.26
CA GLU A 62 1.27 8.17 -8.33
C GLU A 62 2.08 6.84 -8.25
N TYR A 63 1.52 5.81 -8.88
CA TYR A 63 2.20 4.56 -9.30
C TYR A 63 2.37 3.55 -8.15
N LEU A 64 2.12 2.28 -8.49
CA LEU A 64 2.05 1.17 -7.48
C LEU A 64 3.47 0.81 -7.03
N PRO A 65 4.48 0.59 -7.96
CA PRO A 65 5.89 0.36 -7.55
C PRO A 65 6.47 1.56 -6.78
N LYS A 66 6.01 2.79 -7.11
CA LYS A 66 6.48 4.01 -6.45
C LYS A 66 6.05 4.03 -4.96
N ILE A 67 4.79 3.63 -4.71
CA ILE A 67 4.19 3.65 -3.35
C ILE A 67 4.55 2.38 -2.55
N ILE A 68 4.88 1.29 -3.27
CA ILE A 68 5.47 0.09 -2.67
C ILE A 68 6.89 0.44 -2.15
N LEU A 69 7.58 1.31 -2.92
CA LEU A 69 8.88 1.87 -2.53
C LEU A 69 8.70 2.85 -1.36
N ASN A 70 7.61 3.67 -1.37
CA ASN A 70 7.34 4.67 -0.31
C ASN A 70 7.07 3.98 1.05
N LEU A 71 6.32 2.85 1.01
CA LEU A 71 5.97 2.09 2.23
C LEU A 71 7.17 1.23 2.67
N ARG A 72 7.99 0.78 1.70
CA ARG A 72 9.19 -0.01 2.00
C ARG A 72 10.35 0.92 2.45
N LYS A 73 10.29 2.23 2.11
CA LYS A 73 11.29 3.23 2.56
C LYS A 73 10.88 3.73 3.95
N ALA A 74 9.56 3.84 4.18
CA ALA A 74 8.99 4.34 5.46
C ALA A 74 9.03 3.26 6.57
N LEU A 75 8.53 2.05 6.24
CA LEU A 75 8.26 1.00 7.25
C LEU A 75 9.48 0.10 7.55
N THR A 76 10.45 -0.02 6.60
CA THR A 76 11.65 -0.84 6.83
C THR A 76 12.52 -0.33 8.03
N PRO A 77 12.89 1.01 8.16
CA PRO A 77 13.66 1.51 9.34
C PRO A 77 12.89 1.31 10.67
N LEU A 78 11.55 1.54 10.63
CA LEU A 78 10.69 1.42 11.83
C LEU A 78 10.54 -0.05 12.27
N ALA A 79 10.64 -0.97 11.29
CA ALA A 79 10.60 -2.43 11.54
C ALA A 79 11.87 -2.85 12.29
N ILE A 80 13.05 -2.45 11.74
CA ILE A 80 14.37 -2.77 12.32
C ILE A 80 14.52 -2.19 13.75
N ASN A 81 14.04 -0.95 13.91
CA ASN A 81 14.01 -0.24 15.21
C ASN A 81 12.94 -0.82 16.15
N ARG A 82 11.96 -1.55 15.56
CA ARG A 82 10.93 -2.32 16.32
C ARG A 82 10.02 -1.37 17.14
N THR A 83 9.35 -0.43 16.45
CA THR A 83 8.35 0.48 17.07
C THR A 83 7.08 0.59 16.19
N LEU A 84 6.98 -0.32 15.21
CA LEU A 84 5.79 -0.47 14.36
C LEU A 84 4.78 -1.36 15.11
N ASN A 85 3.47 -0.97 15.12
CA ASN A 85 2.42 -1.69 15.94
C ASN A 85 2.36 -3.20 15.59
N HIS A 86 2.70 -3.51 14.32
CA HIS A 86 2.95 -4.88 13.81
C HIS A 86 1.64 -5.64 13.51
N ASP A 87 0.50 -5.07 13.95
CA ASP A 87 -0.85 -5.67 13.77
C ASP A 87 -1.26 -5.74 12.26
N LEU A 88 -0.49 -5.07 11.36
CA LEU A 88 -0.66 -5.17 9.91
C LEU A 88 0.69 -5.54 9.28
N SER A 89 1.44 -6.44 9.94
CA SER A 89 2.74 -6.94 9.44
C SER A 89 2.55 -7.69 8.10
N GLU A 90 1.33 -8.24 7.90
CA GLU A 90 0.95 -8.94 6.67
C GLU A 90 0.82 -7.95 5.48
N LEU A 91 0.61 -6.65 5.76
CA LEU A 91 0.61 -5.58 4.72
C LEU A 91 2.07 -5.36 4.24
N TYR A 92 3.00 -5.36 5.21
CA TYR A 92 4.45 -5.20 4.97
C TYR A 92 5.00 -6.43 4.18
N LYS A 93 4.41 -7.59 4.47
CA LYS A 93 4.73 -8.87 3.80
C LYS A 93 3.98 -8.97 2.46
N PHE A 94 2.85 -8.27 2.35
CA PHE A 94 2.02 -8.24 1.14
C PHE A 94 2.77 -7.51 0.00
N ILE A 95 3.41 -6.37 0.32
CA ILE A 95 4.16 -5.59 -0.71
C ILE A 95 5.47 -6.31 -1.12
N THR A 96 5.80 -7.44 -0.42
CA THR A 96 6.97 -8.29 -0.75
C THR A 96 6.52 -9.70 -1.19
N SER A 97 5.19 -9.96 -1.22
CA SER A 97 4.63 -11.32 -1.49
C SER A 97 4.97 -11.78 -2.92
N SER A 98 4.86 -13.10 -3.17
CA SER A 98 5.13 -13.72 -4.49
C SER A 98 4.17 -13.19 -5.58
N LYS A 99 3.00 -12.69 -5.15
CA LYS A 99 2.00 -12.06 -6.03
C LYS A 99 2.61 -10.83 -6.74
N ALA A 100 3.39 -10.04 -5.99
CA ALA A 100 4.15 -8.90 -6.53
C ALA A 100 5.46 -9.41 -7.18
N SER A 101 6.20 -10.20 -6.37
CA SER A 101 7.48 -10.81 -6.70
C SER A 101 8.60 -9.75 -6.82
N ASN A 102 8.68 -9.12 -7.99
CA ASN A 102 9.76 -8.17 -8.34
C ASN A 102 9.43 -7.51 -9.67
N LYS A 103 8.71 -8.25 -10.54
CA LYS A 103 8.24 -7.77 -11.86
C LYS A 103 7.37 -6.50 -11.69
N ASN A 104 8.04 -5.33 -11.83
CA ASN A 104 7.47 -3.98 -11.59
C ASN A 104 7.22 -3.75 -10.08
N LEU A 105 6.26 -4.50 -9.51
CA LEU A 105 5.87 -4.42 -8.09
C LEU A 105 6.69 -5.47 -7.31
N GLY A 106 6.95 -5.18 -6.03
CA GLY A 106 7.65 -6.12 -5.14
C GLY A 106 9.14 -5.81 -5.01
N GLY A 107 9.94 -6.85 -4.70
CA GLY A 107 11.37 -6.69 -4.51
C GLY A 107 12.03 -8.00 -4.08
N GLY A 108 13.08 -8.43 -4.82
CA GLY A 108 13.78 -9.69 -4.57
C GLY A 108 14.55 -9.72 -3.25
N LEU A 109 14.81 -8.54 -2.67
CA LEU A 109 15.44 -8.39 -1.34
C LEU A 109 14.43 -8.84 -0.26
N ILE A 110 14.93 -9.44 0.84
CA ILE A 110 14.09 -9.96 1.96
C ILE A 110 13.52 -8.82 2.83
N MET A 111 12.89 -9.18 3.95
CA MET A 111 12.35 -8.22 4.94
C MET A 111 12.97 -8.48 6.33
N SER A 112 12.91 -7.47 7.19
CA SER A 112 13.50 -7.49 8.53
C SER A 112 12.54 -8.17 9.52
N TRP A 113 12.79 -9.46 9.77
CA TRP A 113 11.98 -10.27 10.70
C TRP A 113 12.39 -10.01 12.15
N GLY A 114 11.43 -9.52 12.96
CA GLY A 114 11.57 -9.47 14.41
C GLY A 114 11.58 -10.88 15.01
N ARG A 115 10.53 -11.65 14.69
CA ARG A 115 10.40 -13.06 15.08
C ARG A 115 9.37 -13.79 14.16
N LEU A 116 9.85 -14.79 13.41
CA LEU A 116 8.97 -15.69 12.63
C LEU A 116 8.57 -16.90 13.51
N PHE A 117 7.59 -16.64 14.41
CA PHE A 117 6.98 -17.67 15.26
C PHE A 117 5.80 -17.03 16.01
N MET A 1 -4.96 -1.78 -41.09
CA MET A 1 -3.70 -1.13 -41.50
C MET A 1 -3.65 0.27 -40.86
N SER A 2 -2.63 0.52 -40.01
CA SER A 2 -2.44 1.82 -39.36
C SER A 2 -1.31 2.61 -40.06
N GLY A 3 -1.65 3.27 -41.17
CA GLY A 3 -0.73 4.20 -41.84
C GLY A 3 -1.22 5.61 -41.66
N SER A 4 -2.34 5.90 -42.33
CA SER A 4 -3.09 7.16 -42.16
C SER A 4 -3.86 7.14 -40.83
N HIS A 5 -4.29 5.93 -40.43
CA HIS A 5 -4.96 5.67 -39.15
C HIS A 5 -4.04 6.02 -37.97
N HIS A 6 -2.71 5.90 -38.18
CA HIS A 6 -1.70 6.26 -37.18
C HIS A 6 -1.49 7.79 -37.19
N HIS A 7 -2.48 8.50 -36.67
CA HIS A 7 -2.49 9.98 -36.58
C HIS A 7 -2.84 10.38 -35.15
N HIS A 8 -2.12 11.37 -34.62
CA HIS A 8 -2.43 11.99 -33.33
C HIS A 8 -3.64 12.91 -33.52
N HIS A 9 -4.84 12.37 -33.28
CA HIS A 9 -6.09 13.12 -33.32
C HIS A 9 -6.19 14.06 -32.12
N HIS A 10 -5.72 13.56 -30.94
CA HIS A 10 -5.78 14.26 -29.63
C HIS A 10 -7.20 14.24 -29.01
N SER A 11 -8.22 14.00 -29.84
CA SER A 11 -9.59 13.75 -29.38
C SER A 11 -9.67 12.37 -28.70
N SER A 12 -10.54 12.24 -27.67
CA SER A 12 -10.58 11.09 -26.75
C SER A 12 -10.66 9.72 -27.49
N GLY A 13 -9.50 9.05 -27.57
CA GLY A 13 -9.38 7.74 -28.19
C GLY A 13 -7.95 7.23 -28.17
N ILE A 14 -7.14 7.71 -27.20
CA ILE A 14 -5.70 7.36 -27.09
C ILE A 14 -5.53 6.28 -26.00
N GLU A 15 -5.41 5.02 -26.45
CA GLU A 15 -5.22 3.84 -25.59
C GLU A 15 -5.17 2.56 -26.46
N GLY A 16 -4.15 1.73 -26.22
CA GLY A 16 -4.10 0.37 -26.76
C GLY A 16 -4.50 -0.64 -25.69
N ARG A 17 -3.72 -0.64 -24.59
CA ARG A 17 -3.97 -1.51 -23.40
C ARG A 17 -4.14 -0.62 -22.13
N GLY A 18 -4.34 0.69 -22.34
CA GLY A 18 -4.27 1.70 -21.25
C GLY A 18 -5.26 1.49 -20.14
N ARG A 19 -6.47 1.01 -20.49
CA ARG A 19 -7.54 0.73 -19.51
C ARG A 19 -7.19 -0.45 -18.59
N MET A 20 -6.30 -1.33 -19.07
CA MET A 20 -5.76 -2.46 -18.29
C MET A 20 -4.50 -2.02 -17.53
N LYS A 21 -3.70 -1.18 -18.19
CA LYS A 21 -2.43 -0.69 -17.67
C LYS A 21 -2.67 0.49 -16.71
N LYS A 22 -2.95 0.15 -15.45
CA LYS A 22 -3.27 1.10 -14.38
C LYS A 22 -3.07 0.40 -13.03
N LYS A 23 -3.53 1.01 -11.92
CA LYS A 23 -3.56 0.33 -10.61
C LYS A 23 -4.44 -0.93 -10.72
N GLN A 24 -3.81 -2.09 -10.51
CA GLN A 24 -4.42 -3.41 -10.75
C GLN A 24 -5.61 -3.61 -9.81
N ILE A 25 -6.76 -3.98 -10.39
CA ILE A 25 -8.09 -3.94 -9.70
C ILE A 25 -8.06 -4.78 -8.40
N GLU A 26 -7.62 -6.05 -8.52
CA GLU A 26 -7.65 -7.00 -7.40
C GLU A 26 -6.72 -6.55 -6.26
N PHE A 27 -5.45 -6.21 -6.60
CA PHE A 27 -4.43 -5.81 -5.61
C PHE A 27 -4.78 -4.43 -5.00
N GLU A 28 -5.41 -3.55 -5.81
CA GLU A 28 -5.84 -2.21 -5.35
C GLU A 28 -6.96 -2.37 -4.31
N ASN A 29 -7.96 -3.23 -4.62
CA ASN A 29 -9.12 -3.45 -3.74
C ASN A 29 -8.66 -4.08 -2.43
N GLU A 30 -7.73 -5.02 -2.55
CA GLU A 30 -7.22 -5.82 -1.42
C GLU A 30 -6.34 -4.93 -0.51
N LEU A 31 -5.52 -4.07 -1.14
CA LEU A 31 -4.61 -3.12 -0.40
C LEU A 31 -5.43 -2.06 0.32
N ARG A 32 -6.31 -1.41 -0.44
CA ARG A 32 -7.16 -0.30 0.01
C ARG A 32 -8.12 -0.77 1.12
N SER A 33 -8.50 -2.08 1.09
CA SER A 33 -9.36 -2.69 2.11
C SER A 33 -8.57 -2.96 3.41
N MET A 34 -7.35 -3.50 3.24
CA MET A 34 -6.47 -3.83 4.39
C MET A 34 -5.90 -2.54 5.03
N LEU A 35 -5.81 -1.48 4.22
CA LEU A 35 -5.29 -0.16 4.66
C LEU A 35 -6.41 0.55 5.44
N ALA A 36 -7.65 0.44 4.93
CA ALA A 36 -8.86 0.90 5.66
C ALA A 36 -8.94 0.28 7.05
N THR A 37 -8.76 -1.05 7.10
CA THR A 37 -8.79 -1.84 8.34
C THR A 37 -7.64 -1.43 9.30
N ALA A 38 -6.46 -1.18 8.72
CA ALA A 38 -5.25 -0.77 9.48
C ALA A 38 -5.39 0.66 10.06
N LEU A 39 -6.15 1.54 9.36
CA LEU A 39 -6.45 2.90 9.85
C LEU A 39 -7.40 2.83 11.07
N GLU A 40 -8.26 1.79 11.11
CA GLU A 40 -9.22 1.59 12.22
C GLU A 40 -8.55 0.87 13.40
N LYS A 41 -7.49 0.11 13.10
CA LYS A 41 -6.60 -0.47 14.14
C LYS A 41 -5.81 0.66 14.81
N ASP A 42 -5.58 0.54 16.13
CA ASP A 42 -4.86 1.57 16.93
C ASP A 42 -3.39 1.66 16.52
N ILE A 43 -3.07 2.63 15.65
CA ILE A 43 -1.73 2.79 15.06
C ILE A 43 -1.02 4.04 15.60
N SER A 44 0.31 3.96 15.71
CA SER A 44 1.18 5.01 16.29
C SER A 44 1.34 6.20 15.30
N GLN A 45 1.58 7.44 15.81
CA GLN A 45 1.64 8.68 15.01
C GLN A 45 2.41 8.56 13.65
N GLU A 46 3.60 7.93 13.63
CA GLU A 46 4.45 7.87 12.41
C GLU A 46 3.94 6.81 11.41
N GLU A 47 3.20 5.81 11.93
CA GLU A 47 2.58 4.75 11.11
C GLU A 47 1.31 5.29 10.44
N ARG A 48 0.56 6.08 11.22
CA ARG A 48 -0.63 6.82 10.75
C ARG A 48 -0.21 7.80 9.65
N ASN A 49 0.97 8.43 9.86
CA ASN A 49 1.58 9.38 8.92
C ASN A 49 1.89 8.65 7.59
N ALA A 50 2.54 7.47 7.70
CA ALA A 50 2.95 6.66 6.54
C ALA A 50 1.77 6.21 5.66
N LEU A 51 0.69 5.70 6.30
CA LEU A 51 -0.50 5.19 5.57
C LEU A 51 -1.38 6.37 5.05
N ASN A 52 -1.28 7.55 5.70
CA ASN A 52 -1.92 8.80 5.19
C ASN A 52 -1.18 9.32 3.95
N ILE A 53 0.17 9.20 3.96
CA ILE A 53 1.02 9.53 2.81
C ILE A 53 0.65 8.63 1.63
N ALA A 54 0.41 7.35 1.96
CA ALA A 54 -0.01 6.33 0.99
C ALA A 54 -1.30 6.75 0.27
N GLU A 55 -2.40 6.96 1.04
CA GLU A 55 -3.75 7.20 0.48
C GLU A 55 -3.83 8.52 -0.30
N LYS A 56 -3.20 9.58 0.25
CA LYS A 56 -3.20 10.94 -0.36
C LYS A 56 -2.47 10.86 -1.73
N ALA A 57 -1.41 10.03 -1.79
CA ALA A 57 -0.64 9.82 -3.04
C ALA A 57 -1.36 8.87 -4.01
N LEU A 58 -2.19 7.92 -3.49
CA LEU A 58 -3.03 7.03 -4.34
C LEU A 58 -4.02 7.91 -5.14
N ASP A 59 -4.53 8.95 -4.46
CA ASP A 59 -5.43 9.93 -5.10
C ASP A 59 -4.66 10.76 -6.15
N ASN A 60 -3.39 11.12 -5.85
CA ASN A 60 -2.52 11.85 -6.81
C ASN A 60 -2.03 10.93 -7.96
N SER A 61 -2.20 9.59 -7.79
CA SER A 61 -2.03 8.60 -8.87
C SER A 61 -0.62 8.64 -9.52
N GLU A 62 0.43 8.77 -8.68
CA GLU A 62 1.81 8.94 -9.17
C GLU A 62 2.35 7.65 -9.89
N TYR A 63 2.49 6.54 -9.14
CA TYR A 63 2.96 5.23 -9.63
C TYR A 63 2.84 4.20 -8.49
N LEU A 64 2.74 2.93 -8.86
CA LEU A 64 2.53 1.82 -7.88
C LEU A 64 3.88 1.44 -7.24
N PRO A 65 5.02 1.32 -8.03
CA PRO A 65 6.36 1.19 -7.43
C PRO A 65 6.75 2.44 -6.60
N LYS A 66 6.14 3.61 -6.91
CA LYS A 66 6.53 4.89 -6.29
C LYS A 66 6.00 4.95 -4.86
N ILE A 67 4.72 4.53 -4.69
CA ILE A 67 4.06 4.57 -3.39
C ILE A 67 4.45 3.37 -2.53
N ILE A 68 4.64 2.19 -3.15
CA ILE A 68 5.02 0.97 -2.41
C ILE A 68 6.49 1.13 -1.93
N LEU A 69 7.34 1.79 -2.74
CA LEU A 69 8.73 2.12 -2.32
C LEU A 69 8.71 3.06 -1.10
N ASN A 70 7.93 4.16 -1.21
CA ASN A 70 7.91 5.23 -0.19
C ASN A 70 7.32 4.72 1.14
N LEU A 71 6.29 3.86 1.05
CA LEU A 71 5.60 3.30 2.25
C LEU A 71 6.55 2.28 2.90
N ARG A 72 7.16 1.45 2.05
CA ARG A 72 8.12 0.41 2.48
C ARG A 72 9.38 1.05 3.08
N LYS A 73 9.75 2.27 2.61
CA LYS A 73 10.95 2.97 3.10
C LYS A 73 10.61 3.73 4.38
N ALA A 74 9.33 4.08 4.54
CA ALA A 74 8.82 4.74 5.76
C ALA A 74 8.65 3.72 6.91
N LEU A 75 8.40 2.43 6.57
CA LEU A 75 8.23 1.39 7.61
C LEU A 75 9.50 0.54 7.86
N THR A 76 10.37 0.37 6.84
CA THR A 76 11.57 -0.52 6.96
C THR A 76 12.53 -0.15 8.15
N PRO A 77 12.88 1.16 8.41
CA PRO A 77 13.67 1.52 9.62
C PRO A 77 12.94 1.18 10.93
N LEU A 78 11.62 1.48 10.98
CA LEU A 78 10.77 1.18 12.18
C LEU A 78 10.50 -0.34 12.30
N ALA A 79 10.64 -1.07 11.19
CA ALA A 79 10.41 -2.52 11.13
C ALA A 79 11.61 -3.24 11.75
N ILE A 80 12.82 -2.96 11.19
CA ILE A 80 14.10 -3.53 11.66
C ILE A 80 14.31 -3.19 13.14
N ASN A 81 14.13 -1.91 13.47
CA ASN A 81 14.30 -1.39 14.85
C ASN A 81 13.07 -1.70 15.73
N ARG A 82 12.05 -2.40 15.16
CA ARG A 82 10.98 -3.10 15.93
C ARG A 82 10.07 -2.14 16.72
N THR A 83 9.93 -0.89 16.23
CA THR A 83 9.11 0.15 16.87
C THR A 83 7.68 0.15 16.28
N LEU A 84 7.55 -0.43 15.07
CA LEU A 84 6.22 -0.62 14.45
C LEU A 84 5.48 -1.74 15.21
N ASN A 85 4.19 -1.52 15.54
CA ASN A 85 3.43 -2.39 16.49
C ASN A 85 3.34 -3.86 16.04
N HIS A 86 3.57 -4.10 14.73
CA HIS A 86 3.80 -5.45 14.15
C HIS A 86 2.49 -6.30 14.09
N ASP A 87 1.37 -5.76 14.61
CA ASP A 87 0.05 -6.46 14.57
C ASP A 87 -0.55 -6.42 13.14
N LEU A 88 0.07 -5.63 12.22
CA LEU A 88 -0.23 -5.65 10.77
C LEU A 88 1.07 -5.87 9.98
N SER A 89 1.95 -6.74 10.51
CA SER A 89 3.18 -7.15 9.80
C SER A 89 2.86 -7.94 8.51
N GLU A 90 1.65 -8.56 8.47
CA GLU A 90 1.12 -9.24 7.28
C GLU A 90 0.71 -8.24 6.17
N LEU A 91 0.52 -6.96 6.52
CA LEU A 91 0.28 -5.90 5.52
C LEU A 91 1.61 -5.53 4.84
N TYR A 92 2.69 -5.42 5.65
CA TYR A 92 4.06 -5.22 5.13
C TYR A 92 4.47 -6.41 4.22
N LYS A 93 4.05 -7.62 4.65
CA LYS A 93 4.21 -8.87 3.88
C LYS A 93 3.37 -8.82 2.59
N PHE A 94 2.17 -8.24 2.71
CA PHE A 94 1.22 -8.14 1.60
C PHE A 94 1.75 -7.23 0.47
N ILE A 95 2.45 -6.13 0.82
CA ILE A 95 3.01 -5.22 -0.22
C ILE A 95 4.24 -5.84 -0.89
N THR A 96 4.68 -7.03 -0.40
CA THR A 96 5.77 -7.83 -1.00
C THR A 96 5.23 -9.19 -1.51
N SER A 97 3.89 -9.32 -1.61
CA SER A 97 3.24 -10.58 -2.04
C SER A 97 3.58 -10.94 -3.50
N SER A 98 3.29 -12.19 -3.89
CA SER A 98 3.45 -12.68 -5.27
C SER A 98 2.54 -11.92 -6.26
N LYS A 99 1.41 -11.41 -5.73
CA LYS A 99 0.47 -10.54 -6.47
C LYS A 99 1.11 -9.16 -6.75
N ALA A 100 1.99 -8.72 -5.84
CA ALA A 100 2.74 -7.45 -5.97
C ALA A 100 4.04 -7.65 -6.76
N SER A 101 4.46 -8.92 -6.95
CA SER A 101 5.75 -9.28 -7.58
C SER A 101 5.67 -9.24 -9.13
N ASN A 102 5.21 -8.09 -9.64
CA ASN A 102 5.13 -7.80 -11.07
C ASN A 102 6.54 -7.67 -11.66
N LYS A 103 7.32 -6.75 -11.09
CA LYS A 103 8.72 -6.53 -11.46
C LYS A 103 9.48 -5.89 -10.28
N ASN A 104 9.17 -4.60 -9.97
CA ASN A 104 9.83 -3.85 -8.87
C ASN A 104 8.83 -2.97 -8.08
N LEU A 105 7.50 -3.26 -8.16
CA LEU A 105 6.50 -2.54 -7.31
C LEU A 105 6.69 -3.02 -5.87
N GLY A 106 6.40 -4.32 -5.66
CA GLY A 106 6.36 -4.92 -4.33
C GLY A 106 7.69 -4.94 -3.61
N GLY A 107 8.78 -5.10 -4.36
CA GLY A 107 10.13 -5.13 -3.80
C GLY A 107 11.03 -6.01 -4.61
N GLY A 108 11.56 -5.45 -5.71
CA GLY A 108 12.53 -6.15 -6.57
C GLY A 108 13.88 -6.23 -5.88
N LEU A 109 14.32 -5.09 -5.34
CA LEU A 109 15.55 -4.98 -4.54
C LEU A 109 15.20 -4.40 -3.17
N ILE A 110 15.15 -5.26 -2.15
CA ILE A 110 14.86 -4.84 -0.78
C ILE A 110 16.06 -4.06 -0.21
N MET A 111 15.85 -2.76 0.00
CA MET A 111 16.76 -1.90 0.76
C MET A 111 16.36 -1.97 2.25
N SER A 112 17.02 -2.85 3.01
CA SER A 112 16.87 -2.90 4.47
C SER A 112 17.69 -1.77 5.10
N TRP A 113 18.84 -1.48 4.47
CA TRP A 113 19.82 -0.49 4.93
C TRP A 113 20.34 -0.90 6.32
N GLY A 114 21.27 -1.86 6.31
CA GLY A 114 21.86 -2.39 7.53
C GLY A 114 22.86 -1.42 8.15
N ARG A 115 22.32 -0.42 8.87
CA ARG A 115 23.12 0.61 9.53
C ARG A 115 23.75 0.06 10.83
N LEU A 116 22.89 -0.18 11.84
CA LEU A 116 23.32 -0.67 13.16
C LEU A 116 22.09 -0.98 14.03
N PHE A 117 21.71 -2.26 14.07
CA PHE A 117 20.66 -2.77 14.99
C PHE A 117 20.76 -4.32 15.02
N MET A 1 -17.14 3.94 18.48
CA MET A 1 -18.39 3.35 19.01
C MET A 1 -18.63 1.97 18.38
N SER A 2 -19.30 1.07 19.13
CA SER A 2 -19.55 -0.31 18.70
C SER A 2 -20.58 -0.37 17.55
N GLY A 3 -20.08 -0.56 16.31
CA GLY A 3 -20.93 -0.59 15.11
C GLY A 3 -20.89 -1.94 14.41
N SER A 4 -21.06 -3.02 15.21
CA SER A 4 -20.97 -4.41 14.73
C SER A 4 -22.25 -4.84 13.98
N HIS A 5 -23.43 -4.40 14.47
CA HIS A 5 -24.74 -4.71 13.82
C HIS A 5 -24.89 -3.89 12.53
N HIS A 6 -24.32 -2.68 12.53
CA HIS A 6 -24.21 -1.83 11.33
C HIS A 6 -22.76 -1.90 10.80
N HIS A 7 -22.20 -3.12 10.75
CA HIS A 7 -20.86 -3.38 10.19
C HIS A 7 -20.75 -2.83 8.76
N HIS A 8 -19.77 -1.94 8.53
CA HIS A 8 -19.61 -1.23 7.26
C HIS A 8 -19.05 -2.18 6.17
N HIS A 9 -19.99 -2.92 5.55
CA HIS A 9 -19.71 -3.82 4.44
C HIS A 9 -20.29 -3.23 3.15
N HIS A 10 -19.41 -2.90 2.19
CA HIS A 10 -19.80 -2.50 0.83
C HIS A 10 -20.21 -3.76 0.04
N SER A 11 -21.06 -3.59 -1.00
CA SER A 11 -21.55 -4.68 -1.88
C SER A 11 -20.40 -5.49 -2.51
N SER A 12 -20.64 -6.80 -2.68
CA SER A 12 -19.69 -7.76 -3.26
C SER A 12 -19.15 -7.29 -4.63
N GLY A 13 -20.05 -6.72 -5.44
CA GLY A 13 -19.70 -6.15 -6.74
C GLY A 13 -19.13 -4.75 -6.61
N ILE A 14 -17.93 -4.66 -6.01
CA ILE A 14 -17.21 -3.39 -5.82
C ILE A 14 -16.43 -2.99 -7.10
N GLU A 15 -16.52 -1.70 -7.48
CA GLU A 15 -15.88 -1.14 -8.70
C GLU A 15 -16.22 0.36 -8.85
N GLY A 16 -15.56 1.04 -9.79
CA GLY A 16 -15.77 2.47 -10.03
C GLY A 16 -14.76 3.03 -11.02
N ARG A 17 -13.52 2.56 -10.92
CA ARG A 17 -12.42 2.92 -11.84
C ARG A 17 -12.54 2.06 -13.12
N GLY A 18 -12.10 2.61 -14.26
CA GLY A 18 -12.16 1.91 -15.55
C GLY A 18 -11.33 0.62 -15.58
N ARG A 19 -11.97 -0.49 -15.17
CA ARG A 19 -11.34 -1.81 -14.94
C ARG A 19 -10.58 -2.33 -16.18
N MET A 20 -11.08 -1.99 -17.37
CA MET A 20 -10.50 -2.43 -18.65
C MET A 20 -9.20 -1.64 -18.95
N LYS A 21 -9.12 -0.41 -18.40
CA LYS A 21 -7.91 0.45 -18.48
C LYS A 21 -6.88 0.04 -17.41
N LYS A 22 -7.38 -0.54 -16.31
CA LYS A 22 -6.57 -0.88 -15.12
C LYS A 22 -5.82 -2.21 -15.32
N LYS A 23 -4.51 -2.18 -15.02
CA LYS A 23 -3.61 -3.34 -15.12
C LYS A 23 -3.85 -4.32 -13.96
N GLN A 24 -4.04 -3.76 -12.75
CA GLN A 24 -4.25 -4.54 -11.51
C GLN A 24 -5.54 -4.09 -10.81
N ILE A 25 -6.54 -4.97 -10.85
CA ILE A 25 -7.79 -4.83 -10.07
C ILE A 25 -7.54 -5.44 -8.69
N GLU A 26 -7.09 -6.72 -8.69
CA GLU A 26 -6.95 -7.55 -7.49
C GLU A 26 -5.95 -6.93 -6.47
N PHE A 27 -4.73 -6.62 -6.96
CA PHE A 27 -3.61 -6.16 -6.10
C PHE A 27 -3.91 -4.78 -5.51
N GLU A 28 -4.35 -3.84 -6.38
CA GLU A 28 -4.63 -2.45 -5.97
C GLU A 28 -5.81 -2.41 -4.98
N ASN A 29 -6.87 -3.18 -5.28
CA ASN A 29 -8.14 -3.14 -4.52
C ASN A 29 -7.95 -3.74 -3.12
N GLU A 30 -7.26 -4.89 -3.03
CA GLU A 30 -7.03 -5.59 -1.75
C GLU A 30 -6.01 -4.84 -0.88
N LEU A 31 -4.97 -4.26 -1.53
CA LEU A 31 -3.97 -3.38 -0.82
C LEU A 31 -4.70 -2.24 -0.12
N ARG A 32 -5.52 -1.53 -0.90
CA ARG A 32 -6.28 -0.35 -0.49
C ARG A 32 -7.35 -0.72 0.57
N SER A 33 -7.87 -1.95 0.48
CA SER A 33 -8.91 -2.46 1.40
C SER A 33 -8.31 -2.88 2.77
N MET A 34 -7.11 -3.50 2.74
CA MET A 34 -6.38 -3.91 3.97
C MET A 34 -5.71 -2.69 4.62
N LEU A 35 -5.46 -1.66 3.80
CA LEU A 35 -4.89 -0.38 4.25
C LEU A 35 -6.02 0.42 4.94
N ALA A 36 -7.26 0.30 4.39
CA ALA A 36 -8.48 0.86 5.01
C ALA A 36 -8.68 0.29 6.42
N THR A 37 -8.48 -1.04 6.54
CA THR A 37 -8.52 -1.75 7.83
C THR A 37 -7.47 -1.16 8.79
N ALA A 38 -6.24 -0.98 8.24
CA ALA A 38 -5.09 -0.46 9.00
C ALA A 38 -5.28 1.01 9.44
N LEU A 39 -6.11 1.79 8.70
CA LEU A 39 -6.49 3.16 9.10
C LEU A 39 -7.46 3.11 10.32
N GLU A 40 -8.31 2.07 10.33
CA GLU A 40 -9.30 1.83 11.42
C GLU A 40 -8.65 1.26 12.67
N LYS A 41 -7.49 0.63 12.49
CA LYS A 41 -6.66 0.14 13.60
C LYS A 41 -5.89 1.31 14.23
N ASP A 42 -5.79 1.32 15.58
CA ASP A 42 -5.05 2.35 16.34
C ASP A 42 -3.56 2.19 16.07
N ILE A 43 -3.01 3.13 15.29
CA ILE A 43 -1.63 3.07 14.78
C ILE A 43 -0.81 4.24 15.34
N SER A 44 0.47 3.96 15.67
CA SER A 44 1.41 4.93 16.28
C SER A 44 1.56 6.16 15.35
N GLN A 45 1.80 7.37 15.91
CA GLN A 45 1.75 8.66 15.16
C GLN A 45 2.50 8.63 13.80
N GLU A 46 3.68 7.96 13.74
CA GLU A 46 4.50 7.86 12.51
C GLU A 46 3.85 6.90 11.48
N GLU A 47 3.17 5.87 12.00
CA GLU A 47 2.56 4.78 11.19
C GLU A 47 1.29 5.35 10.53
N ARG A 48 0.57 6.16 11.34
CA ARG A 48 -0.57 6.95 10.86
C ARG A 48 -0.12 7.92 9.77
N ASN A 49 1.04 8.58 10.00
CA ASN A 49 1.62 9.50 9.00
C ASN A 49 1.90 8.78 7.67
N ALA A 50 2.45 7.55 7.75
CA ALA A 50 2.79 6.74 6.56
C ALA A 50 1.54 6.39 5.73
N LEU A 51 0.46 5.95 6.41
CA LEU A 51 -0.79 5.54 5.73
C LEU A 51 -1.65 6.76 5.29
N ASN A 52 -1.52 7.91 5.98
CA ASN A 52 -2.19 9.16 5.56
C ASN A 52 -1.52 9.73 4.30
N ILE A 53 -0.17 9.69 4.30
CA ILE A 53 0.66 10.10 3.14
C ILE A 53 0.44 9.12 1.98
N ALA A 54 0.08 7.86 2.31
CA ALA A 54 -0.39 6.88 1.33
C ALA A 54 -1.65 7.40 0.62
N GLU A 55 -2.71 7.80 1.40
CA GLU A 55 -3.99 8.28 0.80
C GLU A 55 -3.75 9.49 -0.16
N LYS A 56 -3.08 10.54 0.36
CA LYS A 56 -2.87 11.78 -0.41
C LYS A 56 -2.09 11.52 -1.72
N ALA A 57 -1.22 10.48 -1.69
CA ALA A 57 -0.41 10.08 -2.83
C ALA A 57 -1.19 9.24 -3.84
N LEU A 58 -2.09 8.33 -3.36
CA LEU A 58 -2.93 7.48 -4.26
C LEU A 58 -3.86 8.40 -5.09
N ASP A 59 -4.36 9.45 -4.42
CA ASP A 59 -5.26 10.46 -5.04
C ASP A 59 -4.55 11.24 -6.16
N ASN A 60 -3.30 11.68 -5.89
CA ASN A 60 -2.47 12.37 -6.90
C ASN A 60 -1.80 11.36 -7.85
N SER A 61 -1.90 10.05 -7.51
CA SER A 61 -1.37 8.93 -8.32
C SER A 61 0.15 9.08 -8.50
N GLU A 62 0.86 9.15 -7.36
CA GLU A 62 2.32 9.29 -7.32
C GLU A 62 3.03 7.91 -7.38
N TYR A 63 2.45 7.03 -8.22
CA TYR A 63 3.03 5.78 -8.74
C TYR A 63 2.98 4.62 -7.74
N LEU A 64 2.79 3.40 -8.27
CA LEU A 64 2.51 2.20 -7.43
C LEU A 64 3.83 1.70 -6.82
N PRO A 65 4.90 1.43 -7.64
CA PRO A 65 6.25 1.10 -7.09
C PRO A 65 6.82 2.19 -6.17
N LYS A 66 6.41 3.47 -6.40
CA LYS A 66 6.92 4.60 -5.62
C LYS A 66 6.31 4.60 -4.21
N ILE A 67 5.00 4.34 -4.12
CA ILE A 67 4.26 4.32 -2.84
C ILE A 67 4.52 3.00 -2.10
N ILE A 68 4.84 1.93 -2.84
CA ILE A 68 5.23 0.64 -2.25
C ILE A 68 6.64 0.78 -1.64
N LEU A 69 7.56 1.46 -2.38
CA LEU A 69 8.94 1.73 -1.90
C LEU A 69 8.89 2.67 -0.70
N ASN A 70 8.13 3.76 -0.83
CA ASN A 70 8.06 4.84 0.17
C ASN A 70 7.39 4.35 1.46
N LEU A 71 6.38 3.46 1.34
CA LEU A 71 5.73 2.84 2.51
C LEU A 71 6.69 1.80 3.13
N ARG A 72 7.46 1.10 2.26
CA ARG A 72 8.48 0.12 2.72
C ARG A 72 9.68 0.85 3.35
N LYS A 73 9.89 2.13 2.99
CA LYS A 73 10.92 2.99 3.60
C LYS A 73 10.37 3.65 4.87
N ALA A 74 9.04 3.70 4.96
CA ALA A 74 8.32 4.17 6.14
C ALA A 74 8.08 3.04 7.16
N LEU A 75 8.12 1.74 6.75
CA LEU A 75 7.86 0.60 7.69
C LEU A 75 9.11 -0.28 7.98
N THR A 76 9.99 -0.51 6.97
CA THR A 76 11.16 -1.43 7.17
C THR A 76 12.16 -0.91 8.26
N PRO A 77 12.64 0.40 8.26
CA PRO A 77 13.54 0.89 9.35
C PRO A 77 12.90 0.85 10.75
N LEU A 78 11.56 1.08 10.81
CA LEU A 78 10.79 0.99 12.09
C LEU A 78 10.71 -0.48 12.57
N ALA A 79 10.67 -1.42 11.62
CA ALA A 79 10.65 -2.86 11.90
C ALA A 79 12.02 -3.33 12.43
N ILE A 80 13.11 -2.87 11.75
CA ILE A 80 14.50 -3.24 12.10
C ILE A 80 14.86 -2.72 13.50
N ASN A 81 14.43 -1.49 13.79
CA ASN A 81 14.60 -0.87 15.12
C ASN A 81 13.57 -1.39 16.14
N ARG A 82 12.56 -2.19 15.66
CA ARG A 82 11.67 -3.01 16.53
C ARG A 82 10.72 -2.13 17.40
N THR A 83 10.19 -1.03 16.82
CA THR A 83 9.26 -0.10 17.53
C THR A 83 7.98 0.12 16.71
N LEU A 84 7.74 -0.74 15.70
CA LEU A 84 6.49 -0.74 14.93
C LEU A 84 5.40 -1.53 15.68
N ASN A 85 4.13 -1.26 15.39
CA ASN A 85 2.97 -1.92 16.07
C ASN A 85 2.85 -3.39 15.62
N HIS A 86 3.23 -3.66 14.35
CA HIS A 86 3.29 -5.03 13.76
C HIS A 86 1.87 -5.65 13.55
N ASP A 87 0.81 -4.91 13.92
CA ASP A 87 -0.58 -5.41 13.85
C ASP A 87 -1.17 -5.35 12.40
N LEU A 88 -0.39 -4.82 11.42
CA LEU A 88 -0.70 -4.93 9.97
C LEU A 88 0.48 -5.59 9.25
N SER A 89 1.08 -6.58 9.93
CA SER A 89 2.24 -7.34 9.43
C SER A 89 1.94 -8.09 8.11
N GLU A 90 0.65 -8.45 7.92
CA GLU A 90 0.14 -9.12 6.71
C GLU A 90 0.29 -8.20 5.49
N LEU A 91 0.10 -6.88 5.69
CA LEU A 91 0.24 -5.85 4.62
C LEU A 91 1.71 -5.72 4.18
N TYR A 92 2.62 -5.70 5.19
CA TYR A 92 4.07 -5.60 4.95
C TYR A 92 4.58 -6.82 4.17
N LYS A 93 4.05 -8.01 4.53
CA LYS A 93 4.35 -9.28 3.88
C LYS A 93 3.81 -9.25 2.44
N PHE A 94 2.60 -8.68 2.27
CA PHE A 94 1.88 -8.63 0.98
C PHE A 94 2.71 -7.90 -0.09
N ILE A 95 3.25 -6.73 0.26
CA ILE A 95 4.04 -5.90 -0.71
C ILE A 95 5.45 -6.51 -0.96
N THR A 96 5.80 -7.59 -0.23
CA THR A 96 7.07 -8.35 -0.43
C THR A 96 6.80 -9.82 -0.85
N SER A 97 5.51 -10.17 -1.09
CA SER A 97 5.07 -11.56 -1.33
C SER A 97 5.92 -12.29 -2.40
N SER A 98 6.12 -11.64 -3.56
CA SER A 98 7.02 -12.10 -4.65
C SER A 98 6.93 -11.13 -5.85
N LYS A 99 5.67 -10.82 -6.24
CA LYS A 99 5.35 -10.05 -7.46
C LYS A 99 5.88 -8.60 -7.38
N ALA A 100 5.58 -7.94 -6.25
CA ALA A 100 6.07 -6.58 -5.95
C ALA A 100 7.37 -6.62 -5.13
N SER A 101 8.16 -7.68 -5.32
CA SER A 101 9.47 -7.85 -4.67
C SER A 101 10.54 -8.19 -5.73
N ASN A 102 10.29 -7.80 -6.99
CA ASN A 102 11.24 -8.04 -8.10
C ASN A 102 12.18 -6.82 -8.25
N LYS A 103 11.67 -5.72 -8.87
CA LYS A 103 12.49 -4.51 -9.13
C LYS A 103 11.60 -3.33 -9.61
N ASN A 104 10.77 -3.59 -10.66
CA ASN A 104 9.87 -2.58 -11.27
C ASN A 104 8.81 -2.11 -10.25
N LEU A 105 8.30 -3.07 -9.45
CA LEU A 105 7.37 -2.81 -8.34
C LEU A 105 8.06 -3.31 -7.06
N GLY A 106 8.10 -2.44 -6.03
CA GLY A 106 8.82 -2.73 -4.79
C GLY A 106 10.30 -3.02 -5.03
N GLY A 107 10.74 -4.26 -4.77
CA GLY A 107 12.10 -4.67 -5.12
C GLY A 107 12.64 -5.78 -4.24
N GLY A 108 13.62 -6.53 -4.79
CA GLY A 108 14.28 -7.62 -4.06
C GLY A 108 15.25 -7.10 -3.02
N LEU A 109 15.89 -5.96 -3.32
CA LEU A 109 16.77 -5.26 -2.38
C LEU A 109 15.89 -4.57 -1.31
N ILE A 110 16.12 -4.88 -0.02
CA ILE A 110 15.33 -4.34 1.12
C ILE A 110 15.90 -2.98 1.60
N MET A 111 16.66 -2.28 0.71
CA MET A 111 17.39 -1.04 1.03
C MET A 111 16.43 0.08 1.52
N SER A 112 16.35 0.22 2.85
CA SER A 112 15.58 1.26 3.53
C SER A 112 16.47 1.84 4.64
N TRP A 113 16.97 3.08 4.40
CA TRP A 113 17.97 3.73 5.27
C TRP A 113 17.40 4.01 6.68
N GLY A 114 17.79 3.16 7.64
CA GLY A 114 17.50 3.36 9.06
C GLY A 114 18.76 3.10 9.87
N ARG A 115 19.14 1.82 9.93
CA ARG A 115 20.47 1.42 10.38
C ARG A 115 21.41 1.36 9.16
N LEU A 116 22.04 2.49 8.87
CA LEU A 116 22.90 2.66 7.68
C LEU A 116 24.37 2.37 8.06
N PHE A 117 24.84 1.15 7.76
CA PHE A 117 26.24 0.74 8.00
C PHE A 117 26.70 -0.25 6.91
N MET A 1 0.95 7.06 -17.39
CA MET A 1 -0.37 6.41 -17.38
C MET A 1 -0.41 5.27 -18.39
N SER A 2 -1.46 4.43 -18.32
CA SER A 2 -1.67 3.32 -19.26
C SER A 2 -1.95 3.87 -20.65
N GLY A 3 -2.88 4.85 -20.72
CA GLY A 3 -3.22 5.53 -21.96
C GLY A 3 -4.11 4.70 -22.87
N SER A 4 -3.53 3.67 -23.49
CA SER A 4 -4.19 2.82 -24.49
C SER A 4 -5.21 1.86 -23.85
N HIS A 5 -6.45 1.88 -24.40
CA HIS A 5 -7.53 0.93 -24.03
C HIS A 5 -8.31 0.50 -25.30
N HIS A 6 -8.08 1.21 -26.42
CA HIS A 6 -8.73 0.92 -27.73
C HIS A 6 -7.69 0.91 -28.88
N HIS A 7 -6.39 0.69 -28.52
CA HIS A 7 -5.30 0.53 -29.50
C HIS A 7 -5.54 -0.73 -30.35
N HIS A 8 -6.06 -1.76 -29.68
CA HIS A 8 -6.60 -2.97 -30.31
C HIS A 8 -8.10 -2.98 -29.98
N HIS A 9 -8.97 -3.12 -30.99
CA HIS A 9 -10.44 -2.96 -30.82
C HIS A 9 -11.11 -4.27 -30.35
N HIS A 10 -10.72 -4.70 -29.13
CA HIS A 10 -11.26 -5.91 -28.47
C HIS A 10 -10.79 -5.89 -27.01
N SER A 11 -11.55 -5.19 -26.17
CA SER A 11 -11.26 -5.10 -24.73
C SER A 11 -11.70 -6.40 -24.03
N SER A 12 -10.88 -6.84 -23.06
CA SER A 12 -11.11 -8.10 -22.34
C SER A 12 -10.42 -8.03 -20.96
N GLY A 13 -11.05 -8.66 -19.96
CA GLY A 13 -10.49 -8.73 -18.61
C GLY A 13 -10.75 -7.48 -17.78
N ILE A 14 -11.48 -6.49 -18.36
CA ILE A 14 -11.91 -5.25 -17.65
C ILE A 14 -10.76 -4.20 -17.49
N GLU A 15 -9.47 -4.64 -17.19
CA GLU A 15 -8.26 -3.77 -17.15
C GLU A 15 -8.11 -3.00 -15.82
N GLY A 16 -9.25 -2.71 -15.20
CA GLY A 16 -9.30 -1.98 -13.96
C GLY A 16 -10.73 -1.55 -13.66
N ARG A 17 -11.10 -1.61 -12.39
CA ARG A 17 -12.44 -1.23 -11.91
C ARG A 17 -12.56 0.30 -11.70
N GLY A 18 -11.50 1.02 -12.09
CA GLY A 18 -11.48 2.48 -12.03
C GLY A 18 -10.51 3.06 -13.05
N ARG A 19 -10.58 4.39 -13.23
CA ARG A 19 -9.74 5.13 -14.20
C ARG A 19 -8.26 5.07 -13.79
N MET A 20 -8.02 5.20 -12.47
CA MET A 20 -6.66 5.18 -11.88
C MET A 20 -6.33 3.79 -11.32
N LYS A 21 -7.37 2.98 -11.06
CA LYS A 21 -7.23 1.58 -10.63
C LYS A 21 -6.78 0.73 -11.82
N LYS A 22 -5.46 0.47 -11.94
CA LYS A 22 -4.86 -0.17 -13.14
C LYS A 22 -3.91 -1.32 -12.74
N LYS A 23 -3.33 -1.96 -13.78
CA LYS A 23 -2.30 -3.02 -13.67
C LYS A 23 -2.87 -4.33 -13.10
N GLN A 24 -3.04 -4.39 -11.77
CA GLN A 24 -3.47 -5.63 -11.07
C GLN A 24 -4.67 -5.32 -10.16
N ILE A 25 -5.78 -6.06 -10.37
CA ILE A 25 -7.06 -5.83 -9.68
C ILE A 25 -7.00 -6.54 -8.32
N GLU A 26 -6.66 -7.84 -8.34
CA GLU A 26 -6.57 -8.70 -7.14
C GLU A 26 -5.56 -8.14 -6.12
N PHE A 27 -4.35 -7.82 -6.63
CA PHE A 27 -3.23 -7.27 -5.82
C PHE A 27 -3.65 -5.94 -5.17
N GLU A 28 -4.25 -5.02 -5.99
CA GLU A 28 -4.65 -3.71 -5.50
C GLU A 28 -5.77 -3.85 -4.46
N ASN A 29 -6.73 -4.77 -4.72
CA ASN A 29 -7.87 -5.05 -3.82
C ASN A 29 -7.35 -5.50 -2.43
N GLU A 30 -6.26 -6.29 -2.44
CA GLU A 30 -5.61 -6.76 -1.21
C GLU A 30 -4.94 -5.59 -0.45
N LEU A 31 -4.04 -4.85 -1.13
CA LEU A 31 -3.29 -3.70 -0.49
C LEU A 31 -4.27 -2.68 0.09
N ARG A 32 -5.35 -2.46 -0.67
CA ARG A 32 -6.33 -1.42 -0.41
C ARG A 32 -7.25 -1.82 0.76
N SER A 33 -7.54 -3.15 0.87
CA SER A 33 -8.36 -3.70 1.95
C SER A 33 -7.58 -3.63 3.29
N MET A 34 -6.28 -4.05 3.26
CA MET A 34 -5.38 -3.91 4.43
C MET A 34 -5.30 -2.44 4.88
N LEU A 35 -5.17 -1.53 3.90
CA LEU A 35 -4.99 -0.07 4.16
C LEU A 35 -6.26 0.51 4.82
N ALA A 36 -7.44 0.04 4.36
CA ALA A 36 -8.74 0.51 4.88
C ALA A 36 -8.92 0.07 6.35
N THR A 37 -8.63 -1.22 6.60
CA THR A 37 -8.65 -1.83 7.93
C THR A 37 -7.67 -1.12 8.88
N ALA A 38 -6.52 -0.73 8.32
CA ALA A 38 -5.40 -0.11 9.05
C ALA A 38 -5.74 1.31 9.52
N LEU A 39 -6.43 2.09 8.66
CA LEU A 39 -6.89 3.45 9.02
C LEU A 39 -8.00 3.37 10.10
N GLU A 40 -8.70 2.21 10.20
CA GLU A 40 -9.68 1.96 11.26
C GLU A 40 -8.97 1.46 12.54
N LYS A 41 -7.81 0.79 12.39
CA LYS A 41 -6.98 0.37 13.53
C LYS A 41 -6.27 1.58 14.14
N ASP A 42 -5.96 1.49 15.44
CA ASP A 42 -5.20 2.51 16.16
C ASP A 42 -3.77 2.54 15.61
N ILE A 43 -3.49 3.54 14.76
CA ILE A 43 -2.15 3.79 14.21
C ILE A 43 -1.66 5.16 14.73
N SER A 44 -0.49 5.12 15.38
CA SER A 44 0.15 6.30 16.03
C SER A 44 0.59 7.32 14.96
N GLN A 45 0.79 8.61 15.34
CA GLN A 45 1.33 9.68 14.45
C GLN A 45 2.43 9.15 13.49
N GLU A 46 3.29 8.24 14.00
CA GLU A 46 4.35 7.56 13.24
C GLU A 46 3.82 6.87 11.94
N GLU A 47 2.89 5.93 12.09
CA GLU A 47 2.47 5.00 11.01
C GLU A 47 1.32 5.64 10.21
N ARG A 48 0.50 6.43 10.94
CA ARG A 48 -0.58 7.23 10.36
C ARG A 48 -0.02 8.18 9.30
N ASN A 49 1.18 8.75 9.60
CA ASN A 49 1.93 9.59 8.65
C ASN A 49 2.12 8.86 7.30
N ALA A 50 2.62 7.60 7.38
CA ALA A 50 2.93 6.76 6.21
C ALA A 50 1.68 6.48 5.35
N LEU A 51 0.57 6.04 6.00
CA LEU A 51 -0.69 5.70 5.28
C LEU A 51 -1.48 6.95 4.85
N ASN A 52 -1.22 8.12 5.48
CA ASN A 52 -1.78 9.42 5.04
C ASN A 52 -1.14 9.83 3.71
N ILE A 53 0.19 9.65 3.66
CA ILE A 53 1.00 9.87 2.46
C ILE A 53 0.55 8.89 1.35
N ALA A 54 0.24 7.65 1.76
CA ALA A 54 -0.19 6.57 0.85
C ALA A 54 -1.52 6.93 0.18
N GLU A 55 -2.54 7.30 0.99
CA GLU A 55 -3.92 7.59 0.53
C GLU A 55 -3.94 8.82 -0.40
N LYS A 56 -3.26 9.92 0.02
CA LYS A 56 -3.23 11.18 -0.76
C LYS A 56 -2.50 10.95 -2.10
N ALA A 57 -1.54 10.01 -2.09
CA ALA A 57 -0.79 9.61 -3.28
C ALA A 57 -1.64 8.69 -4.19
N LEU A 58 -2.55 7.85 -3.61
CA LEU A 58 -3.47 6.98 -4.41
C LEU A 58 -4.43 7.89 -5.21
N ASP A 59 -4.91 8.97 -4.57
CA ASP A 59 -5.86 9.93 -5.19
C ASP A 59 -5.21 10.66 -6.37
N ASN A 60 -3.98 11.16 -6.15
CA ASN A 60 -3.18 11.85 -7.19
C ASN A 60 -2.50 10.82 -8.13
N SER A 61 -2.58 9.53 -7.76
CA SER A 61 -2.08 8.39 -8.56
C SER A 61 -0.57 8.52 -8.83
N GLU A 62 0.20 8.71 -7.75
CA GLU A 62 1.66 8.86 -7.78
C GLU A 62 2.37 7.48 -7.76
N TYR A 63 1.81 6.53 -8.54
CA TYR A 63 2.43 5.26 -8.96
C TYR A 63 2.38 4.16 -7.88
N LEU A 64 1.83 2.97 -8.23
CA LEU A 64 1.78 1.80 -7.33
C LEU A 64 3.23 1.38 -6.96
N PRO A 65 4.21 1.25 -7.95
CA PRO A 65 5.65 1.01 -7.63
C PRO A 65 6.20 1.96 -6.58
N LYS A 66 5.83 3.25 -6.71
CA LYS A 66 6.34 4.31 -5.85
C LYS A 66 5.78 4.20 -4.42
N ILE A 67 4.49 3.82 -4.33
CA ILE A 67 3.76 3.73 -3.04
C ILE A 67 4.08 2.42 -2.31
N ILE A 68 4.48 1.39 -3.07
CA ILE A 68 4.96 0.12 -2.52
C ILE A 68 6.36 0.35 -1.93
N LEU A 69 7.19 1.06 -2.71
CA LEU A 69 8.52 1.51 -2.29
C LEU A 69 8.36 2.44 -1.06
N ASN A 70 7.25 3.22 -1.02
CA ASN A 70 6.96 4.15 0.08
C ASN A 70 6.66 3.42 1.40
N LEU A 71 5.81 2.35 1.37
CA LEU A 71 5.47 1.58 2.58
C LEU A 71 6.66 0.69 2.98
N ARG A 72 7.51 0.35 2.00
CA ARG A 72 8.74 -0.40 2.25
C ARG A 72 9.86 0.54 2.76
N LYS A 73 9.82 1.84 2.40
CA LYS A 73 10.85 2.82 2.81
C LYS A 73 10.48 3.42 4.18
N ALA A 74 9.18 3.37 4.50
CA ALA A 74 8.63 3.86 5.78
C ALA A 74 8.67 2.79 6.88
N LEU A 75 8.16 1.59 6.55
CA LEU A 75 7.96 0.51 7.56
C LEU A 75 9.23 -0.30 7.81
N THR A 76 10.17 -0.38 6.84
CA THR A 76 11.44 -1.11 7.04
C THR A 76 12.34 -0.47 8.13
N PRO A 77 12.62 0.89 8.20
CA PRO A 77 13.43 1.47 9.30
C PRO A 77 12.79 1.23 10.68
N LEU A 78 11.44 1.31 10.75
CA LEU A 78 10.68 1.07 12.01
C LEU A 78 10.75 -0.42 12.41
N ALA A 79 10.84 -1.30 11.39
CA ALA A 79 10.97 -2.76 11.59
C ALA A 79 12.36 -3.13 12.08
N ILE A 80 13.41 -2.53 11.47
CA ILE A 80 14.83 -2.74 11.85
C ILE A 80 15.05 -2.32 13.32
N ASN A 81 14.48 -1.18 13.70
CA ASN A 81 14.55 -0.67 15.10
C ASN A 81 13.65 -1.49 16.05
N ARG A 82 12.73 -2.31 15.47
CA ARG A 82 11.85 -3.23 16.22
C ARG A 82 10.87 -2.43 17.12
N THR A 83 10.06 -1.55 16.51
CA THR A 83 9.05 -0.75 17.26
C THR A 83 7.76 -0.59 16.43
N LEU A 84 7.63 -1.32 15.31
CA LEU A 84 6.42 -1.30 14.47
C LEU A 84 5.24 -1.94 15.23
N ASN A 85 4.05 -1.33 15.11
CA ASN A 85 2.81 -1.77 15.81
C ASN A 85 2.43 -3.22 15.42
N HIS A 86 2.69 -3.55 14.13
CA HIS A 86 2.66 -4.94 13.58
C HIS A 86 1.20 -5.49 13.47
N ASP A 87 0.18 -4.63 13.68
CA ASP A 87 -1.26 -5.05 13.55
C ASP A 87 -1.77 -4.96 12.09
N LEU A 88 -0.93 -4.48 11.15
CA LEU A 88 -1.17 -4.61 9.69
C LEU A 88 0.06 -5.27 9.03
N SER A 89 0.66 -6.23 9.77
CA SER A 89 1.85 -6.98 9.34
C SER A 89 1.63 -7.69 8.00
N GLU A 90 0.35 -8.05 7.73
CA GLU A 90 -0.05 -8.74 6.51
C GLU A 90 0.33 -7.93 5.25
N LEU A 91 0.22 -6.58 5.36
CA LEU A 91 0.52 -5.65 4.25
C LEU A 91 2.03 -5.55 4.00
N TYR A 92 2.81 -5.39 5.10
CA TYR A 92 4.27 -5.26 5.04
C TYR A 92 4.91 -6.60 4.61
N LYS A 93 4.18 -7.70 4.85
CA LYS A 93 4.58 -9.06 4.43
C LYS A 93 4.15 -9.27 2.97
N PHE A 94 2.98 -8.69 2.60
CA PHE A 94 2.36 -8.88 1.27
C PHE A 94 3.27 -8.36 0.16
N ILE A 95 3.65 -7.06 0.26
CA ILE A 95 4.43 -6.39 -0.81
C ILE A 95 5.91 -6.88 -0.86
N THR A 96 6.31 -7.75 0.10
CA THR A 96 7.68 -8.34 0.16
C THR A 96 7.65 -9.87 -0.13
N SER A 97 6.45 -10.44 -0.31
CA SER A 97 6.28 -11.91 -0.57
C SER A 97 5.73 -12.12 -1.99
N SER A 98 5.05 -11.09 -2.50
CA SER A 98 4.48 -11.05 -3.85
C SER A 98 5.60 -10.88 -4.90
N LYS A 99 5.21 -10.88 -6.19
CA LYS A 99 6.18 -10.69 -7.31
C LYS A 99 6.55 -9.21 -7.52
N ALA A 100 6.10 -8.35 -6.59
CA ALA A 100 6.44 -6.93 -6.52
C ALA A 100 7.98 -6.74 -6.39
N SER A 101 8.68 -6.68 -7.56
CA SER A 101 10.14 -6.53 -7.61
C SER A 101 10.59 -6.17 -9.04
N ASN A 102 10.55 -7.16 -9.97
CA ASN A 102 10.87 -6.94 -11.40
C ASN A 102 9.62 -7.24 -12.25
N LYS A 103 8.66 -6.31 -12.22
CA LYS A 103 7.38 -6.42 -12.95
C LYS A 103 6.96 -5.04 -13.45
N ASN A 104 6.67 -4.18 -12.47
CA ASN A 104 6.16 -2.80 -12.64
C ASN A 104 5.94 -2.24 -11.24
N LEU A 105 5.27 -3.06 -10.44
CA LEU A 105 4.90 -2.76 -9.04
C LEU A 105 6.12 -3.07 -8.15
N GLY A 106 6.29 -2.27 -7.09
CA GLY A 106 7.46 -2.34 -6.25
C GLY A 106 8.68 -1.73 -6.94
N GLY A 107 9.70 -2.57 -7.19
CA GLY A 107 10.90 -2.13 -7.91
C GLY A 107 11.78 -1.21 -7.07
N GLY A 108 12.47 -0.28 -7.75
CA GLY A 108 13.40 0.66 -7.10
C GLY A 108 14.72 -0.02 -6.74
N LEU A 109 14.65 -0.89 -5.71
CA LEU A 109 15.80 -1.64 -5.19
C LEU A 109 15.30 -2.86 -4.38
N ILE A 110 16.26 -3.67 -3.91
CA ILE A 110 15.99 -4.79 -2.99
C ILE A 110 16.80 -4.56 -1.70
N MET A 111 16.41 -5.25 -0.60
CA MET A 111 17.20 -5.24 0.65
C MET A 111 18.51 -6.03 0.42
N SER A 112 19.62 -5.28 0.29
CA SER A 112 20.93 -5.80 -0.12
C SER A 112 21.87 -6.03 1.09
N TRP A 113 23.04 -6.64 0.82
CA TRP A 113 24.10 -6.86 1.83
C TRP A 113 24.86 -5.55 2.06
N GLY A 114 25.47 -5.42 3.25
CA GLY A 114 26.07 -4.16 3.72
C GLY A 114 25.06 -3.34 4.50
N ARG A 115 24.14 -4.07 5.16
CA ARG A 115 23.01 -3.51 5.90
C ARG A 115 23.21 -3.75 7.42
N LEU A 116 22.36 -3.11 8.22
CA LEU A 116 22.25 -3.42 9.66
C LEU A 116 21.39 -4.70 9.81
N PHE A 117 22.04 -5.85 9.66
CA PHE A 117 21.38 -7.17 9.69
C PHE A 117 20.95 -7.53 11.14
N MET A 1 -47.88 10.04 -6.55
CA MET A 1 -47.62 11.39 -7.08
C MET A 1 -46.27 11.87 -6.51
N SER A 2 -45.31 12.19 -7.43
CA SER A 2 -43.99 12.74 -7.08
C SER A 2 -43.15 11.74 -6.24
N GLY A 3 -42.20 11.05 -6.89
CA GLY A 3 -41.29 10.11 -6.22
C GLY A 3 -40.23 10.83 -5.37
N SER A 4 -39.12 10.14 -5.10
CA SER A 4 -38.02 10.66 -4.26
C SER A 4 -36.67 10.23 -4.84
N HIS A 5 -35.92 11.20 -5.37
CA HIS A 5 -34.59 10.97 -5.95
C HIS A 5 -33.55 10.91 -4.80
N HIS A 6 -33.44 9.71 -4.21
CA HIS A 6 -32.54 9.43 -3.07
C HIS A 6 -31.82 8.07 -3.27
N HIS A 7 -31.96 7.50 -4.48
CA HIS A 7 -31.32 6.22 -4.86
C HIS A 7 -29.80 6.42 -4.86
N HIS A 8 -29.14 6.01 -3.76
CA HIS A 8 -27.68 6.12 -3.60
C HIS A 8 -26.99 5.21 -4.64
N HIS A 9 -25.98 5.76 -5.32
CA HIS A 9 -25.27 5.10 -6.43
C HIS A 9 -23.80 5.52 -6.41
N HIS A 10 -22.95 4.75 -7.11
CA HIS A 10 -21.48 4.97 -7.11
C HIS A 10 -21.10 6.18 -8.01
N SER A 11 -21.22 7.37 -7.42
CA SER A 11 -20.78 8.65 -8.01
C SER A 11 -20.56 9.71 -6.90
N SER A 12 -20.92 9.36 -5.65
CA SER A 12 -20.93 10.31 -4.50
C SER A 12 -19.53 10.85 -4.19
N GLY A 13 -19.46 12.18 -3.95
CA GLY A 13 -18.20 12.88 -3.73
C GLY A 13 -17.32 12.81 -4.95
N ILE A 14 -17.91 13.23 -6.10
CA ILE A 14 -17.38 13.19 -7.49
C ILE A 14 -17.03 11.75 -7.98
N GLU A 15 -16.07 11.08 -7.32
CA GLU A 15 -15.57 9.75 -7.69
C GLU A 15 -14.97 9.84 -9.12
N GLY A 16 -15.69 9.35 -10.16
CA GLY A 16 -15.29 9.47 -11.56
C GLY A 16 -13.89 8.94 -11.86
N ARG A 17 -13.56 7.77 -11.28
CA ARG A 17 -12.21 7.16 -11.40
C ARG A 17 -12.31 5.80 -12.10
N GLY A 18 -11.14 5.25 -12.45
CA GLY A 18 -11.03 3.85 -12.88
C GLY A 18 -11.03 2.94 -11.66
N ARG A 19 -12.24 2.56 -11.22
CA ARG A 19 -12.48 1.94 -9.89
C ARG A 19 -11.76 0.58 -9.73
N MET A 20 -11.92 -0.31 -10.73
CA MET A 20 -11.26 -1.63 -10.72
C MET A 20 -9.87 -1.56 -11.37
N LYS A 21 -9.52 -0.39 -11.96
CA LYS A 21 -8.21 -0.11 -12.59
C LYS A 21 -8.00 -1.01 -13.81
N LYS A 22 -7.80 -0.40 -14.99
CA LYS A 22 -7.67 -1.13 -16.26
C LYS A 22 -6.26 -1.73 -16.47
N LYS A 23 -5.51 -1.93 -15.36
CA LYS A 23 -4.12 -2.45 -15.41
C LYS A 23 -3.90 -3.50 -14.30
N GLN A 24 -4.27 -3.16 -13.04
CA GLN A 24 -4.05 -4.04 -11.86
C GLN A 24 -5.34 -4.13 -11.02
N ILE A 25 -6.03 -5.28 -11.11
CA ILE A 25 -7.29 -5.53 -10.38
C ILE A 25 -6.92 -6.06 -8.97
N GLU A 26 -6.08 -7.12 -8.98
CA GLU A 26 -5.71 -7.92 -7.80
C GLU A 26 -4.95 -7.06 -6.76
N PHE A 27 -3.90 -6.38 -7.25
CA PHE A 27 -2.95 -5.65 -6.41
C PHE A 27 -3.65 -4.52 -5.64
N GLU A 28 -4.46 -3.74 -6.39
CA GLU A 28 -5.16 -2.60 -5.84
C GLU A 28 -6.21 -3.04 -4.82
N ASN A 29 -7.06 -4.03 -5.17
CA ASN A 29 -8.12 -4.51 -4.25
C ASN A 29 -7.53 -4.93 -2.90
N GLU A 30 -6.43 -5.70 -2.94
CA GLU A 30 -5.82 -6.28 -1.73
C GLU A 30 -5.18 -5.16 -0.86
N LEU A 31 -4.39 -4.28 -1.51
CA LEU A 31 -3.61 -3.19 -0.79
C LEU A 31 -4.60 -2.22 -0.12
N ARG A 32 -5.55 -1.76 -0.94
CA ARG A 32 -6.58 -0.78 -0.55
C ARG A 32 -7.51 -1.36 0.56
N SER A 33 -7.73 -2.69 0.54
CA SER A 33 -8.57 -3.39 1.54
C SER A 33 -7.92 -3.36 2.95
N MET A 34 -6.65 -3.85 3.07
CA MET A 34 -5.94 -3.87 4.38
C MET A 34 -5.55 -2.45 4.82
N LEU A 35 -5.43 -1.50 3.86
CA LEU A 35 -5.08 -0.09 4.20
C LEU A 35 -6.29 0.57 4.87
N ALA A 36 -7.51 0.28 4.35
CA ALA A 36 -8.77 0.75 4.94
C ALA A 36 -8.95 0.19 6.36
N THR A 37 -8.65 -1.12 6.51
CA THR A 37 -8.65 -1.80 7.81
C THR A 37 -7.71 -1.08 8.79
N ALA A 38 -6.51 -0.74 8.30
CA ALA A 38 -5.43 -0.15 9.11
C ALA A 38 -5.74 1.29 9.54
N LEU A 39 -6.49 2.06 8.71
CA LEU A 39 -6.94 3.43 9.09
C LEU A 39 -7.95 3.33 10.26
N GLU A 40 -8.78 2.27 10.23
CA GLU A 40 -9.79 2.00 11.29
C GLU A 40 -9.14 1.34 12.52
N LYS A 41 -7.97 0.72 12.32
CA LYS A 41 -7.14 0.16 13.41
C LYS A 41 -6.32 1.28 14.08
N ASP A 42 -6.14 1.18 15.41
CA ASP A 42 -5.29 2.12 16.18
C ASP A 42 -3.83 2.03 15.71
N ILE A 43 -3.41 3.04 14.94
CA ILE A 43 -2.05 3.11 14.36
C ILE A 43 -1.30 4.31 14.98
N SER A 44 -0.03 4.07 15.37
CA SER A 44 0.84 5.07 16.02
C SER A 44 1.05 6.27 15.07
N GLN A 45 1.24 7.49 15.61
CA GLN A 45 1.34 8.76 14.82
C GLN A 45 2.22 8.64 13.54
N GLU A 46 3.35 7.89 13.65
CA GLU A 46 4.34 7.74 12.56
C GLU A 46 3.82 6.79 11.46
N GLU A 47 3.02 5.81 11.88
CA GLU A 47 2.50 4.72 11.03
C GLU A 47 1.30 5.28 10.25
N ARG A 48 0.53 6.14 10.96
CA ARG A 48 -0.56 6.92 10.42
C ARG A 48 -0.05 7.88 9.34
N ASN A 49 1.15 8.47 9.60
CA ASN A 49 1.83 9.32 8.61
C ASN A 49 2.12 8.54 7.33
N ALA A 50 2.61 7.29 7.48
CA ALA A 50 3.00 6.41 6.35
C ALA A 50 1.79 6.11 5.43
N LEU A 51 0.67 5.66 6.02
CA LEU A 51 -0.52 5.25 5.26
C LEU A 51 -1.33 6.48 4.75
N ASN A 52 -1.22 7.62 5.44
CA ASN A 52 -1.83 8.90 4.97
C ASN A 52 -1.10 9.39 3.71
N ILE A 53 0.25 9.35 3.75
CA ILE A 53 1.13 9.71 2.61
C ILE A 53 0.79 8.79 1.42
N ALA A 54 0.62 7.49 1.73
CA ALA A 54 0.29 6.45 0.74
C ALA A 54 -1.02 6.78 0.00
N GLU A 55 -2.11 7.03 0.78
CA GLU A 55 -3.46 7.24 0.22
C GLU A 55 -3.52 8.52 -0.64
N LYS A 56 -2.93 9.61 -0.14
CA LYS A 56 -2.96 10.91 -0.82
C LYS A 56 -2.14 10.84 -2.12
N ALA A 57 -1.10 9.99 -2.11
CA ALA A 57 -0.27 9.72 -3.28
C ALA A 57 -0.98 8.78 -4.28
N LEU A 58 -1.92 7.91 -3.77
CA LEU A 58 -2.78 7.09 -4.65
C LEU A 58 -3.71 8.01 -5.46
N ASP A 59 -4.27 9.05 -4.76
CA ASP A 59 -5.15 10.06 -5.41
C ASP A 59 -4.39 10.82 -6.51
N ASN A 60 -3.15 11.24 -6.20
CA ASN A 60 -2.30 11.99 -7.14
C ASN A 60 -1.63 11.04 -8.16
N SER A 61 -1.64 9.71 -7.86
CA SER A 61 -1.14 8.65 -8.76
C SER A 61 0.30 8.92 -9.25
N GLU A 62 1.27 9.00 -8.31
CA GLU A 62 2.69 9.22 -8.67
C GLU A 62 3.27 7.98 -9.41
N TYR A 63 3.40 6.83 -8.72
CA TYR A 63 3.80 5.52 -9.31
C TYR A 63 3.51 4.41 -8.27
N LEU A 64 3.45 3.16 -8.75
CA LEU A 64 3.13 1.97 -7.89
C LEU A 64 4.41 1.60 -7.09
N PRO A 65 5.63 1.42 -7.75
CA PRO A 65 6.88 1.18 -7.00
C PRO A 65 7.31 2.41 -6.19
N LYS A 66 6.77 3.62 -6.52
CA LYS A 66 7.10 4.83 -5.76
C LYS A 66 6.44 4.74 -4.38
N ILE A 67 5.13 4.43 -4.36
CA ILE A 67 4.36 4.39 -3.11
C ILE A 67 4.74 3.18 -2.26
N ILE A 68 4.99 2.06 -2.93
CA ILE A 68 5.33 0.79 -2.26
C ILE A 68 6.72 0.88 -1.61
N LEU A 69 7.72 1.42 -2.35
CA LEU A 69 9.12 1.50 -1.87
C LEU A 69 9.23 2.60 -0.81
N ASN A 70 8.44 3.68 -0.95
CA ASN A 70 8.40 4.80 0.00
C ASN A 70 7.72 4.38 1.33
N LEU A 71 6.65 3.56 1.22
CA LEU A 71 5.91 3.05 2.39
C LEU A 71 6.81 2.01 3.09
N ARG A 72 7.52 1.22 2.26
CA ARG A 72 8.47 0.20 2.72
C ARG A 72 9.74 0.88 3.29
N LYS A 73 10.04 2.12 2.84
CA LYS A 73 11.21 2.89 3.32
C LYS A 73 10.85 3.54 4.66
N ALA A 74 9.54 3.79 4.85
CA ALA A 74 9.02 4.31 6.12
C ALA A 74 8.95 3.19 7.19
N LEU A 75 8.54 1.96 6.79
CA LEU A 75 8.29 0.87 7.77
C LEU A 75 9.53 0.00 8.04
N THR A 76 10.46 -0.12 7.07
CA THR A 76 11.70 -0.92 7.24
C THR A 76 12.58 -0.45 8.47
N PRO A 77 12.85 0.89 8.71
CA PRO A 77 13.57 1.33 9.92
C PRO A 77 12.80 1.05 11.22
N LEU A 78 11.46 1.23 11.20
CA LEU A 78 10.60 0.95 12.37
C LEU A 78 10.46 -0.57 12.59
N ALA A 79 10.76 -1.36 11.55
CA ALA A 79 10.77 -2.84 11.63
C ALA A 79 12.05 -3.30 12.35
N ILE A 80 13.22 -2.85 11.82
CA ILE A 80 14.55 -3.19 12.37
C ILE A 80 14.68 -2.69 13.83
N ASN A 81 14.26 -1.44 14.06
CA ASN A 81 14.25 -0.82 15.40
C ASN A 81 12.98 -1.20 16.19
N ARG A 82 12.09 -2.04 15.58
CA ARG A 82 11.07 -2.86 16.33
C ARG A 82 9.93 -2.00 16.94
N THR A 83 9.75 -0.78 16.43
CA THR A 83 8.78 0.20 16.96
C THR A 83 7.45 0.15 16.18
N LEU A 84 7.45 -0.55 15.02
CA LEU A 84 6.23 -0.71 14.19
C LEU A 84 5.18 -1.50 14.98
N ASN A 85 3.90 -1.16 14.80
CA ASN A 85 2.78 -1.76 15.56
C ASN A 85 2.53 -3.22 15.13
N HIS A 86 2.83 -3.52 13.85
CA HIS A 86 2.79 -4.89 13.25
C HIS A 86 1.38 -5.47 13.13
N ASP A 87 0.34 -4.73 13.59
CA ASP A 87 -1.09 -5.18 13.53
C ASP A 87 -1.62 -5.21 12.06
N LEU A 88 -0.80 -4.75 11.09
CA LEU A 88 -1.06 -4.89 9.65
C LEU A 88 0.12 -5.61 8.99
N SER A 89 0.62 -6.65 9.71
CA SER A 89 1.73 -7.50 9.27
C SER A 89 1.48 -8.12 7.87
N GLU A 90 0.19 -8.34 7.56
CA GLU A 90 -0.27 -8.92 6.27
C GLU A 90 -0.04 -7.92 5.12
N LEU A 91 -0.19 -6.61 5.39
CA LEU A 91 0.01 -5.54 4.38
C LEU A 91 1.50 -5.43 4.04
N TYR A 92 2.33 -5.47 5.10
CA TYR A 92 3.81 -5.45 4.98
C TYR A 92 4.30 -6.73 4.25
N LYS A 93 3.58 -7.85 4.48
CA LYS A 93 3.87 -9.14 3.82
C LYS A 93 3.40 -9.11 2.36
N PHE A 94 2.32 -8.36 2.09
CA PHE A 94 1.69 -8.31 0.75
C PHE A 94 2.59 -7.58 -0.26
N ILE A 95 3.13 -6.40 0.14
CA ILE A 95 3.97 -5.58 -0.76
C ILE A 95 5.38 -6.21 -0.96
N THR A 96 5.65 -7.33 -0.27
CA THR A 96 6.89 -8.12 -0.42
C THR A 96 6.62 -9.49 -1.09
N SER A 97 5.36 -9.75 -1.48
CA SER A 97 4.94 -11.07 -2.04
C SER A 97 5.49 -11.30 -3.46
N SER A 98 5.17 -12.49 -4.03
CA SER A 98 5.56 -12.90 -5.40
C SER A 98 4.92 -11.99 -6.48
N LYS A 99 3.91 -11.20 -6.07
CA LYS A 99 3.34 -10.13 -6.88
C LYS A 99 4.36 -8.99 -7.06
N ALA A 100 4.92 -8.56 -5.94
CA ALA A 100 5.91 -7.45 -5.89
C ALA A 100 7.32 -8.00 -5.65
N SER A 101 7.60 -9.21 -6.18
CA SER A 101 8.94 -9.82 -6.14
C SER A 101 9.69 -9.52 -7.44
N ASN A 102 9.37 -8.36 -8.03
CA ASN A 102 9.92 -7.90 -9.32
C ASN A 102 11.15 -7.02 -9.11
N LYS A 103 11.86 -6.75 -10.21
CA LYS A 103 13.03 -5.86 -10.23
C LYS A 103 12.59 -4.43 -9.85
N ASN A 104 12.81 -4.05 -8.57
CA ASN A 104 12.50 -2.71 -8.01
C ASN A 104 11.00 -2.51 -7.68
N LEU A 105 10.09 -3.10 -8.50
CA LEU A 105 8.63 -3.00 -8.28
C LEU A 105 8.27 -3.81 -7.01
N GLY A 106 8.35 -3.15 -5.84
CA GLY A 106 8.12 -3.79 -4.56
C GLY A 106 9.34 -4.50 -4.02
N GLY A 107 9.97 -5.35 -4.88
CA GLY A 107 11.17 -6.09 -4.52
C GLY A 107 12.43 -5.23 -4.50
N GLY A 108 12.53 -4.45 -3.43
CA GLY A 108 13.62 -3.53 -3.20
C GLY A 108 13.48 -2.86 -1.85
N LEU A 109 14.59 -2.34 -1.31
CA LEU A 109 14.63 -1.64 0.00
C LEU A 109 14.23 -2.61 1.14
N ILE A 110 14.78 -3.84 1.05
CA ILE A 110 14.47 -4.93 1.99
C ILE A 110 15.00 -4.64 3.41
N MET A 111 14.29 -5.19 4.39
CA MET A 111 14.63 -5.10 5.82
C MET A 111 15.76 -6.08 6.16
N SER A 112 15.46 -7.37 5.94
CA SER A 112 16.34 -8.48 6.32
C SER A 112 15.84 -9.76 5.65
N TRP A 113 16.79 -10.68 5.40
CA TRP A 113 16.49 -12.02 4.90
C TRP A 113 15.82 -12.86 6.01
N GLY A 114 16.31 -12.69 7.25
CA GLY A 114 15.76 -13.40 8.40
C GLY A 114 16.53 -13.12 9.68
N ARG A 115 16.56 -11.83 10.07
CA ARG A 115 17.24 -11.37 11.30
C ARG A 115 16.63 -10.02 11.73
N LEU A 116 15.60 -10.09 12.59
CA LEU A 116 14.90 -8.91 13.13
C LEU A 116 15.29 -8.73 14.61
N PHE A 117 15.30 -9.86 15.35
CA PHE A 117 15.40 -9.89 16.83
C PHE A 117 16.77 -10.49 17.25
N MET A 1 -35.03 16.47 19.71
CA MET A 1 -35.12 15.29 20.61
C MET A 1 -33.89 14.39 20.45
N SER A 2 -33.65 13.53 21.46
CA SER A 2 -32.59 12.51 21.42
C SER A 2 -33.05 11.27 20.62
N GLY A 3 -32.17 10.27 20.52
CA GLY A 3 -32.45 9.08 19.71
C GLY A 3 -32.24 9.33 18.23
N SER A 4 -31.36 10.29 17.91
CA SER A 4 -30.97 10.61 16.53
C SER A 4 -30.05 9.51 15.96
N HIS A 5 -29.98 9.40 14.62
CA HIS A 5 -29.09 8.43 13.95
C HIS A 5 -27.62 8.67 14.39
N HIS A 6 -27.04 7.68 15.09
CA HIS A 6 -25.63 7.72 15.53
C HIS A 6 -24.93 6.43 15.10
N HIS A 7 -24.21 6.52 13.97
CA HIS A 7 -23.34 5.46 13.46
C HIS A 7 -21.92 6.01 13.43
N HIS A 8 -21.11 5.63 14.43
CA HIS A 8 -19.67 5.88 14.41
C HIS A 8 -19.06 5.15 13.21
N HIS A 9 -18.56 5.91 12.23
CA HIS A 9 -17.87 5.32 11.07
C HIS A 9 -16.57 4.66 11.55
N HIS A 10 -16.61 3.32 11.69
CA HIS A 10 -15.43 2.50 11.99
C HIS A 10 -14.39 2.72 10.87
N SER A 11 -14.90 2.80 9.64
CA SER A 11 -14.13 3.02 8.43
C SER A 11 -13.90 4.51 8.15
N SER A 12 -12.64 4.87 7.88
CA SER A 12 -12.24 6.22 7.46
C SER A 12 -12.75 6.51 6.04
N GLY A 13 -13.40 7.68 5.85
CA GLY A 13 -14.01 8.06 4.55
C GLY A 13 -12.97 8.27 3.45
N ILE A 14 -12.55 7.16 2.82
CA ILE A 14 -11.49 7.15 1.79
C ILE A 14 -11.93 6.21 0.64
N GLU A 15 -12.28 6.82 -0.51
CA GLU A 15 -12.76 6.11 -1.71
C GLU A 15 -12.44 6.96 -2.96
N GLY A 16 -12.14 6.27 -4.06
CA GLY A 16 -12.04 6.88 -5.38
C GLY A 16 -12.67 5.97 -6.42
N ARG A 17 -13.88 5.47 -6.07
CA ARG A 17 -14.64 4.50 -6.88
C ARG A 17 -14.85 4.98 -8.34
N GLY A 18 -14.01 4.45 -9.24
CA GLY A 18 -13.90 4.88 -10.63
C GLY A 18 -12.44 4.84 -11.07
N ARG A 19 -11.60 5.63 -10.36
CA ARG A 19 -10.12 5.65 -10.56
C ARG A 19 -9.47 4.44 -9.87
N MET A 20 -10.19 3.86 -8.88
CA MET A 20 -9.72 2.69 -8.09
C MET A 20 -9.53 1.42 -8.95
N LYS A 21 -10.04 1.45 -10.17
CA LYS A 21 -9.68 0.50 -11.23
C LYS A 21 -8.53 1.13 -12.03
N LYS A 22 -7.30 1.08 -11.46
CA LYS A 22 -6.11 1.77 -12.02
C LYS A 22 -5.47 0.90 -13.11
N LYS A 23 -5.12 -0.35 -12.76
CA LYS A 23 -4.47 -1.31 -13.69
C LYS A 23 -4.76 -2.76 -13.25
N GLN A 24 -4.57 -3.04 -11.94
CA GLN A 24 -4.67 -4.42 -11.39
C GLN A 24 -5.90 -4.53 -10.47
N ILE A 25 -6.87 -5.40 -10.83
CA ILE A 25 -8.18 -5.46 -10.13
C ILE A 25 -7.98 -6.15 -8.75
N GLU A 26 -7.40 -7.36 -8.78
CA GLU A 26 -7.25 -8.22 -7.60
C GLU A 26 -6.28 -7.59 -6.57
N PHE A 27 -5.09 -7.19 -7.04
CA PHE A 27 -3.99 -6.71 -6.17
C PHE A 27 -4.40 -5.41 -5.45
N GLU A 28 -5.05 -4.50 -6.22
CA GLU A 28 -5.55 -3.22 -5.68
C GLU A 28 -6.64 -3.46 -4.65
N ASN A 29 -7.59 -4.39 -4.96
CA ASN A 29 -8.69 -4.68 -4.02
C ASN A 29 -8.16 -5.17 -2.67
N GLU A 30 -7.17 -6.10 -2.71
CA GLU A 30 -6.62 -6.72 -1.51
C GLU A 30 -5.78 -5.71 -0.68
N LEU A 31 -4.86 -4.99 -1.36
CA LEU A 31 -3.94 -4.00 -0.67
C LEU A 31 -4.76 -2.86 -0.05
N ARG A 32 -5.61 -2.24 -0.88
CA ARG A 32 -6.33 -1.00 -0.55
C ARG A 32 -7.45 -1.24 0.49
N SER A 33 -8.06 -2.45 0.47
CA SER A 33 -9.10 -2.84 1.43
C SER A 33 -8.52 -3.07 2.84
N MET A 34 -7.36 -3.75 2.93
CA MET A 34 -6.71 -4.02 4.24
C MET A 34 -5.91 -2.81 4.72
N LEU A 35 -5.59 -1.88 3.79
CA LEU A 35 -5.02 -0.55 4.14
C LEU A 35 -6.12 0.26 4.85
N ALA A 36 -7.36 0.15 4.31
CA ALA A 36 -8.56 0.74 4.92
C ALA A 36 -8.82 0.14 6.32
N THR A 37 -8.67 -1.20 6.43
CA THR A 37 -8.80 -1.94 7.71
C THR A 37 -7.74 -1.46 8.72
N ALA A 38 -6.54 -1.14 8.20
CA ALA A 38 -5.42 -0.63 9.01
C ALA A 38 -5.69 0.81 9.50
N LEU A 39 -6.50 1.58 8.74
CA LEU A 39 -6.99 2.90 9.19
C LEU A 39 -8.03 2.74 10.31
N GLU A 40 -8.75 1.61 10.28
CA GLU A 40 -9.75 1.24 11.30
C GLU A 40 -9.08 0.61 12.53
N LYS A 41 -7.83 0.17 12.35
CA LYS A 41 -6.95 -0.24 13.46
C LYS A 41 -6.23 0.97 14.06
N ASP A 42 -5.97 0.90 15.37
CA ASP A 42 -5.14 1.89 16.11
C ASP A 42 -3.68 1.78 15.62
N ILE A 43 -3.33 2.64 14.66
CA ILE A 43 -1.95 2.74 14.12
C ILE A 43 -1.21 3.86 14.85
N SER A 44 0.11 3.66 15.02
CA SER A 44 1.03 4.60 15.70
C SER A 44 1.13 5.93 14.87
N GLN A 45 1.51 7.09 15.49
CA GLN A 45 1.44 8.42 14.83
C GLN A 45 2.17 8.48 13.44
N GLU A 46 3.38 7.92 13.35
CA GLU A 46 4.19 7.97 12.11
C GLU A 46 3.71 6.90 11.10
N GLU A 47 2.93 5.94 11.61
CA GLU A 47 2.35 4.84 10.83
C GLU A 47 1.10 5.40 10.13
N ARG A 48 0.40 6.31 10.84
CA ARG A 48 -0.71 7.11 10.31
C ARG A 48 -0.20 8.03 9.21
N ASN A 49 0.97 8.68 9.47
CA ASN A 49 1.68 9.49 8.43
C ASN A 49 1.91 8.67 7.15
N ALA A 50 2.48 7.46 7.31
CA ALA A 50 2.89 6.59 6.18
C ALA A 50 1.70 6.19 5.28
N LEU A 51 0.60 5.72 5.90
CA LEU A 51 -0.60 5.29 5.15
C LEU A 51 -1.34 6.50 4.51
N ASN A 52 -1.30 7.67 5.20
CA ASN A 52 -1.85 8.95 4.66
C ASN A 52 -1.08 9.40 3.41
N ILE A 53 0.26 9.23 3.45
CA ILE A 53 1.18 9.60 2.35
C ILE A 53 0.89 8.72 1.12
N ALA A 54 0.73 7.41 1.38
CA ALA A 54 0.45 6.40 0.33
C ALA A 54 -0.86 6.71 -0.42
N GLU A 55 -1.94 7.03 0.33
CA GLU A 55 -3.27 7.29 -0.24
C GLU A 55 -3.29 8.61 -1.04
N LYS A 56 -2.66 9.67 -0.49
CA LYS A 56 -2.62 10.99 -1.16
C LYS A 56 -1.77 10.92 -2.45
N ALA A 57 -0.90 9.92 -2.51
CA ALA A 57 -0.11 9.60 -3.69
C ALA A 57 -0.93 8.82 -4.72
N LEU A 58 -1.88 7.95 -4.26
CA LEU A 58 -2.88 7.31 -5.18
C LEU A 58 -3.72 8.41 -5.89
N ASP A 59 -3.99 9.53 -5.18
CA ASP A 59 -4.62 10.73 -5.80
C ASP A 59 -3.74 11.32 -6.91
N ASN A 60 -2.43 11.46 -6.63
CA ASN A 60 -1.47 12.10 -7.56
C ASN A 60 -0.96 11.14 -8.64
N SER A 61 -1.27 9.82 -8.48
CA SER A 61 -0.81 8.76 -9.38
C SER A 61 0.73 8.70 -9.43
N GLU A 62 1.33 8.56 -8.24
CA GLU A 62 2.80 8.40 -8.07
C GLU A 62 3.24 6.92 -8.12
N TYR A 63 2.53 6.11 -8.94
CA TYR A 63 2.94 4.76 -9.39
C TYR A 63 2.94 3.66 -8.29
N LEU A 64 2.82 2.41 -8.75
CA LEU A 64 2.59 1.26 -7.83
C LEU A 64 3.93 0.79 -7.22
N PRO A 65 5.01 0.49 -8.04
CA PRO A 65 6.35 0.16 -7.48
C PRO A 65 6.93 1.30 -6.61
N LYS A 66 6.55 2.55 -6.94
CA LYS A 66 7.07 3.75 -6.28
C LYS A 66 6.47 3.89 -4.87
N ILE A 67 5.14 3.68 -4.75
CA ILE A 67 4.43 3.78 -3.45
C ILE A 67 4.68 2.55 -2.58
N ILE A 68 4.96 1.39 -3.23
CA ILE A 68 5.45 0.17 -2.52
C ILE A 68 6.78 0.49 -1.82
N LEU A 69 7.68 1.23 -2.54
CA LEU A 69 8.96 1.67 -1.98
C LEU A 69 8.71 2.71 -0.87
N ASN A 70 7.83 3.72 -1.13
CA ASN A 70 7.57 4.83 -0.16
C ASN A 70 7.04 4.28 1.18
N LEU A 71 6.20 3.22 1.08
CA LEU A 71 5.55 2.60 2.24
C LEU A 71 6.60 1.78 2.99
N ARG A 72 7.44 1.06 2.21
CA ARG A 72 8.56 0.27 2.75
C ARG A 72 9.68 1.20 3.27
N LYS A 73 9.75 2.44 2.75
CA LYS A 73 10.84 3.38 3.05
C LYS A 73 10.52 4.10 4.36
N ALA A 74 9.23 4.23 4.65
CA ALA A 74 8.74 4.76 5.92
C ALA A 74 8.72 3.66 7.01
N LEU A 75 8.34 2.40 6.64
CA LEU A 75 8.08 1.33 7.63
C LEU A 75 9.31 0.45 7.95
N THR A 76 10.26 0.27 6.99
CA THR A 76 11.48 -0.55 7.24
C THR A 76 12.35 0.01 8.42
N PRO A 77 12.64 1.37 8.52
CA PRO A 77 13.39 1.93 9.69
C PRO A 77 12.74 1.59 11.05
N LEU A 78 11.41 1.75 11.13
CA LEU A 78 10.62 1.49 12.37
C LEU A 78 10.50 -0.02 12.62
N ALA A 79 10.58 -0.83 11.54
CA ALA A 79 10.55 -2.30 11.64
C ALA A 79 11.82 -2.82 12.35
N ILE A 80 12.97 -2.30 11.89
CA ILE A 80 14.31 -2.69 12.38
C ILE A 80 14.49 -2.19 13.83
N ASN A 81 13.94 -1.00 14.11
CA ASN A 81 13.94 -0.40 15.45
C ASN A 81 12.81 -0.99 16.33
N ARG A 82 11.90 -1.80 15.71
CA ARG A 82 10.84 -2.56 16.42
C ARG A 82 9.89 -1.63 17.21
N THR A 83 9.27 -0.70 16.47
CA THR A 83 8.35 0.34 17.01
C THR A 83 6.99 0.34 16.27
N LEU A 84 6.90 -0.38 15.14
CA LEU A 84 5.63 -0.49 14.37
C LEU A 84 4.68 -1.48 15.09
N ASN A 85 3.38 -1.12 15.18
CA ASN A 85 2.37 -1.84 16.04
C ASN A 85 2.28 -3.37 15.73
N HIS A 86 2.67 -3.75 14.49
CA HIS A 86 2.85 -5.16 14.01
C HIS A 86 1.50 -5.87 13.75
N ASP A 87 0.37 -5.14 13.93
CA ASP A 87 -0.99 -5.69 13.75
C ASP A 87 -1.36 -5.76 12.23
N LEU A 88 -0.55 -5.11 11.36
CA LEU A 88 -0.63 -5.25 9.88
C LEU A 88 0.76 -5.66 9.35
N SER A 89 1.43 -6.54 10.12
CA SER A 89 2.73 -7.11 9.72
C SER A 89 2.64 -7.87 8.39
N GLU A 90 1.42 -8.42 8.14
CA GLU A 90 1.10 -9.19 6.93
C GLU A 90 0.94 -8.27 5.70
N LEU A 91 0.71 -6.96 5.92
CA LEU A 91 0.63 -5.95 4.84
C LEU A 91 2.08 -5.65 4.34
N TYR A 92 2.99 -5.49 5.32
CA TYR A 92 4.41 -5.25 5.07
C TYR A 92 5.04 -6.50 4.41
N LYS A 93 4.54 -7.67 4.81
CA LYS A 93 4.88 -8.99 4.24
C LYS A 93 4.35 -9.11 2.80
N PHE A 94 3.14 -8.60 2.58
CA PHE A 94 2.42 -8.65 1.29
C PHE A 94 3.19 -7.92 0.17
N ILE A 95 3.71 -6.72 0.47
CA ILE A 95 4.45 -5.91 -0.53
C ILE A 95 5.86 -6.50 -0.82
N THR A 96 6.25 -7.58 -0.07
CA THR A 96 7.52 -8.31 -0.31
C THR A 96 7.24 -9.74 -0.83
N SER A 97 5.97 -10.10 -1.05
CA SER A 97 5.58 -11.46 -1.40
C SER A 97 5.70 -11.75 -2.91
N SER A 98 6.90 -12.25 -3.31
CA SER A 98 7.12 -13.01 -4.57
C SER A 98 6.79 -12.18 -5.85
N LYS A 99 5.48 -12.06 -6.17
CA LYS A 99 4.99 -11.22 -7.28
C LYS A 99 5.41 -9.74 -7.08
N ALA A 100 5.27 -9.26 -5.85
CA ALA A 100 5.65 -7.90 -5.47
C ALA A 100 6.91 -7.97 -4.60
N SER A 101 8.07 -7.93 -5.25
CA SER A 101 9.39 -7.94 -4.60
C SER A 101 10.48 -7.74 -5.68
N ASN A 102 10.40 -8.55 -6.76
CA ASN A 102 11.22 -8.40 -7.99
C ASN A 102 10.79 -9.48 -9.00
N LYS A 103 9.58 -9.31 -9.56
CA LYS A 103 9.02 -10.25 -10.55
C LYS A 103 7.96 -9.51 -11.40
N ASN A 104 6.90 -9.02 -10.73
CA ASN A 104 5.89 -8.12 -11.34
C ASN A 104 6.22 -6.68 -10.93
N LEU A 105 6.08 -6.40 -9.62
CA LEU A 105 6.36 -5.06 -9.04
C LEU A 105 7.31 -5.23 -7.84
N GLY A 106 7.45 -4.15 -7.07
CA GLY A 106 8.31 -4.09 -5.91
C GLY A 106 8.95 -2.71 -5.80
N GLY A 107 9.56 -2.40 -4.65
CA GLY A 107 10.19 -1.11 -4.42
C GLY A 107 11.56 -0.97 -5.08
N GLY A 108 11.59 -1.00 -6.43
CA GLY A 108 12.82 -0.83 -7.20
C GLY A 108 13.84 -1.96 -7.02
N LEU A 109 15.05 -1.73 -7.54
CA LEU A 109 16.18 -2.66 -7.38
C LEU A 109 17.01 -2.31 -6.12
N ILE A 110 17.06 -1.00 -5.80
CA ILE A 110 17.79 -0.44 -4.63
C ILE A 110 19.29 -0.82 -4.67
N MET A 111 20.09 0.04 -5.30
CA MET A 111 21.55 -0.15 -5.41
C MET A 111 22.23 0.05 -4.04
N SER A 112 21.65 0.94 -3.21
CA SER A 112 22.22 1.32 -1.91
C SER A 112 21.16 1.10 -0.80
N TRP A 113 21.22 -0.06 -0.10
CA TRP A 113 20.30 -0.38 1.02
C TRP A 113 20.64 0.48 2.26
N GLY A 114 21.94 0.79 2.44
CA GLY A 114 22.42 1.62 3.55
C GLY A 114 21.94 3.07 3.48
N ARG A 115 21.33 3.45 2.35
CA ARG A 115 20.63 4.72 2.18
C ARG A 115 19.13 4.50 2.38
N LEU A 116 18.59 4.99 3.51
CA LEU A 116 17.17 4.78 3.87
C LEU A 116 16.75 5.84 4.91
N PHE A 117 16.23 6.98 4.43
CA PHE A 117 15.75 8.09 5.28
C PHE A 117 14.71 8.94 4.50
N MET A 1 -28.53 -1.43 -24.21
CA MET A 1 -27.57 -2.38 -23.59
C MET A 1 -27.51 -3.65 -24.46
N SER A 2 -26.41 -3.82 -25.23
CA SER A 2 -26.24 -4.97 -26.15
C SER A 2 -24.75 -5.18 -26.47
N GLY A 3 -24.14 -4.15 -27.07
CA GLY A 3 -22.74 -4.21 -27.53
C GLY A 3 -22.21 -2.82 -27.90
N SER A 4 -21.92 -2.03 -26.86
CA SER A 4 -21.36 -0.67 -26.99
C SER A 4 -20.52 -0.33 -25.74
N HIS A 5 -19.78 0.79 -25.77
CA HIS A 5 -19.03 1.29 -24.59
C HIS A 5 -19.93 2.23 -23.76
N HIS A 6 -21.00 2.75 -24.39
CA HIS A 6 -22.02 3.56 -23.73
C HIS A 6 -22.73 2.75 -22.64
N HIS A 7 -22.65 3.20 -21.38
CA HIS A 7 -23.19 2.48 -20.21
C HIS A 7 -23.53 3.44 -19.06
N HIS A 8 -24.02 2.85 -17.96
CA HIS A 8 -24.15 3.54 -16.67
C HIS A 8 -22.77 3.57 -15.99
N HIS A 9 -22.03 4.65 -16.22
CA HIS A 9 -20.63 4.80 -15.77
C HIS A 9 -20.55 5.33 -14.32
N HIS A 10 -21.72 5.57 -13.70
CA HIS A 10 -21.85 6.06 -12.30
C HIS A 10 -21.30 7.50 -12.15
N SER A 11 -19.99 7.68 -12.36
CA SER A 11 -19.35 8.99 -12.51
C SER A 11 -18.32 8.93 -13.65
N SER A 12 -17.19 8.24 -13.40
CA SER A 12 -16.07 8.09 -14.35
C SER A 12 -15.46 9.46 -14.75
N GLY A 13 -15.57 10.44 -13.85
CA GLY A 13 -15.05 11.80 -14.09
C GLY A 13 -14.96 12.60 -12.79
N ILE A 14 -13.88 13.41 -12.67
CA ILE A 14 -13.43 14.12 -11.43
C ILE A 14 -13.27 13.18 -10.20
N GLU A 15 -14.35 12.52 -9.79
CA GLU A 15 -14.31 11.38 -8.86
C GLU A 15 -13.72 10.16 -9.62
N GLY A 16 -12.78 9.42 -9.00
CA GLY A 16 -12.10 8.29 -9.68
C GLY A 16 -11.35 7.38 -8.72
N ARG A 17 -11.80 7.37 -7.46
CA ARG A 17 -11.21 6.56 -6.38
C ARG A 17 -11.55 5.06 -6.58
N GLY A 18 -10.62 4.31 -7.17
CA GLY A 18 -10.78 2.87 -7.39
C GLY A 18 -10.48 2.47 -8.82
N ARG A 19 -11.28 1.56 -9.40
CA ARG A 19 -11.06 1.01 -10.76
C ARG A 19 -11.21 2.11 -11.84
N MET A 20 -11.96 3.18 -11.49
CA MET A 20 -12.20 4.33 -12.39
C MET A 20 -10.89 5.03 -12.79
N LYS A 21 -9.85 4.86 -11.95
CA LYS A 21 -8.46 5.21 -12.33
C LYS A 21 -7.67 3.90 -12.44
N LYS A 22 -7.79 3.25 -13.60
CA LYS A 22 -7.14 1.95 -13.88
C LYS A 22 -5.60 2.09 -13.80
N LYS A 23 -5.02 1.54 -12.73
CA LYS A 23 -3.56 1.37 -12.58
C LYS A 23 -3.29 -0.13 -12.40
N GLN A 24 -3.73 -0.66 -11.24
CA GLN A 24 -3.72 -2.10 -10.92
C GLN A 24 -4.96 -2.39 -10.04
N ILE A 25 -6.01 -3.00 -10.61
CA ILE A 25 -7.32 -3.14 -9.93
C ILE A 25 -7.21 -4.15 -8.77
N GLU A 26 -6.67 -5.35 -9.04
CA GLU A 26 -6.59 -6.45 -8.04
C GLU A 26 -5.68 -6.04 -6.86
N PHE A 27 -4.47 -5.56 -7.20
CA PHE A 27 -3.43 -5.22 -6.22
C PHE A 27 -3.86 -4.04 -5.35
N GLU A 28 -4.63 -3.10 -5.94
CA GLU A 28 -5.14 -1.92 -5.20
C GLU A 28 -6.30 -2.30 -4.31
N ASN A 29 -7.19 -3.19 -4.79
CA ASN A 29 -8.29 -3.71 -3.97
C ASN A 29 -7.72 -4.37 -2.71
N GLU A 30 -6.66 -5.17 -2.89
CA GLU A 30 -6.09 -5.98 -1.79
C GLU A 30 -5.30 -5.08 -0.81
N LEU A 31 -4.41 -4.21 -1.34
CA LEU A 31 -3.56 -3.30 -0.49
C LEU A 31 -4.47 -2.33 0.27
N ARG A 32 -5.48 -1.78 -0.43
CA ARG A 32 -6.37 -0.76 0.13
C ARG A 32 -7.37 -1.39 1.13
N SER A 33 -7.70 -2.68 0.92
CA SER A 33 -8.58 -3.47 1.80
C SER A 33 -8.01 -3.56 3.24
N MET A 34 -6.75 -4.05 3.37
CA MET A 34 -6.10 -4.18 4.69
C MET A 34 -5.74 -2.77 5.23
N LEU A 35 -5.46 -1.80 4.33
CA LEU A 35 -5.13 -0.42 4.75
C LEU A 35 -6.37 0.22 5.41
N ALA A 36 -7.58 -0.14 4.92
CA ALA A 36 -8.86 0.29 5.48
C ALA A 36 -9.00 -0.14 6.94
N THR A 37 -8.73 -1.44 7.18
CA THR A 37 -8.72 -2.03 8.52
C THR A 37 -7.77 -1.26 9.45
N ALA A 38 -6.57 -0.98 8.94
CA ALA A 38 -5.52 -0.27 9.69
C ALA A 38 -5.88 1.21 10.00
N LEU A 39 -6.68 1.86 9.12
CA LEU A 39 -7.19 3.25 9.38
C LEU A 39 -8.23 3.22 10.51
N GLU A 40 -8.93 2.09 10.65
CA GLU A 40 -9.92 1.87 11.74
C GLU A 40 -9.21 1.38 13.02
N LYS A 41 -8.05 0.73 12.85
CA LYS A 41 -7.23 0.23 13.98
C LYS A 41 -6.39 1.36 14.57
N ASP A 42 -6.04 1.22 15.86
CA ASP A 42 -5.18 2.20 16.56
C ASP A 42 -3.73 2.05 16.07
N ILE A 43 -3.43 2.76 14.98
CA ILE A 43 -2.07 2.90 14.45
C ILE A 43 -1.45 4.20 14.97
N SER A 44 -0.15 4.18 15.29
CA SER A 44 0.58 5.35 15.87
C SER A 44 0.63 6.51 14.85
N GLN A 45 0.75 7.78 15.34
CA GLN A 45 0.88 8.99 14.52
C GLN A 45 1.79 8.80 13.26
N GLU A 46 2.88 8.01 13.41
CA GLU A 46 3.90 7.81 12.34
C GLU A 46 3.41 6.80 11.29
N GLU A 47 2.76 5.71 11.73
CA GLU A 47 2.23 4.67 10.82
C GLU A 47 1.02 5.23 10.05
N ARG A 48 0.28 6.12 10.73
CA ARG A 48 -0.87 6.82 10.17
C ARG A 48 -0.38 7.77 9.06
N ASN A 49 0.74 8.47 9.32
CA ASN A 49 1.45 9.28 8.30
C ASN A 49 1.79 8.44 7.06
N ALA A 50 2.39 7.25 7.28
CA ALA A 50 2.84 6.36 6.19
C ALA A 50 1.69 5.91 5.26
N LEU A 51 0.56 5.49 5.86
CA LEU A 51 -0.61 4.98 5.10
C LEU A 51 -1.43 6.13 4.45
N ASN A 52 -1.35 7.33 5.05
CA ASN A 52 -1.92 8.56 4.43
C ASN A 52 -1.10 8.95 3.18
N ILE A 53 0.23 8.81 3.26
CA ILE A 53 1.16 9.07 2.14
C ILE A 53 0.93 8.02 1.05
N ALA A 54 0.58 6.80 1.48
CA ALA A 54 0.24 5.70 0.57
C ALA A 54 -0.99 6.05 -0.28
N GLU A 55 -2.15 6.29 0.38
CA GLU A 55 -3.47 6.42 -0.27
C GLU A 55 -3.60 7.70 -1.12
N LYS A 56 -3.15 8.85 -0.56
CA LYS A 56 -3.26 10.15 -1.24
C LYS A 56 -2.38 10.16 -2.51
N ALA A 57 -1.25 9.42 -2.46
CA ALA A 57 -0.33 9.26 -3.60
C ALA A 57 -0.86 8.24 -4.62
N LEU A 58 -1.64 7.20 -4.15
CA LEU A 58 -2.31 6.23 -5.08
C LEU A 58 -3.24 7.03 -6.00
N ASP A 59 -3.98 7.97 -5.38
CA ASP A 59 -4.93 8.86 -6.07
C ASP A 59 -4.20 9.78 -7.07
N ASN A 60 -3.04 10.33 -6.64
CA ASN A 60 -2.19 11.18 -7.51
C ASN A 60 -1.49 10.33 -8.60
N SER A 61 -1.54 8.98 -8.46
CA SER A 61 -1.18 8.03 -9.53
C SER A 61 0.29 8.22 -9.97
N GLU A 62 1.17 8.46 -8.99
CA GLU A 62 2.58 8.79 -9.25
C GLU A 62 3.33 7.61 -9.89
N TYR A 63 3.45 6.47 -9.16
CA TYR A 63 4.07 5.25 -9.70
C TYR A 63 3.90 4.14 -8.65
N LEU A 64 3.67 2.90 -9.11
CA LEU A 64 3.31 1.77 -8.19
C LEU A 64 4.55 1.32 -7.39
N PRO A 65 5.69 0.99 -8.07
CA PRO A 65 7.00 0.79 -7.41
C PRO A 65 7.39 1.92 -6.43
N LYS A 66 6.94 3.17 -6.70
CA LYS A 66 7.40 4.33 -5.93
C LYS A 66 6.68 4.38 -4.58
N ILE A 67 5.38 4.05 -4.57
CA ILE A 67 4.60 4.01 -3.32
C ILE A 67 4.91 2.75 -2.49
N ILE A 68 5.20 1.63 -3.19
CA ILE A 68 5.59 0.35 -2.56
C ILE A 68 6.95 0.53 -1.84
N LEU A 69 7.88 1.22 -2.54
CA LEU A 69 9.20 1.55 -2.01
C LEU A 69 9.03 2.50 -0.81
N ASN A 70 8.23 3.58 -1.00
CA ASN A 70 8.09 4.66 0.00
C ASN A 70 7.42 4.13 1.29
N LEU A 71 6.48 3.19 1.15
CA LEU A 71 5.79 2.57 2.29
C LEU A 71 6.78 1.69 3.03
N ARG A 72 7.57 0.92 2.26
CA ARG A 72 8.63 0.05 2.82
C ARG A 72 9.80 0.91 3.36
N LYS A 73 9.95 2.14 2.84
CA LYS A 73 11.03 3.08 3.25
C LYS A 73 10.63 3.76 4.56
N ALA A 74 9.31 3.89 4.78
CA ALA A 74 8.77 4.44 6.01
C ALA A 74 8.69 3.39 7.14
N LEU A 75 8.41 2.11 6.79
CA LEU A 75 8.19 1.05 7.82
C LEU A 75 9.47 0.20 8.12
N THR A 76 10.44 0.11 7.17
CA THR A 76 11.70 -0.66 7.40
C THR A 76 12.55 -0.06 8.58
N PRO A 77 12.80 1.30 8.70
CA PRO A 77 13.57 1.85 9.84
C PRO A 77 12.88 1.59 11.20
N LEU A 78 11.53 1.68 11.19
CA LEU A 78 10.71 1.43 12.41
C LEU A 78 10.66 -0.07 12.75
N ALA A 79 10.84 -0.93 11.72
CA ALA A 79 10.90 -2.39 11.92
C ALA A 79 12.24 -2.78 12.56
N ILE A 80 13.35 -2.25 12.01
CA ILE A 80 14.72 -2.53 12.49
C ILE A 80 14.89 -2.01 13.95
N ASN A 81 14.36 -0.78 14.19
CA ASN A 81 14.33 -0.18 15.55
C ASN A 81 13.26 -0.84 16.44
N ARG A 82 12.37 -1.66 15.83
CA ARG A 82 11.40 -2.51 16.55
C ARG A 82 10.40 -1.68 17.40
N THR A 83 9.65 -0.80 16.73
CA THR A 83 8.55 -0.03 17.36
C THR A 83 7.34 0.09 16.40
N LEU A 84 7.31 -0.72 15.33
CA LEU A 84 6.13 -0.85 14.44
C LEU A 84 5.04 -1.66 15.18
N ASN A 85 3.76 -1.29 15.00
CA ASN A 85 2.62 -1.92 15.76
C ASN A 85 2.45 -3.39 15.36
N HIS A 86 2.78 -3.69 14.08
CA HIS A 86 2.88 -5.07 13.56
C HIS A 86 1.48 -5.76 13.39
N ASP A 87 0.39 -5.03 13.72
CA ASP A 87 -1.00 -5.52 13.56
C ASP A 87 -1.49 -5.40 12.08
N LEU A 88 -0.63 -4.86 11.17
CA LEU A 88 -0.84 -4.93 9.70
C LEU A 88 0.40 -5.58 9.05
N SER A 89 0.95 -6.60 9.75
CA SER A 89 2.10 -7.40 9.29
C SER A 89 1.84 -8.05 7.92
N GLU A 90 0.56 -8.39 7.66
CA GLU A 90 0.13 -9.03 6.41
C GLU A 90 0.32 -8.08 5.21
N LEU A 91 0.21 -6.76 5.45
CA LEU A 91 0.41 -5.73 4.38
C LEU A 91 1.89 -5.64 4.01
N TYR A 92 2.74 -5.59 5.05
CA TYR A 92 4.19 -5.47 4.89
C TYR A 92 4.77 -6.78 4.29
N LYS A 93 4.06 -7.90 4.57
CA LYS A 93 4.38 -9.24 4.01
C LYS A 93 3.83 -9.38 2.58
N PHE A 94 2.70 -8.70 2.31
CA PHE A 94 2.02 -8.72 1.00
C PHE A 94 2.90 -8.11 -0.10
N ILE A 95 3.42 -6.89 0.16
CA ILE A 95 4.22 -6.13 -0.83
C ILE A 95 5.63 -6.77 -1.09
N THR A 96 5.94 -7.88 -0.38
CA THR A 96 7.20 -8.64 -0.55
C THR A 96 6.96 -10.07 -1.07
N SER A 97 5.69 -10.47 -1.19
CA SER A 97 5.31 -11.88 -1.48
C SER A 97 4.79 -12.05 -2.92
N SER A 98 5.40 -13.01 -3.66
CA SER A 98 5.02 -13.42 -5.02
C SER A 98 4.98 -12.26 -6.04
N LYS A 99 3.85 -11.51 -6.05
CA LYS A 99 3.59 -10.45 -7.04
C LYS A 99 4.66 -9.37 -6.98
N ALA A 100 4.64 -8.58 -5.91
CA ALA A 100 5.64 -7.55 -5.64
C ALA A 100 6.81 -8.15 -4.85
N SER A 101 7.98 -8.19 -5.48
CA SER A 101 9.24 -8.71 -4.91
C SER A 101 10.34 -8.60 -5.99
N ASN A 102 10.16 -9.42 -7.03
CA ASN A 102 11.06 -9.55 -8.19
C ASN A 102 10.47 -10.60 -9.15
N LYS A 103 9.60 -11.48 -8.61
CA LYS A 103 8.96 -12.58 -9.35
C LYS A 103 7.98 -12.05 -10.43
N ASN A 104 6.73 -11.68 -10.03
CA ASN A 104 5.68 -11.32 -11.02
C ASN A 104 5.81 -9.83 -11.42
N LEU A 105 5.17 -8.89 -10.67
CA LEU A 105 5.29 -7.44 -10.95
C LEU A 105 6.70 -6.99 -10.56
N GLY A 106 7.08 -7.33 -9.32
CA GLY A 106 8.42 -7.06 -8.82
C GLY A 106 8.55 -5.67 -8.23
N GLY A 107 8.61 -4.67 -9.13
CA GLY A 107 8.77 -3.26 -8.76
C GLY A 107 10.05 -2.67 -9.32
N GLY A 108 11.00 -3.53 -9.70
CA GLY A 108 12.27 -3.09 -10.28
C GLY A 108 13.21 -2.50 -9.24
N LEU A 109 13.29 -1.16 -9.22
CA LEU A 109 14.13 -0.41 -8.28
C LEU A 109 13.37 -0.23 -6.95
N ILE A 110 13.46 -1.24 -6.05
CA ILE A 110 12.81 -1.22 -4.72
C ILE A 110 13.89 -1.43 -3.64
N MET A 111 14.34 -0.33 -3.01
CA MET A 111 15.25 -0.41 -1.85
C MET A 111 14.47 -0.35 -0.54
N SER A 112 15.17 -0.57 0.56
CA SER A 112 14.62 -0.50 1.90
C SER A 112 15.57 0.35 2.74
N TRP A 113 15.23 1.63 2.91
CA TRP A 113 16.08 2.55 3.69
C TRP A 113 15.96 2.20 5.18
N GLY A 114 17.11 2.01 5.83
CA GLY A 114 17.18 1.85 7.28
C GLY A 114 17.66 3.13 7.94
N ARG A 115 17.25 3.34 9.20
CA ARG A 115 17.51 4.59 9.94
C ARG A 115 17.37 4.32 11.44
N LEU A 116 18.51 4.28 12.15
CA LEU A 116 18.54 4.16 13.62
C LEU A 116 18.19 5.54 14.21
N PHE A 117 19.05 6.52 13.95
CA PHE A 117 18.82 7.94 14.27
C PHE A 117 18.53 8.70 12.94
N MET A 1 -10.57 -10.31 24.30
CA MET A 1 -10.88 -9.05 23.61
C MET A 1 -12.35 -8.66 23.83
N SER A 2 -12.59 -7.71 24.75
CA SER A 2 -13.94 -7.19 25.05
C SER A 2 -13.82 -5.96 25.97
N GLY A 3 -14.58 -4.89 25.65
CA GLY A 3 -14.63 -3.66 26.47
C GLY A 3 -13.41 -2.76 26.27
N SER A 4 -12.74 -2.91 25.11
CA SER A 4 -11.50 -2.18 24.77
C SER A 4 -11.79 -0.74 24.28
N HIS A 5 -10.71 0.04 24.07
CA HIS A 5 -10.80 1.46 23.62
C HIS A 5 -11.14 1.54 22.10
N HIS A 6 -12.45 1.71 21.79
CA HIS A 6 -12.95 1.79 20.40
C HIS A 6 -13.73 3.11 20.19
N HIS A 7 -13.10 4.09 19.54
CA HIS A 7 -13.72 5.40 19.17
C HIS A 7 -13.33 5.72 17.71
N HIS A 8 -13.17 4.65 16.92
CA HIS A 8 -12.49 4.70 15.61
C HIS A 8 -13.47 4.95 14.46
N HIS A 9 -12.89 5.27 13.30
CA HIS A 9 -13.60 5.47 12.01
C HIS A 9 -12.68 5.03 10.87
N HIS A 10 -13.28 4.80 9.69
CA HIS A 10 -12.57 4.41 8.47
C HIS A 10 -13.32 4.99 7.26
N SER A 11 -12.74 6.05 6.67
CA SER A 11 -13.30 6.73 5.50
C SER A 11 -13.05 5.87 4.25
N SER A 12 -13.89 4.85 4.10
CA SER A 12 -13.88 3.91 2.98
C SER A 12 -14.86 4.39 1.88
N GLY A 13 -15.19 3.49 0.93
CA GLY A 13 -16.03 3.84 -0.23
C GLY A 13 -15.19 4.22 -1.43
N ILE A 14 -13.95 3.70 -1.48
CA ILE A 14 -13.04 3.87 -2.62
C ILE A 14 -13.31 2.68 -3.54
N GLU A 15 -14.00 2.96 -4.66
CA GLU A 15 -14.38 1.96 -5.66
C GLU A 15 -13.12 1.26 -6.24
N GLY A 16 -12.77 0.11 -5.64
CA GLY A 16 -11.54 -0.62 -5.94
C GLY A 16 -11.68 -1.49 -7.18
N ARG A 17 -11.65 -0.85 -8.37
CA ARG A 17 -11.67 -1.53 -9.68
C ARG A 17 -10.70 -0.83 -10.63
N GLY A 18 -9.94 -1.62 -11.41
CA GLY A 18 -8.95 -1.09 -12.33
C GLY A 18 -9.55 -0.79 -13.70
N ARG A 19 -10.18 0.38 -13.83
CA ARG A 19 -10.85 0.83 -15.08
C ARG A 19 -9.83 1.04 -16.22
N MET A 20 -8.63 1.57 -15.87
CA MET A 20 -7.52 1.74 -16.83
C MET A 20 -6.77 0.41 -17.03
N LYS A 21 -6.91 -0.52 -16.04
CA LYS A 21 -6.38 -1.90 -16.09
C LYS A 21 -4.83 -1.99 -15.89
N LYS A 22 -4.14 -0.84 -16.03
CA LYS A 22 -2.68 -0.73 -15.77
C LYS A 22 -2.39 -0.96 -14.28
N LYS A 23 -3.32 -0.49 -13.46
CA LYS A 23 -3.37 -0.79 -12.02
C LYS A 23 -3.89 -2.22 -11.82
N GLN A 24 -3.18 -3.01 -11.00
CA GLN A 24 -3.57 -4.38 -10.64
C GLN A 24 -4.86 -4.38 -9.82
N ILE A 25 -5.82 -5.24 -10.21
CA ILE A 25 -7.16 -5.25 -9.62
C ILE A 25 -7.09 -5.96 -8.24
N GLU A 26 -6.66 -7.24 -8.25
CA GLU A 26 -6.60 -8.08 -7.03
C GLU A 26 -5.67 -7.49 -5.96
N PHE A 27 -4.45 -7.13 -6.42
CA PHE A 27 -3.37 -6.61 -5.55
C PHE A 27 -3.83 -5.34 -4.83
N GLU A 28 -4.46 -4.41 -5.58
CA GLU A 28 -4.88 -3.12 -5.04
C GLU A 28 -6.14 -3.29 -4.18
N ASN A 29 -7.00 -4.26 -4.54
CA ASN A 29 -8.16 -4.66 -3.69
C ASN A 29 -7.68 -5.01 -2.28
N GLU A 30 -6.57 -5.77 -2.22
CA GLU A 30 -6.03 -6.31 -0.95
C GLU A 30 -5.31 -5.22 -0.14
N LEU A 31 -4.50 -4.38 -0.81
CA LEU A 31 -3.76 -3.26 -0.12
C LEU A 31 -4.75 -2.15 0.31
N ARG A 32 -5.81 -1.93 -0.50
CA ARG A 32 -6.84 -0.91 -0.20
C ARG A 32 -7.68 -1.38 1.01
N SER A 33 -8.02 -2.69 1.04
CA SER A 33 -8.85 -3.28 2.08
C SER A 33 -8.11 -3.25 3.43
N MET A 34 -6.81 -3.63 3.42
CA MET A 34 -5.98 -3.66 4.64
C MET A 34 -5.59 -2.23 5.09
N LEU A 35 -5.50 -1.27 4.15
CA LEU A 35 -5.20 0.15 4.49
C LEU A 35 -6.41 0.70 5.25
N ALA A 36 -7.62 0.43 4.71
CA ALA A 36 -8.90 0.84 5.31
C ALA A 36 -9.10 0.27 6.71
N THR A 37 -8.78 -1.04 6.86
CA THR A 37 -8.83 -1.75 8.14
C THR A 37 -7.94 -1.04 9.18
N ALA A 38 -6.71 -0.72 8.73
CA ALA A 38 -5.68 -0.10 9.56
C ALA A 38 -6.02 1.35 9.96
N LEU A 39 -6.94 2.01 9.21
CA LEU A 39 -7.42 3.36 9.56
C LEU A 39 -8.42 3.33 10.74
N GLU A 40 -9.12 2.20 10.95
CA GLU A 40 -9.94 2.03 12.18
C GLU A 40 -9.12 1.28 13.26
N LYS A 41 -7.99 0.66 12.87
CA LYS A 41 -7.04 0.10 13.84
C LYS A 41 -6.18 1.22 14.44
N ASP A 42 -5.85 1.09 15.74
CA ASP A 42 -4.94 2.03 16.42
C ASP A 42 -3.52 1.85 15.86
N ILE A 43 -3.13 2.70 14.90
CA ILE A 43 -1.78 2.71 14.31
C ILE A 43 -0.93 3.82 14.96
N SER A 44 0.36 3.51 15.19
CA SER A 44 1.34 4.41 15.85
C SER A 44 1.40 5.78 15.09
N GLN A 45 1.76 6.90 15.76
CA GLN A 45 1.76 8.26 15.15
C GLN A 45 2.48 8.32 13.77
N GLU A 46 3.63 7.61 13.67
CA GLU A 46 4.52 7.62 12.48
C GLU A 46 3.95 6.69 11.38
N GLU A 47 3.08 5.78 11.82
CA GLU A 47 2.48 4.70 11.02
C GLU A 47 1.21 5.26 10.34
N ARG A 48 0.54 6.15 11.10
CA ARG A 48 -0.59 6.95 10.64
C ARG A 48 -0.09 7.95 9.58
N ASN A 49 1.09 8.55 9.87
CA ASN A 49 1.78 9.44 8.92
C ASN A 49 2.09 8.69 7.60
N ALA A 50 2.53 7.41 7.73
CA ALA A 50 2.89 6.56 6.57
C ALA A 50 1.70 6.30 5.62
N LEU A 51 0.57 5.82 6.19
CA LEU A 51 -0.63 5.45 5.40
C LEU A 51 -1.39 6.71 4.88
N ASN A 52 -1.30 7.83 5.63
CA ASN A 52 -1.83 9.15 5.17
C ASN A 52 -1.02 9.70 3.97
N ILE A 53 0.33 9.63 4.07
CA ILE A 53 1.26 10.04 2.99
C ILE A 53 1.00 9.22 1.72
N ALA A 54 0.80 7.90 1.92
CA ALA A 54 0.47 6.96 0.83
C ALA A 54 -0.85 7.36 0.17
N GLU A 55 -1.88 7.67 1.00
CA GLU A 55 -3.24 8.02 0.54
C GLU A 55 -3.27 9.28 -0.37
N LYS A 56 -2.50 10.32 0.04
CA LYS A 56 -2.43 11.58 -0.74
C LYS A 56 -1.79 11.31 -2.12
N ALA A 57 -0.81 10.41 -2.14
CA ALA A 57 -0.11 9.99 -3.36
C ALA A 57 -1.00 9.06 -4.23
N LEU A 58 -1.91 8.27 -3.58
CA LEU A 58 -2.90 7.42 -4.31
C LEU A 58 -3.85 8.34 -5.10
N ASP A 59 -4.28 9.45 -4.45
CA ASP A 59 -5.17 10.45 -5.07
C ASP A 59 -4.46 11.20 -6.21
N ASN A 60 -3.13 11.39 -6.07
CA ASN A 60 -2.30 12.02 -7.11
C ASN A 60 -1.92 11.00 -8.21
N SER A 61 -2.05 9.67 -7.90
CA SER A 61 -1.77 8.58 -8.85
C SER A 61 -0.35 8.69 -9.49
N GLU A 62 0.70 8.69 -8.64
CA GLU A 62 2.10 8.76 -9.11
C GLU A 62 2.50 7.48 -9.89
N TYR A 63 2.52 6.33 -9.21
CA TYR A 63 2.80 5.02 -9.82
C TYR A 63 2.71 3.96 -8.70
N LEU A 64 2.46 2.69 -9.06
CA LEU A 64 2.19 1.62 -8.02
C LEU A 64 3.53 1.22 -7.36
N PRO A 65 4.61 0.88 -8.16
CA PRO A 65 6.00 0.82 -7.66
C PRO A 65 6.42 2.01 -6.77
N LYS A 66 5.91 3.22 -7.09
CA LYS A 66 6.40 4.47 -6.48
C LYS A 66 5.86 4.60 -5.05
N ILE A 67 4.58 4.26 -4.87
CA ILE A 67 3.93 4.36 -3.55
C ILE A 67 4.32 3.18 -2.66
N ILE A 68 4.59 2.00 -3.28
CA ILE A 68 5.12 0.83 -2.55
C ILE A 68 6.54 1.16 -2.05
N LEU A 69 7.31 1.90 -2.89
CA LEU A 69 8.65 2.38 -2.54
C LEU A 69 8.57 3.26 -1.27
N ASN A 70 7.69 4.30 -1.30
CA ASN A 70 7.56 5.30 -0.19
C ASN A 70 7.05 4.64 1.12
N LEU A 71 6.10 3.70 0.98
CA LEU A 71 5.36 3.14 2.13
C LEU A 71 6.29 2.15 2.84
N ARG A 72 6.99 1.36 2.01
CA ARG A 72 8.01 0.39 2.45
C ARG A 72 9.28 1.15 2.92
N LYS A 73 9.49 2.40 2.42
CA LYS A 73 10.67 3.22 2.80
C LYS A 73 10.44 3.79 4.21
N ALA A 74 9.16 4.02 4.54
CA ALA A 74 8.74 4.45 5.88
C ALA A 74 8.73 3.26 6.86
N LEU A 75 8.22 2.08 6.42
CA LEU A 75 7.97 0.94 7.36
C LEU A 75 9.19 0.01 7.56
N THR A 76 10.11 -0.09 6.57
CA THR A 76 11.29 -0.96 6.71
C THR A 76 12.22 -0.54 7.91
N PRO A 77 12.64 0.77 8.08
CA PRO A 77 13.50 1.16 9.23
C PRO A 77 12.81 0.96 10.60
N LEU A 78 11.47 1.19 10.65
CA LEU A 78 10.68 1.02 11.89
C LEU A 78 10.50 -0.47 12.24
N ALA A 79 10.45 -1.32 11.19
CA ALA A 79 10.36 -2.79 11.34
C ALA A 79 11.67 -3.34 11.92
N ILE A 80 12.79 -2.88 11.35
CA ILE A 80 14.16 -3.30 11.76
C ILE A 80 14.47 -2.80 13.19
N ASN A 81 13.96 -1.59 13.54
CA ASN A 81 14.05 -1.06 14.92
C ASN A 81 12.95 -1.66 15.82
N ARG A 82 12.02 -2.44 15.22
CA ARG A 82 11.10 -3.35 15.97
C ARG A 82 10.12 -2.52 16.84
N THR A 83 9.56 -1.44 16.26
CA THR A 83 8.65 -0.53 17.00
C THR A 83 7.29 -0.35 16.28
N LEU A 84 7.13 -0.99 15.09
CA LEU A 84 5.86 -0.98 14.35
C LEU A 84 4.86 -1.90 15.10
N ASN A 85 3.59 -1.43 15.26
CA ASN A 85 2.57 -2.12 16.16
C ASN A 85 2.40 -3.63 15.81
N HIS A 86 2.69 -4.00 14.54
CA HIS A 86 2.80 -5.40 14.04
C HIS A 86 1.40 -6.07 13.87
N ASP A 87 0.34 -5.35 14.24
CA ASP A 87 -1.06 -5.86 14.13
C ASP A 87 -1.55 -5.87 12.65
N LEU A 88 -0.79 -5.20 11.72
CA LEU A 88 -1.02 -5.28 10.27
C LEU A 88 0.30 -5.64 9.57
N SER A 89 1.09 -6.52 10.20
CA SER A 89 2.40 -6.94 9.69
C SER A 89 2.27 -7.73 8.37
N GLU A 90 1.04 -8.25 8.10
CA GLU A 90 0.70 -8.98 6.87
C GLU A 90 0.65 -8.01 5.65
N LEU A 91 0.39 -6.72 5.91
CA LEU A 91 0.44 -5.67 4.86
C LEU A 91 1.91 -5.47 4.42
N TYR A 92 2.79 -5.40 5.43
CA TYR A 92 4.23 -5.22 5.21
C TYR A 92 4.82 -6.46 4.50
N LYS A 93 4.31 -7.65 4.87
CA LYS A 93 4.68 -8.94 4.27
C LYS A 93 4.18 -9.00 2.81
N PHE A 94 2.95 -8.48 2.59
CA PHE A 94 2.27 -8.51 1.29
C PHE A 94 3.11 -7.77 0.22
N ILE A 95 3.52 -6.53 0.55
CA ILE A 95 4.29 -5.66 -0.39
C ILE A 95 5.75 -6.13 -0.58
N THR A 96 6.17 -7.22 0.11
CA THR A 96 7.50 -7.84 -0.09
C THR A 96 7.38 -9.30 -0.61
N SER A 97 6.16 -9.88 -0.60
CA SER A 97 5.98 -11.31 -0.94
C SER A 97 4.97 -11.50 -2.08
N SER A 98 3.65 -11.45 -1.76
CA SER A 98 2.57 -11.79 -2.71
C SER A 98 2.50 -10.76 -3.84
N LYS A 99 2.95 -11.19 -5.05
CA LYS A 99 2.88 -10.40 -6.30
C LYS A 99 3.72 -9.09 -6.21
N ALA A 100 4.74 -9.11 -5.34
CA ALA A 100 5.54 -7.92 -5.04
C ALA A 100 7.03 -8.27 -4.89
N SER A 101 7.85 -7.72 -5.81
CA SER A 101 9.31 -7.78 -5.76
C SER A 101 9.88 -6.34 -5.96
N ASN A 102 11.22 -6.21 -5.90
CA ASN A 102 11.93 -4.91 -5.85
C ASN A 102 11.57 -4.00 -7.05
N LYS A 103 11.08 -2.78 -6.75
CA LYS A 103 10.71 -1.74 -7.72
C LYS A 103 9.53 -2.17 -8.63
N ASN A 104 9.85 -2.88 -9.74
CA ASN A 104 8.88 -3.16 -10.84
C ASN A 104 8.07 -4.45 -10.56
N LEU A 105 7.94 -4.84 -9.27
CA LEU A 105 7.13 -6.00 -8.79
C LEU A 105 7.60 -7.34 -9.42
N GLY A 106 8.85 -7.37 -9.94
CA GLY A 106 9.39 -8.56 -10.63
C GLY A 106 10.91 -8.60 -10.52
N GLY A 107 11.43 -9.52 -9.69
CA GLY A 107 12.88 -9.71 -9.50
C GLY A 107 13.48 -8.72 -8.51
N GLY A 108 14.81 -8.78 -8.36
CA GLY A 108 15.55 -7.93 -7.42
C GLY A 108 15.89 -8.66 -6.14
N LEU A 109 17.16 -9.08 -6.01
CA LEU A 109 17.67 -9.81 -4.82
C LEU A 109 17.88 -8.85 -3.65
N ILE A 110 18.21 -7.59 -3.97
CA ILE A 110 18.45 -6.53 -2.98
C ILE A 110 17.15 -5.77 -2.65
N MET A 111 17.15 -5.09 -1.49
CA MET A 111 16.04 -4.24 -1.02
C MET A 111 16.44 -2.76 -1.08
N SER A 112 15.44 -1.88 -1.13
CA SER A 112 15.64 -0.42 -1.32
C SER A 112 16.32 0.25 -0.10
N TRP A 113 16.19 -0.38 1.07
CA TRP A 113 16.79 0.09 2.32
C TRP A 113 18.34 -0.03 2.25
N GLY A 114 19.00 1.08 1.87
CA GLY A 114 20.46 1.13 1.71
C GLY A 114 21.19 1.68 2.92
N ARG A 115 20.43 2.30 3.85
CA ARG A 115 20.97 2.86 5.11
C ARG A 115 21.19 1.76 6.16
N LEU A 116 21.60 2.17 7.37
CA LEU A 116 21.93 1.25 8.46
C LEU A 116 21.35 1.77 9.80
N PHE A 117 20.41 0.99 10.39
CA PHE A 117 19.73 1.31 11.65
C PHE A 117 20.07 0.24 12.71
#